data_1CC8
# 
_entry.id   1CC8 
# 
_audit_conform.dict_name       mmcif_pdbx.dic 
_audit_conform.dict_version    5.383 
_audit_conform.dict_location   http://mmcif.pdb.org/dictionaries/ascii/mmcif_pdbx.dic 
# 
loop_
_database_2.database_id 
_database_2.database_code 
_database_2.pdbx_database_accession 
_database_2.pdbx_DOI 
PDB   1CC8         pdb_00001cc8 10.2210/pdb1cc8/pdb 
RCSB  RCSB000585   ?            ?                   
WWPDB D_1000000585 ?            ?                   
# 
loop_
_pdbx_audit_revision_history.ordinal 
_pdbx_audit_revision_history.data_content_type 
_pdbx_audit_revision_history.major_revision 
_pdbx_audit_revision_history.minor_revision 
_pdbx_audit_revision_history.revision_date 
1 'Structure model' 1 0 1999-12-12 
2 'Structure model' 1 1 2008-04-26 
3 'Structure model' 1 2 2011-07-13 
4 'Structure model' 1 3 2017-10-04 
5 'Structure model' 1 4 2023-12-27 
# 
_pdbx_audit_revision_details.ordinal             1 
_pdbx_audit_revision_details.revision_ordinal    1 
_pdbx_audit_revision_details.data_content_type   'Structure model' 
_pdbx_audit_revision_details.provider            repository 
_pdbx_audit_revision_details.type                'Initial release' 
_pdbx_audit_revision_details.description         ? 
_pdbx_audit_revision_details.details             ? 
# 
loop_
_pdbx_audit_revision_group.ordinal 
_pdbx_audit_revision_group.revision_ordinal 
_pdbx_audit_revision_group.data_content_type 
_pdbx_audit_revision_group.group 
1 2 'Structure model' 'Version format compliance' 
2 3 'Structure model' 'Version format compliance' 
3 4 'Structure model' 'Refinement description'    
4 5 'Structure model' 'Data collection'           
5 5 'Structure model' 'Database references'       
6 5 'Structure model' 'Derived calculations'      
# 
loop_
_pdbx_audit_revision_category.ordinal 
_pdbx_audit_revision_category.revision_ordinal 
_pdbx_audit_revision_category.data_content_type 
_pdbx_audit_revision_category.category 
1 4 'Structure model' software       
2 5 'Structure model' chem_comp_atom 
3 5 'Structure model' chem_comp_bond 
4 5 'Structure model' database_2     
5 5 'Structure model' struct_conn    
6 5 'Structure model' struct_site    
# 
loop_
_pdbx_audit_revision_item.ordinal 
_pdbx_audit_revision_item.revision_ordinal 
_pdbx_audit_revision_item.data_content_type 
_pdbx_audit_revision_item.item 
1  5 'Structure model' '_database_2.pdbx_DOI'                
2  5 'Structure model' '_database_2.pdbx_database_accession' 
3  5 'Structure model' '_struct_conn.ptnr1_auth_comp_id'     
4  5 'Structure model' '_struct_conn.ptnr1_auth_seq_id'      
5  5 'Structure model' '_struct_conn.ptnr1_label_asym_id'    
6  5 'Structure model' '_struct_conn.ptnr1_label_atom_id'    
7  5 'Structure model' '_struct_conn.ptnr1_label_comp_id'    
8  5 'Structure model' '_struct_conn.ptnr1_label_seq_id'     
9  5 'Structure model' '_struct_conn.ptnr2_auth_comp_id'     
10 5 'Structure model' '_struct_conn.ptnr2_auth_seq_id'      
11 5 'Structure model' '_struct_conn.ptnr2_label_asym_id'    
12 5 'Structure model' '_struct_conn.ptnr2_label_atom_id'    
13 5 'Structure model' '_struct_conn.ptnr2_label_comp_id'    
14 5 'Structure model' '_struct_conn.ptnr2_label_seq_id'     
15 5 'Structure model' '_struct_site.pdbx_auth_asym_id'      
16 5 'Structure model' '_struct_site.pdbx_auth_comp_id'      
17 5 'Structure model' '_struct_site.pdbx_auth_seq_id'       
# 
_pdbx_database_status.status_code                     REL 
_pdbx_database_status.entry_id                        1CC8 
_pdbx_database_status.recvd_initial_deposition_date   1999-03-04 
_pdbx_database_status.deposit_site                    BNL 
_pdbx_database_status.process_site                    RCSB 
_pdbx_database_status.SG_entry                        . 
_pdbx_database_status.pdb_format_compatible           Y 
_pdbx_database_status.status_code_mr                  ? 
_pdbx_database_status.status_code_sf                  ? 
_pdbx_database_status.status_code_cs                  ? 
_pdbx_database_status.methods_development_category    ? 
_pdbx_database_status.status_code_nmr_data            ? 
# 
loop_
_audit_author.name 
_audit_author.pdbx_ordinal 
'Rosenzweig, A.C.' 1 
'Huffman, D.L.'    2 
'Pufahl, M.Y.R.A.' 3 
'Hou, T.V.O.'      4 
'Wernimont, A.K.'  5 
# 
_citation.id                        primary 
_citation.title                     'Crystal structure of the Atx1 metallochaperone protein at 1.02 A resolution.' 
_citation.journal_abbrev            'Structure Fold.Des.' 
_citation.journal_volume            7 
_citation.page_first                605 
_citation.page_last                 617 
_citation.year                      1999 
_citation.journal_id_ASTM           FODEFH 
_citation.country                   UK 
_citation.journal_id_ISSN           0969-2126 
_citation.journal_id_CSD            1263 
_citation.book_publisher            ? 
_citation.pdbx_database_id_PubMed   10404590 
_citation.pdbx_database_id_DOI      '10.1016/S0969-2126(99)80082-3' 
# 
loop_
_citation_author.citation_id 
_citation_author.name 
_citation_author.ordinal 
_citation_author.identifier_ORCID 
primary 'Rosenzweig, A.C.' 1 ? 
primary 'Huffman, D.L.'    2 ? 
primary 'Hou, M.Y.'        3 ? 
primary 'Wernimont, A.K.'  4 ? 
primary 'Pufahl, R.A.'     5 ? 
primary 
;O'Halloran, T.V.
;
6 ? 
# 
loop_
_entity.id 
_entity.type 
_entity.src_method 
_entity.pdbx_description 
_entity.formula_weight 
_entity.pdbx_number_of_molecules 
_entity.pdbx_ec 
_entity.pdbx_mutation 
_entity.pdbx_fragment 
_entity.details 
1 polymer     man 'PROTEIN (METALLOCHAPERONE ATX1)' 8232.650 1   ? ? ? ? 
2 non-polymer syn 'MERCURY (II) ION'                200.590  1   ? ? ? ? 
3 non-polymer syn BENZAMIDINE                       120.152  2   ? ? ? ? 
4 water       nat water                             18.015   117 ? ? ? ? 
# 
_entity_poly.entity_id                      1 
_entity_poly.type                           'polypeptide(L)' 
_entity_poly.nstd_linkage                   no 
_entity_poly.nstd_monomer                   no 
_entity_poly.pdbx_seq_one_letter_code       MAEIKHYQFNVVMTCSGCSGAVNKVLTKLEPDVSKIDISLEKQLVDVYTTLPYDFILEKIKKTGKEVRSGKQL 
_entity_poly.pdbx_seq_one_letter_code_can   MAEIKHYQFNVVMTCSGCSGAVNKVLTKLEPDVSKIDISLEKQLVDVYTTLPYDFILEKIKKTGKEVRSGKQL 
_entity_poly.pdbx_strand_id                 A 
_entity_poly.pdbx_target_identifier         ? 
# 
loop_
_pdbx_entity_nonpoly.entity_id 
_pdbx_entity_nonpoly.name 
_pdbx_entity_nonpoly.comp_id 
2 'MERCURY (II) ION' HG  
3 BENZAMIDINE        BEN 
4 water              HOH 
# 
loop_
_entity_poly_seq.entity_id 
_entity_poly_seq.num 
_entity_poly_seq.mon_id 
_entity_poly_seq.hetero 
1 1  MET n 
1 2  ALA n 
1 3  GLU n 
1 4  ILE n 
1 5  LYS n 
1 6  HIS n 
1 7  TYR n 
1 8  GLN n 
1 9  PHE n 
1 10 ASN n 
1 11 VAL n 
1 12 VAL n 
1 13 MET n 
1 14 THR n 
1 15 CYS n 
1 16 SER n 
1 17 GLY n 
1 18 CYS n 
1 19 SER n 
1 20 GLY n 
1 21 ALA n 
1 22 VAL n 
1 23 ASN n 
1 24 LYS n 
1 25 VAL n 
1 26 LEU n 
1 27 THR n 
1 28 LYS n 
1 29 LEU n 
1 30 GLU n 
1 31 PRO n 
1 32 ASP n 
1 33 VAL n 
1 34 SER n 
1 35 LYS n 
1 36 ILE n 
1 37 ASP n 
1 38 ILE n 
1 39 SER n 
1 40 LEU n 
1 41 GLU n 
1 42 LYS n 
1 43 GLN n 
1 44 LEU n 
1 45 VAL n 
1 46 ASP n 
1 47 VAL n 
1 48 TYR n 
1 49 THR n 
1 50 THR n 
1 51 LEU n 
1 52 PRO n 
1 53 TYR n 
1 54 ASP n 
1 55 PHE n 
1 56 ILE n 
1 57 LEU n 
1 58 GLU n 
1 59 LYS n 
1 60 ILE n 
1 61 LYS n 
1 62 LYS n 
1 63 THR n 
1 64 GLY n 
1 65 LYS n 
1 66 GLU n 
1 67 VAL n 
1 68 ARG n 
1 69 SER n 
1 70 GLY n 
1 71 LYS n 
1 72 GLN n 
1 73 LEU n 
# 
_entity_src_gen.entity_id                          1 
_entity_src_gen.pdbx_src_id                        1 
_entity_src_gen.pdbx_alt_source_flag               sample 
_entity_src_gen.pdbx_seq_type                      ? 
_entity_src_gen.pdbx_beg_seq_num                   ? 
_entity_src_gen.pdbx_end_seq_num                   ? 
_entity_src_gen.gene_src_common_name               
;baker's yeast
;
_entity_src_gen.gene_src_genus                     Saccharomyces 
_entity_src_gen.pdbx_gene_src_gene                 ? 
_entity_src_gen.gene_src_species                   ? 
_entity_src_gen.gene_src_strain                    ? 
_entity_src_gen.gene_src_tissue                    ? 
_entity_src_gen.gene_src_tissue_fraction           ? 
_entity_src_gen.gene_src_details                   ? 
_entity_src_gen.pdbx_gene_src_fragment             ? 
_entity_src_gen.pdbx_gene_src_scientific_name      'Saccharomyces cerevisiae' 
_entity_src_gen.pdbx_gene_src_ncbi_taxonomy_id     4932 
_entity_src_gen.pdbx_gene_src_variant              ? 
_entity_src_gen.pdbx_gene_src_cell_line            ? 
_entity_src_gen.pdbx_gene_src_atcc                 ? 
_entity_src_gen.pdbx_gene_src_organ                ? 
_entity_src_gen.pdbx_gene_src_organelle            ? 
_entity_src_gen.pdbx_gene_src_cell                 ? 
_entity_src_gen.pdbx_gene_src_cellular_location    ? 
_entity_src_gen.host_org_common_name               ? 
_entity_src_gen.pdbx_host_org_scientific_name      'Escherichia coli BL21(DE3)' 
_entity_src_gen.pdbx_host_org_ncbi_taxonomy_id     469008 
_entity_src_gen.host_org_genus                     Escherichia 
_entity_src_gen.pdbx_host_org_gene                 ATX1 
_entity_src_gen.pdbx_host_org_organ                ? 
_entity_src_gen.host_org_species                   'Escherichia coli' 
_entity_src_gen.pdbx_host_org_tissue               ? 
_entity_src_gen.pdbx_host_org_tissue_fraction      ? 
_entity_src_gen.pdbx_host_org_strain               BL21DE3 
_entity_src_gen.pdbx_host_org_variant              ? 
_entity_src_gen.pdbx_host_org_cell_line            ? 
_entity_src_gen.pdbx_host_org_atcc                 ? 
_entity_src_gen.pdbx_host_org_culture_collection   ? 
_entity_src_gen.pdbx_host_org_cell                 ? 
_entity_src_gen.pdbx_host_org_organelle            ? 
_entity_src_gen.pdbx_host_org_cellular_location    ? 
_entity_src_gen.pdbx_host_org_vector_type          ? 
_entity_src_gen.pdbx_host_org_vector               PET11D 
_entity_src_gen.host_org_details                   ? 
_entity_src_gen.expression_system_id               ? 
_entity_src_gen.plasmid_name                       ? 
_entity_src_gen.plasmid_details                    ? 
_entity_src_gen.pdbx_description                   ? 
# 
loop_
_chem_comp.id 
_chem_comp.type 
_chem_comp.mon_nstd_flag 
_chem_comp.name 
_chem_comp.pdbx_synonyms 
_chem_comp.formula 
_chem_comp.formula_weight 
ALA 'L-peptide linking' y ALANINE            ? 'C3 H7 N O2'     89.093  
ARG 'L-peptide linking' y ARGININE           ? 'C6 H15 N4 O2 1' 175.209 
ASN 'L-peptide linking' y ASPARAGINE         ? 'C4 H8 N2 O3'    132.118 
ASP 'L-peptide linking' y 'ASPARTIC ACID'    ? 'C4 H7 N O4'     133.103 
BEN non-polymer         . BENZAMIDINE        ? 'C7 H8 N2'       120.152 
CYS 'L-peptide linking' y CYSTEINE           ? 'C3 H7 N O2 S'   121.158 
GLN 'L-peptide linking' y GLUTAMINE          ? 'C5 H10 N2 O3'   146.144 
GLU 'L-peptide linking' y 'GLUTAMIC ACID'    ? 'C5 H9 N O4'     147.129 
GLY 'peptide linking'   y GLYCINE            ? 'C2 H5 N O2'     75.067  
HG  non-polymer         . 'MERCURY (II) ION' ? 'Hg 2'           200.590 
HIS 'L-peptide linking' y HISTIDINE          ? 'C6 H10 N3 O2 1' 156.162 
HOH non-polymer         . WATER              ? 'H2 O'           18.015  
ILE 'L-peptide linking' y ISOLEUCINE         ? 'C6 H13 N O2'    131.173 
LEU 'L-peptide linking' y LEUCINE            ? 'C6 H13 N O2'    131.173 
LYS 'L-peptide linking' y LYSINE             ? 'C6 H15 N2 O2 1' 147.195 
MET 'L-peptide linking' y METHIONINE         ? 'C5 H11 N O2 S'  149.211 
PHE 'L-peptide linking' y PHENYLALANINE      ? 'C9 H11 N O2'    165.189 
PRO 'L-peptide linking' y PROLINE            ? 'C5 H9 N O2'     115.130 
SER 'L-peptide linking' y SERINE             ? 'C3 H7 N O3'     105.093 
THR 'L-peptide linking' y THREONINE          ? 'C4 H9 N O3'     119.119 
TYR 'L-peptide linking' y TYROSINE           ? 'C9 H11 N O3'    181.189 
VAL 'L-peptide linking' y VALINE             ? 'C5 H11 N O2'    117.146 
# 
loop_
_pdbx_poly_seq_scheme.asym_id 
_pdbx_poly_seq_scheme.entity_id 
_pdbx_poly_seq_scheme.seq_id 
_pdbx_poly_seq_scheme.mon_id 
_pdbx_poly_seq_scheme.ndb_seq_num 
_pdbx_poly_seq_scheme.pdb_seq_num 
_pdbx_poly_seq_scheme.auth_seq_num 
_pdbx_poly_seq_scheme.pdb_mon_id 
_pdbx_poly_seq_scheme.auth_mon_id 
_pdbx_poly_seq_scheme.pdb_strand_id 
_pdbx_poly_seq_scheme.pdb_ins_code 
_pdbx_poly_seq_scheme.hetero 
A 1 1  MET 1  1  ?  ?   ?   A . n 
A 1 2  ALA 2  2  2  ALA ALA A . n 
A 1 3  GLU 3  3  3  GLU GLU A . n 
A 1 4  ILE 4  4  4  ILE ILE A . n 
A 1 5  LYS 5  5  5  LYS LYS A . n 
A 1 6  HIS 6  6  6  HIS HIS A . n 
A 1 7  TYR 7  7  7  TYR TYR A . n 
A 1 8  GLN 8  8  8  GLN GLN A . n 
A 1 9  PHE 9  9  9  PHE PHE A . n 
A 1 10 ASN 10 10 10 ASN ASN A . n 
A 1 11 VAL 11 11 11 VAL VAL A . n 
A 1 12 VAL 12 12 12 VAL VAL A . n 
A 1 13 MET 13 13 13 MET MET A . n 
A 1 14 THR 14 14 14 THR THR A . n 
A 1 15 CYS 15 15 15 CYS CYS A . n 
A 1 16 SER 16 16 16 SER SER A . n 
A 1 17 GLY 17 17 17 GLY GLY A . n 
A 1 18 CYS 18 18 18 CYS CYS A . n 
A 1 19 SER 19 19 19 SER SER A . n 
A 1 20 GLY 20 20 20 GLY GLY A . n 
A 1 21 ALA 21 21 21 ALA ALA A . n 
A 1 22 VAL 22 22 22 VAL VAL A . n 
A 1 23 ASN 23 23 23 ASN ASN A . n 
A 1 24 LYS 24 24 24 LYS LYS A . n 
A 1 25 VAL 25 25 25 VAL VAL A . n 
A 1 26 LEU 26 26 26 LEU LEU A . n 
A 1 27 THR 27 27 27 THR THR A . n 
A 1 28 LYS 28 28 28 LYS LYS A . n 
A 1 29 LEU 29 29 29 LEU LEU A . n 
A 1 30 GLU 30 30 30 GLU GLU A . n 
A 1 31 PRO 31 31 31 PRO PRO A . n 
A 1 32 ASP 32 32 32 ASP ASP A . n 
A 1 33 VAL 33 33 33 VAL VAL A . n 
A 1 34 SER 34 34 34 SER SER A . n 
A 1 35 LYS 35 35 35 LYS LYS A . n 
A 1 36 ILE 36 36 36 ILE ILE A . n 
A 1 37 ASP 37 37 37 ASP ASP A . n 
A 1 38 ILE 38 38 38 ILE ILE A . n 
A 1 39 SER 39 39 39 SER SER A . n 
A 1 40 LEU 40 40 40 LEU LEU A . n 
A 1 41 GLU 41 41 41 GLU GLU A . n 
A 1 42 LYS 42 42 42 LYS LYS A . n 
A 1 43 GLN 43 43 43 GLN GLN A . n 
A 1 44 LEU 44 44 44 LEU LEU A . n 
A 1 45 VAL 45 45 45 VAL VAL A . n 
A 1 46 ASP 46 46 46 ASP ASP A . n 
A 1 47 VAL 47 47 47 VAL VAL A . n 
A 1 48 TYR 48 48 48 TYR TYR A . n 
A 1 49 THR 49 49 49 THR THR A . n 
A 1 50 THR 50 50 50 THR THR A . n 
A 1 51 LEU 51 51 51 LEU LEU A . n 
A 1 52 PRO 52 52 52 PRO PRO A . n 
A 1 53 TYR 53 53 53 TYR TYR A . n 
A 1 54 ASP 54 54 54 ASP ASP A . n 
A 1 55 PHE 55 55 55 PHE PHE A . n 
A 1 56 ILE 56 56 56 ILE ILE A . n 
A 1 57 LEU 57 57 57 LEU LEU A . n 
A 1 58 GLU 58 58 58 GLU GLU A . n 
A 1 59 LYS 59 59 59 LYS LYS A . n 
A 1 60 ILE 60 60 60 ILE ILE A . n 
A 1 61 LYS 61 61 61 LYS LYS A . n 
A 1 62 LYS 62 62 62 LYS LYS A . n 
A 1 63 THR 63 63 63 THR THR A . n 
A 1 64 GLY 64 64 64 GLY GLY A . n 
A 1 65 LYS 65 65 65 LYS LYS A . n 
A 1 66 GLU 66 66 66 GLU GLU A . n 
A 1 67 VAL 67 67 67 VAL VAL A . n 
A 1 68 ARG 68 68 68 ARG ARG A . n 
A 1 69 SER 69 69 69 SER SER A . n 
A 1 70 GLY 70 70 70 GLY GLY A . n 
A 1 71 LYS 71 71 71 LYS LYS A . n 
A 1 72 GLN 72 72 72 GLN GLN A . n 
A 1 73 LEU 73 73 73 LEU LEU A . n 
# 
loop_
_pdbx_nonpoly_scheme.asym_id 
_pdbx_nonpoly_scheme.entity_id 
_pdbx_nonpoly_scheme.mon_id 
_pdbx_nonpoly_scheme.ndb_seq_num 
_pdbx_nonpoly_scheme.pdb_seq_num 
_pdbx_nonpoly_scheme.auth_seq_num 
_pdbx_nonpoly_scheme.pdb_mon_id 
_pdbx_nonpoly_scheme.auth_mon_id 
_pdbx_nonpoly_scheme.pdb_strand_id 
_pdbx_nonpoly_scheme.pdb_ins_code 
B 2 HG  1   74   74   HG  HG  A . 
C 3 BEN 1   186  186  BEN BEN A . 
D 3 BEN 1   187  187  BEN BEN A . 
E 4 HOH 1   1001 1001 HOH HOH A . 
E 4 HOH 2   1002 1002 HOH HOH A . 
E 4 HOH 3   1003 1003 HOH HOH A . 
E 4 HOH 4   1004 1004 HOH HOH A . 
E 4 HOH 5   1005 1005 HOH HOH A . 
E 4 HOH 6   1006 1006 HOH HOH A . 
E 4 HOH 7   1007 1007 HOH HOH A . 
E 4 HOH 8   1008 1008 HOH HOH A . 
E 4 HOH 9   1009 1009 HOH HOH A . 
E 4 HOH 10  1010 1010 HOH HOH A . 
E 4 HOH 11  1011 1011 HOH HOH A . 
E 4 HOH 12  1012 1012 HOH HOH A . 
E 4 HOH 13  1013 1013 HOH HOH A . 
E 4 HOH 14  1014 1014 HOH HOH A . 
E 4 HOH 15  1015 1015 HOH HOH A . 
E 4 HOH 16  1016 1016 HOH HOH A . 
E 4 HOH 17  1017 1017 HOH HOH A . 
E 4 HOH 18  1018 1018 HOH HOH A . 
E 4 HOH 19  1019 1019 HOH HOH A . 
E 4 HOH 20  1020 1020 HOH HOH A . 
E 4 HOH 21  1021 1021 HOH HOH A . 
E 4 HOH 22  1022 1022 HOH HOH A . 
E 4 HOH 23  1023 1023 HOH HOH A . 
E 4 HOH 24  1024 1024 HOH HOH A . 
E 4 HOH 25  1025 1025 HOH HOH A . 
E 4 HOH 26  1026 1026 HOH HOH A . 
E 4 HOH 27  1027 1027 HOH HOH A . 
E 4 HOH 28  1028 1028 HOH HOH A . 
E 4 HOH 29  1029 1029 HOH HOH A . 
E 4 HOH 30  1030 1030 HOH HOH A . 
E 4 HOH 31  1031 1031 HOH HOH A . 
E 4 HOH 32  1032 1032 HOH HOH A . 
E 4 HOH 33  1033 1033 HOH HOH A . 
E 4 HOH 34  1034 1034 HOH HOH A . 
E 4 HOH 35  1035 1035 HOH HOH A . 
E 4 HOH 36  1036 1036 HOH HOH A . 
E 4 HOH 37  1037 1037 HOH HOH A . 
E 4 HOH 38  1038 1038 HOH HOH A . 
E 4 HOH 39  1039 1039 HOH HOH A . 
E 4 HOH 40  1040 1040 HOH HOH A . 
E 4 HOH 41  1041 1041 HOH HOH A . 
E 4 HOH 42  1042 1042 HOH HOH A . 
E 4 HOH 43  1043 1043 HOH HOH A . 
E 4 HOH 44  1044 1044 HOH HOH A . 
E 4 HOH 45  1045 1045 HOH HOH A . 
E 4 HOH 46  1046 1046 HOH HOH A . 
E 4 HOH 47  1047 1047 HOH HOH A . 
E 4 HOH 48  1048 1048 HOH HOH A . 
E 4 HOH 49  1049 1049 HOH HOH A . 
E 4 HOH 50  1050 1050 HOH HOH A . 
E 4 HOH 51  1051 1051 HOH HOH A . 
E 4 HOH 52  1052 1052 HOH HOH A . 
E 4 HOH 53  1053 1053 HOH HOH A . 
E 4 HOH 54  1054 1054 HOH HOH A . 
E 4 HOH 55  1055 1055 HOH HOH A . 
E 4 HOH 56  1056 1056 HOH HOH A . 
E 4 HOH 57  1057 1057 HOH HOH A . 
E 4 HOH 58  1058 1058 HOH HOH A . 
E 4 HOH 59  1059 1059 HOH HOH A . 
E 4 HOH 60  1060 1060 HOH HOH A . 
E 4 HOH 61  1061 1061 HOH HOH A . 
E 4 HOH 62  1062 1062 HOH HOH A . 
E 4 HOH 63  1063 1063 HOH HOH A . 
E 4 HOH 64  1064 1064 HOH HOH A . 
E 4 HOH 65  1065 1065 HOH HOH A . 
E 4 HOH 66  1066 1066 HOH HOH A . 
E 4 HOH 67  1067 1067 HOH HOH A . 
E 4 HOH 68  1068 1068 HOH HOH A . 
E 4 HOH 69  1069 1069 HOH HOH A . 
E 4 HOH 70  1070 1070 HOH HOH A . 
E 4 HOH 71  1071 1071 HOH HOH A . 
E 4 HOH 72  1072 1072 HOH HOH A . 
E 4 HOH 73  1073 1073 HOH HOH A . 
E 4 HOH 74  1074 1074 HOH HOH A . 
E 4 HOH 75  1075 1075 HOH HOH A . 
E 4 HOH 76  1076 1076 HOH HOH A . 
E 4 HOH 77  1077 1077 HOH HOH A . 
E 4 HOH 78  1078 1078 HOH HOH A . 
E 4 HOH 79  1079 1079 HOH HOH A . 
E 4 HOH 80  1080 1080 HOH HOH A . 
E 4 HOH 81  1081 1081 HOH HOH A . 
E 4 HOH 82  1082 1082 HOH HOH A . 
E 4 HOH 83  1083 1083 HOH HOH A . 
E 4 HOH 84  1084 1084 HOH HOH A . 
E 4 HOH 85  1085 1085 HOH HOH A . 
E 4 HOH 86  1086 1086 HOH HOH A . 
E 4 HOH 87  1087 1087 HOH HOH A . 
E 4 HOH 88  1088 1088 HOH HOH A . 
E 4 HOH 89  1089 1089 HOH HOH A . 
E 4 HOH 90  1090 1090 HOH HOH A . 
E 4 HOH 91  1091 1091 HOH HOH A . 
E 4 HOH 92  1092 1092 HOH HOH A . 
E 4 HOH 93  1093 1093 HOH HOH A . 
E 4 HOH 94  1094 1094 HOH HOH A . 
E 4 HOH 95  1095 1095 HOH HOH A . 
E 4 HOH 96  1096 1096 HOH HOH A . 
E 4 HOH 97  1097 1097 HOH HOH A . 
E 4 HOH 98  1098 1098 HOH HOH A . 
E 4 HOH 99  1099 1099 HOH HOH A . 
E 4 HOH 100 1100 1100 HOH HOH A . 
E 4 HOH 101 1101 1101 HOH HOH A . 
E 4 HOH 102 1102 1102 HOH HOH A . 
E 4 HOH 103 1103 1103 HOH HOH A . 
E 4 HOH 104 1104 1104 HOH HOH A . 
E 4 HOH 105 1105 1105 HOH HOH A . 
E 4 HOH 106 1106 1106 HOH HOH A . 
E 4 HOH 107 1107 1107 HOH HOH A . 
E 4 HOH 108 1108 1108 HOH HOH A . 
E 4 HOH 109 1109 1109 HOH HOH A . 
E 4 HOH 110 1110 1110 HOH HOH A . 
E 4 HOH 111 1111 1111 HOH HOH A . 
E 4 HOH 112 1112 1112 HOH HOH A . 
E 4 HOH 113 1113 1113 HOH HOH A . 
E 4 HOH 114 1114 1114 HOH HOH A . 
E 4 HOH 115 1115 1115 HOH HOH A . 
E 4 HOH 116 1116 1116 HOH HOH A . 
E 4 HOH 117 1117 1117 HOH HOH A . 
# 
loop_
_software.name 
_software.classification 
_software.version 
_software.citation_id 
_software.pdbx_ordinal 
SHAKE     'model building' . ? 1 
SnB       phasing          . ? 2 
SHELXL-97 refinement       . ? 3 
DENZO     'data reduction' . ? 4 
SCALEPACK 'data scaling'   . ? 5 
# 
_cell.entry_id           1CC8 
_cell.length_a           56.650 
_cell.length_b           29.600 
_cell.length_c           40.770 
_cell.angle_alpha        90.00 
_cell.angle_beta         114.83 
_cell.angle_gamma        90.00 
_cell.Z_PDB              4 
_cell.pdbx_unique_axis   ? 
# 
_symmetry.entry_id                         1CC8 
_symmetry.space_group_name_H-M             'C 1 2 1' 
_symmetry.pdbx_full_space_group_name_H-M   ? 
_symmetry.cell_setting                     monoclinic 
_symmetry.Int_Tables_number                5 
# 
_exptl.entry_id          1CC8 
_exptl.method            'X-RAY DIFFRACTION' 
_exptl.crystals_number   1 
# 
_exptl_crystal.id                    1 
_exptl_crystal.density_meas          ? 
_exptl_crystal.density_Matthews      1.94 
_exptl_crystal.density_percent_sol   36 
_exptl_crystal.description           ? 
# 
_exptl_crystal_grow.crystal_id      1 
_exptl_crystal_grow.method          ? 
_exptl_crystal_grow.temp            ? 
_exptl_crystal_grow.temp_details    ? 
_exptl_crystal_grow.pH              6.0 
_exptl_crystal_grow.pdbx_details    'pH 6.0' 
_exptl_crystal_grow.pdbx_pH_range   . 
# 
loop_
_exptl_crystal_grow_comp.crystal_id 
_exptl_crystal_grow_comp.id 
_exptl_crystal_grow_comp.sol_id 
_exptl_crystal_grow_comp.name 
_exptl_crystal_grow_comp.volume 
_exptl_crystal_grow_comp.conc 
_exptl_crystal_grow_comp.details 
1 1 1 '(NH4)2SO4' ? ? ? 
1 2 1 BENZAMIDINE ? ? ? 
1 3 1 GLYCEROL    ? ? ? 
1 4 1 MES         ? ? ? 
# 
_diffrn.id                     1 
_diffrn.ambient_temp           95 
_diffrn.ambient_temp_details   ? 
_diffrn.crystal_id             1 
# 
_diffrn_detector.diffrn_id              1 
_diffrn_detector.detector               CCD 
_diffrn_detector.type                   MARRESEARCH 
_diffrn_detector.pdbx_collection_date   1997-08-01 
_diffrn_detector.details                ? 
# 
_diffrn_radiation.diffrn_id                        1 
_diffrn_radiation.wavelength_id                    1 
_diffrn_radiation.pdbx_monochromatic_or_laue_m_l   M 
_diffrn_radiation.monochromator                    ? 
_diffrn_radiation.pdbx_diffrn_protocol             'SINGLE WAVELENGTH' 
_diffrn_radiation.pdbx_scattering_type             x-ray 
# 
_diffrn_radiation_wavelength.id           1 
_diffrn_radiation_wavelength.wavelength   1.0047 
_diffrn_radiation_wavelength.wt           1.0 
# 
_diffrn_source.diffrn_id                   1 
_diffrn_source.source                      SYNCHROTRON 
_diffrn_source.type                        'APS BEAMLINE 5ID-B' 
_diffrn_source.pdbx_synchrotron_site       APS 
_diffrn_source.pdbx_synchrotron_beamline   5ID-B 
_diffrn_source.pdbx_wavelength             1.0047 
_diffrn_source.pdbx_wavelength_list        ? 
# 
_reflns.entry_id                     1CC8 
_reflns.observed_criterion_sigma_I   ? 
_reflns.observed_criterion_sigma_F   ? 
_reflns.d_resolution_low             50 
_reflns.d_resolution_high            1.02 
_reflns.number_obs                   24099 
_reflns.number_all                   ? 
_reflns.percent_possible_obs         95.4 
_reflns.pdbx_Rmerge_I_obs            ? 
_reflns.pdbx_Rsym_value              0.051 
_reflns.pdbx_netI_over_sigmaI        8.4 
_reflns.B_iso_Wilson_estimate        ? 
_reflns.pdbx_redundancy              4 
_reflns.R_free_details               ? 
_reflns.limit_h_max                  ? 
_reflns.limit_h_min                  ? 
_reflns.limit_k_max                  ? 
_reflns.limit_k_min                  ? 
_reflns.limit_l_max                  ? 
_reflns.limit_l_min                  ? 
_reflns.observed_criterion_F_max     ? 
_reflns.observed_criterion_F_min     ? 
_reflns.pdbx_diffrn_id               1 
_reflns.pdbx_ordinal                 1 
# 
_reflns_shell.d_res_high             1.02 
_reflns_shell.d_res_low              1.05 
_reflns_shell.percent_possible_all   90.2 
_reflns_shell.Rmerge_I_obs           ? 
_reflns_shell.pdbx_Rsym_value        0.106 
_reflns_shell.meanI_over_sigI_obs    5.3 
_reflns_shell.pdbx_redundancy        2.9 
_reflns_shell.percent_possible_obs   ? 
_reflns_shell.number_unique_all      ? 
_reflns_shell.pdbx_diffrn_id         ? 
_reflns_shell.pdbx_ordinal           1 
# 
_refine.entry_id                                 1CC8 
_refine.ls_number_reflns_obs                     25378 
_refine.ls_number_reflns_all                     25378 
_refine.pdbx_ls_sigma_I                          ? 
_refine.pdbx_ls_sigma_F                          0.0 
_refine.pdbx_data_cutoff_high_absF               ? 
_refine.pdbx_data_cutoff_low_absF                ? 
_refine.pdbx_data_cutoff_high_rms_absF           ? 
_refine.ls_d_res_low                             50 
_refine.ls_d_res_high                            1.02 
_refine.ls_percent_reflns_obs                    95.4 
_refine.ls_R_factor_obs                          0.1464000 
_refine.ls_R_factor_all                          0.1412000 
_refine.ls_R_factor_R_work                       ? 
_refine.ls_R_factor_R_free                       0.1717000 
_refine.ls_R_factor_R_free_error                 ? 
_refine.ls_R_factor_R_free_error_details         ? 
_refine.ls_percent_reflns_R_free                 10.0 
_refine.ls_number_reflns_R_free                  2812 
_refine.ls_number_parameters                     5745 
_refine.ls_number_restraints                     6701 
_refine.occupancy_min                            ? 
_refine.occupancy_max                            ? 
_refine.B_iso_mean                               ? 
_refine.aniso_B[1][1]                            ? 
_refine.aniso_B[2][2]                            ? 
_refine.aniso_B[3][3]                            ? 
_refine.aniso_B[1][2]                            ? 
_refine.aniso_B[1][3]                            ? 
_refine.aniso_B[2][3]                            ? 
_refine.solvent_model_details                    'MOEWS & KRETSINGER, J.MOL.BIOL.91(1973)201-228' 
_refine.solvent_model_param_ksol                 ? 
_refine.solvent_model_param_bsol                 ? 
_refine.pdbx_ls_cross_valid_method               'FREE R' 
_refine.details                                  ? 
_refine.pdbx_starting_model                      ? 
_refine.pdbx_method_to_determine_struct          'DIRECT METHODS' 
_refine.pdbx_isotropic_thermal_model             ? 
_refine.pdbx_stereochemistry_target_values       'ENGH AND HUBER' 
_refine.pdbx_stereochem_target_val_spec_case     ? 
_refine.pdbx_R_Free_selection_details            RANDOM 
_refine.pdbx_overall_ESU_R                       ? 
_refine.pdbx_overall_ESU_R_Free                  ? 
_refine.overall_SU_ML                            ? 
_refine.overall_SU_B                             ? 
_refine.ls_redundancy_reflns_obs                 ? 
_refine.B_iso_min                                ? 
_refine.B_iso_max                                ? 
_refine.pdbx_refine_id                           'X-RAY DIFFRACTION' 
_refine.pdbx_diffrn_id                           1 
_refine.pdbx_TLS_residual_ADP_flag               ? 
_refine.correlation_coeff_Fo_to_Fc               ? 
_refine.correlation_coeff_Fo_to_Fc_free          ? 
_refine.pdbx_solvent_vdw_probe_radii             ? 
_refine.pdbx_solvent_ion_probe_radii             ? 
_refine.pdbx_solvent_shrinkage_radii             ? 
_refine.pdbx_overall_phase_error                 ? 
_refine.overall_SU_R_Cruickshank_DPI             ? 
_refine.pdbx_overall_SU_R_free_Cruickshank_DPI   ? 
_refine.pdbx_overall_SU_R_Blow_DPI               ? 
_refine.pdbx_overall_SU_R_free_Blow_DPI          ? 
# 
_refine_analyze.entry_id                        1CC8 
_refine_analyze.Luzzati_coordinate_error_obs    ? 
_refine_analyze.Luzzati_sigma_a_obs             ? 
_refine_analyze.Luzzati_d_res_low_obs           ? 
_refine_analyze.Luzzati_coordinate_error_free   ? 
_refine_analyze.Luzzati_sigma_a_free            ? 
_refine_analyze.Luzzati_d_res_low_free          ? 
_refine_analyze.number_disordered_residues      0 
_refine_analyze.occupancy_sum_hydrogen          596.00 
_refine_analyze.occupancy_sum_non_hydrogen      701.50 
_refine_analyze.pdbx_Luzzati_d_res_high_obs     ? 
_refine_analyze.pdbx_refine_id                  'X-RAY DIFFRACTION' 
# 
_refine_hist.pdbx_refine_id                   'X-RAY DIFFRACTION' 
_refine_hist.cycle_id                         LAST 
_refine_hist.pdbx_number_atoms_protein        567 
_refine_hist.pdbx_number_atoms_nucleic_acid   0 
_refine_hist.pdbx_number_atoms_ligand         19 
_refine_hist.number_atoms_solvent             117 
_refine_hist.number_atoms_total               703 
_refine_hist.d_res_high                       1.02 
_refine_hist.d_res_low                        50 
# 
loop_
_refine_ls_restr.type 
_refine_ls_restr.dev_ideal 
_refine_ls_restr.dev_ideal_target 
_refine_ls_restr.weight 
_refine_ls_restr.number 
_refine_ls_restr.pdbx_refine_id 
_refine_ls_restr.pdbx_restraint_function 
s_bond_d               0.010 ? ? ? 'X-RAY DIFFRACTION' ? 
s_angle_d              0.028 ? ? ? 'X-RAY DIFFRACTION' ? 
s_similar_dist         0.000 ? ? ? 'X-RAY DIFFRACTION' ? 
s_from_restr_planes    0.052 ? ? ? 'X-RAY DIFFRACTION' ? 
s_zero_chiral_vol      0.130 ? ? ? 'X-RAY DIFFRACTION' ? 
s_non_zero_chiral_vol  0.108 ? ? ? 'X-RAY DIFFRACTION' ? 
s_anti_bump_dis_restr  0.055 ? ? ? 'X-RAY DIFFRACTION' ? 
s_rigid_bond_adp_cmpnt 0.005 ? ? ? 'X-RAY DIFFRACTION' ? 
s_similar_adp_cmpnt    0.039 ? ? ? 'X-RAY DIFFRACTION' ? 
s_approx_iso_adps      0.000 ? ? ? 'X-RAY DIFFRACTION' ? 
# 
_pdbx_refine.entry_id                                    1CC8 
_pdbx_refine.R_factor_all_no_cutoff                      0.1412000 
_pdbx_refine.R_factor_obs_no_cutoff                      0.1464000 
_pdbx_refine.free_R_factor_no_cutoff                     0.1717000 
_pdbx_refine.free_R_val_test_set_size_perc_no_cutoff     10.0 
_pdbx_refine.free_R_val_test_set_ct_no_cutoff            2812 
_pdbx_refine.R_factor_all_4sig_cutoff                    0.1393000 
_pdbx_refine.R_factor_obs_4sig_cutoff                    0.1447000 
_pdbx_refine.free_R_factor_4sig_cutoff                   0.1772000 
_pdbx_refine.free_R_val_test_set_size_perc_4sig_cutoff   11.1 
_pdbx_refine.free_R_val_test_set_ct_4sig_cutoff          2812 
_pdbx_refine.number_reflns_obs_4sig_cutoff               25378 
_pdbx_refine.number_reflns_obs_no_cutoff                 ? 
_pdbx_refine.pdbx_refine_id                              'X-RAY DIFFRACTION' 
_pdbx_refine.free_R_error_no_cutoff                      ? 
# 
_struct.entry_id                  1CC8 
_struct.title                     'CRYSTAL STRUCTURE OF THE ATX1 METALLOCHAPERONE PROTEIN' 
_struct.pdbx_model_details        ? 
_struct.pdbx_CASP_flag            ? 
_struct.pdbx_model_type_details   ? 
# 
_struct_keywords.entry_id        1CC8 
_struct_keywords.pdbx_keywords   'METAL TRANSPORT' 
_struct_keywords.text            'COPPER TRANSPORT, MERCURY COORDINATION, METAL TRANSPORT' 
# 
loop_
_struct_asym.id 
_struct_asym.pdbx_blank_PDB_chainid_flag 
_struct_asym.pdbx_modified 
_struct_asym.entity_id 
_struct_asym.details 
A N N 1 ? 
B N N 2 ? 
C N N 3 ? 
D N N 3 ? 
E N N 4 ? 
# 
_struct_ref.id                         1 
_struct_ref.db_name                    UNP 
_struct_ref.db_code                    ATX1_YEAST 
_struct_ref.entity_id                  1 
_struct_ref.pdbx_db_accession          P38636 
_struct_ref.pdbx_db_isoform            ? 
_struct_ref.pdbx_seq_one_letter_code   ? 
_struct_ref.pdbx_align_begin           ? 
# 
_struct_ref_seq.align_id                      1 
_struct_ref_seq.ref_id                        1 
_struct_ref_seq.pdbx_PDB_id_code              1CC8 
_struct_ref_seq.pdbx_strand_id                A 
_struct_ref_seq.seq_align_beg                 1 
_struct_ref_seq.pdbx_seq_align_beg_ins_code   ? 
_struct_ref_seq.seq_align_end                 73 
_struct_ref_seq.pdbx_seq_align_end_ins_code   ? 
_struct_ref_seq.pdbx_db_accession             P38636 
_struct_ref_seq.db_align_beg                  1 
_struct_ref_seq.pdbx_db_align_beg_ins_code    ? 
_struct_ref_seq.db_align_end                  73 
_struct_ref_seq.pdbx_db_align_end_ins_code    ? 
_struct_ref_seq.pdbx_auth_seq_align_beg       1 
_struct_ref_seq.pdbx_auth_seq_align_end       73 
# 
_pdbx_struct_assembly.id                   1 
_pdbx_struct_assembly.details              author_defined_assembly 
_pdbx_struct_assembly.method_details       ? 
_pdbx_struct_assembly.oligomeric_details   monomeric 
_pdbx_struct_assembly.oligomeric_count     1 
# 
_pdbx_struct_assembly_gen.assembly_id       1 
_pdbx_struct_assembly_gen.oper_expression   1 
_pdbx_struct_assembly_gen.asym_id_list      A,B,C,D,E 
# 
_pdbx_struct_oper_list.id                   1 
_pdbx_struct_oper_list.type                 'identity operation' 
_pdbx_struct_oper_list.name                 1_555 
_pdbx_struct_oper_list.symmetry_operation   x,y,z 
_pdbx_struct_oper_list.matrix[1][1]         1.0000000000 
_pdbx_struct_oper_list.matrix[1][2]         0.0000000000 
_pdbx_struct_oper_list.matrix[1][3]         0.0000000000 
_pdbx_struct_oper_list.vector[1]            0.0000000000 
_pdbx_struct_oper_list.matrix[2][1]         0.0000000000 
_pdbx_struct_oper_list.matrix[2][2]         1.0000000000 
_pdbx_struct_oper_list.matrix[2][3]         0.0000000000 
_pdbx_struct_oper_list.vector[2]            0.0000000000 
_pdbx_struct_oper_list.matrix[3][1]         0.0000000000 
_pdbx_struct_oper_list.matrix[3][2]         0.0000000000 
_pdbx_struct_oper_list.matrix[3][3]         1.0000000000 
_pdbx_struct_oper_list.vector[3]            0.0000000000 
# 
_struct_biol.id   1 
# 
loop_
_struct_conf.conf_type_id 
_struct_conf.id 
_struct_conf.pdbx_PDB_helix_id 
_struct_conf.beg_label_comp_id 
_struct_conf.beg_label_asym_id 
_struct_conf.beg_label_seq_id 
_struct_conf.pdbx_beg_PDB_ins_code 
_struct_conf.end_label_comp_id 
_struct_conf.end_label_asym_id 
_struct_conf.end_label_seq_id 
_struct_conf.pdbx_end_PDB_ins_code 
_struct_conf.beg_auth_comp_id 
_struct_conf.beg_auth_asym_id 
_struct_conf.beg_auth_seq_id 
_struct_conf.end_auth_comp_id 
_struct_conf.end_auth_asym_id 
_struct_conf.end_auth_seq_id 
_struct_conf.pdbx_PDB_helix_class 
_struct_conf.details 
_struct_conf.pdbx_PDB_helix_length 
HELX_P HELX_P1 1 SER A 16 ? LEU A 29 ? SER A 16 LEU A 29 1 ? 14 
HELX_P HELX_P2 2 TYR A 53 ? THR A 63 ? TYR A 53 THR A 63 1 ? 11 
# 
_struct_conf_type.id          HELX_P 
_struct_conf_type.criteria    ? 
_struct_conf_type.reference   ? 
# 
loop_
_struct_conn.id 
_struct_conn.conn_type_id 
_struct_conn.pdbx_leaving_atom_flag 
_struct_conn.pdbx_PDB_id 
_struct_conn.ptnr1_label_asym_id 
_struct_conn.ptnr1_label_comp_id 
_struct_conn.ptnr1_label_seq_id 
_struct_conn.ptnr1_label_atom_id 
_struct_conn.pdbx_ptnr1_label_alt_id 
_struct_conn.pdbx_ptnr1_PDB_ins_code 
_struct_conn.pdbx_ptnr1_standard_comp_id 
_struct_conn.ptnr1_symmetry 
_struct_conn.ptnr2_label_asym_id 
_struct_conn.ptnr2_label_comp_id 
_struct_conn.ptnr2_label_seq_id 
_struct_conn.ptnr2_label_atom_id 
_struct_conn.pdbx_ptnr2_label_alt_id 
_struct_conn.pdbx_ptnr2_PDB_ins_code 
_struct_conn.ptnr1_auth_asym_id 
_struct_conn.ptnr1_auth_comp_id 
_struct_conn.ptnr1_auth_seq_id 
_struct_conn.ptnr2_auth_asym_id 
_struct_conn.ptnr2_auth_comp_id 
_struct_conn.ptnr2_auth_seq_id 
_struct_conn.ptnr2_symmetry 
_struct_conn.pdbx_ptnr3_label_atom_id 
_struct_conn.pdbx_ptnr3_label_seq_id 
_struct_conn.pdbx_ptnr3_label_comp_id 
_struct_conn.pdbx_ptnr3_label_asym_id 
_struct_conn.pdbx_ptnr3_label_alt_id 
_struct_conn.pdbx_ptnr3_PDB_ins_code 
_struct_conn.details 
_struct_conn.pdbx_dist_value 
_struct_conn.pdbx_value_order 
_struct_conn.pdbx_role 
metalc1 metalc ? ? A THR 14 OG1 ? ? ? 1_555 B HG  . HG ? ? A THR 14 A HG  74   1_555 ? ? ? ? ? ? ? 3.075 ? ? 
metalc2 metalc ? ? A CYS 15 SG  ? ? ? 1_555 B HG  . HG ? ? A CYS 15 A HG  74   1_555 ? ? ? ? ? ? ? 2.329 ? ? 
metalc3 metalc ? ? A CYS 15 N   ? ? ? 1_555 B HG  . HG ? ? A CYS 15 A HG  74   1_555 ? ? ? ? ? ? ? 3.263 ? ? 
metalc4 metalc ? ? A CYS 15 O   ? ? ? 1_555 B HG  . HG ? ? A CYS 15 A HG  74   1_555 ? ? ? ? ? ? ? 3.463 ? ? 
metalc5 metalc ? ? A CYS 18 SG  ? ? ? 1_555 B HG  . HG ? ? A CYS 18 A HG  74   1_555 ? ? ? ? ? ? ? 2.341 ? ? 
metalc6 metalc ? ? A CYS 18 N   ? ? ? 1_555 B HG  . HG ? ? A CYS 18 A HG  74   1_555 ? ? ? ? ? ? ? 3.137 ? ? 
metalc7 metalc ? ? B HG  .  HG  ? ? ? 1_555 E HOH . O  ? ? A HG  74 A HOH 1018 1_545 ? ? ? ? ? ? ? 3.115 ? ? 
# 
_struct_conn_type.id          metalc 
_struct_conn_type.criteria    ? 
_struct_conn_type.reference   ? 
# 
loop_
_pdbx_struct_conn_angle.id 
_pdbx_struct_conn_angle.ptnr1_label_atom_id 
_pdbx_struct_conn_angle.ptnr1_label_alt_id 
_pdbx_struct_conn_angle.ptnr1_label_asym_id 
_pdbx_struct_conn_angle.ptnr1_label_comp_id 
_pdbx_struct_conn_angle.ptnr1_label_seq_id 
_pdbx_struct_conn_angle.ptnr1_auth_atom_id 
_pdbx_struct_conn_angle.ptnr1_auth_asym_id 
_pdbx_struct_conn_angle.ptnr1_auth_comp_id 
_pdbx_struct_conn_angle.ptnr1_auth_seq_id 
_pdbx_struct_conn_angle.ptnr1_PDB_ins_code 
_pdbx_struct_conn_angle.ptnr1_symmetry 
_pdbx_struct_conn_angle.ptnr2_label_atom_id 
_pdbx_struct_conn_angle.ptnr2_label_alt_id 
_pdbx_struct_conn_angle.ptnr2_label_asym_id 
_pdbx_struct_conn_angle.ptnr2_label_comp_id 
_pdbx_struct_conn_angle.ptnr2_label_seq_id 
_pdbx_struct_conn_angle.ptnr2_auth_atom_id 
_pdbx_struct_conn_angle.ptnr2_auth_asym_id 
_pdbx_struct_conn_angle.ptnr2_auth_comp_id 
_pdbx_struct_conn_angle.ptnr2_auth_seq_id 
_pdbx_struct_conn_angle.ptnr2_PDB_ins_code 
_pdbx_struct_conn_angle.ptnr2_symmetry 
_pdbx_struct_conn_angle.ptnr3_label_atom_id 
_pdbx_struct_conn_angle.ptnr3_label_alt_id 
_pdbx_struct_conn_angle.ptnr3_label_asym_id 
_pdbx_struct_conn_angle.ptnr3_label_comp_id 
_pdbx_struct_conn_angle.ptnr3_label_seq_id 
_pdbx_struct_conn_angle.ptnr3_auth_atom_id 
_pdbx_struct_conn_angle.ptnr3_auth_asym_id 
_pdbx_struct_conn_angle.ptnr3_auth_comp_id 
_pdbx_struct_conn_angle.ptnr3_auth_seq_id 
_pdbx_struct_conn_angle.ptnr3_PDB_ins_code 
_pdbx_struct_conn_angle.ptnr3_symmetry 
_pdbx_struct_conn_angle.value 
_pdbx_struct_conn_angle.value_esd 
1  OG1 ? A THR 14 ? A THR 14 ? 1_555 HG ? B HG . ? A HG 74 ? 1_555 SG ? A CYS 15 ? A CYS 15   ? 1_555 102.3 ? 
2  OG1 ? A THR 14 ? A THR 14 ? 1_555 HG ? B HG . ? A HG 74 ? 1_555 N  ? A CYS 15 ? A CYS 15   ? 1_555 61.9  ? 
3  SG  ? A CYS 15 ? A CYS 15 ? 1_555 HG ? B HG . ? A HG 74 ? 1_555 N  ? A CYS 15 ? A CYS 15   ? 1_555 74.8  ? 
4  OG1 ? A THR 14 ? A THR 14 ? 1_555 HG ? B HG . ? A HG 74 ? 1_555 O  ? A CYS 15 ? A CYS 15   ? 1_555 106.0 ? 
5  SG  ? A CYS 15 ? A CYS 15 ? 1_555 HG ? B HG . ? A HG 74 ? 1_555 O  ? A CYS 15 ? A CYS 15   ? 1_555 75.3  ? 
6  N   ? A CYS 15 ? A CYS 15 ? 1_555 HG ? B HG . ? A HG 74 ? 1_555 O  ? A CYS 15 ? A CYS 15   ? 1_555 45.8  ? 
7  OG1 ? A THR 14 ? A THR 14 ? 1_555 HG ? B HG . ? A HG 74 ? 1_555 SG ? A CYS 18 ? A CYS 18   ? 1_555 83.6  ? 
8  SG  ? A CYS 15 ? A CYS 15 ? 1_555 HG ? B HG . ? A HG 74 ? 1_555 SG ? A CYS 18 ? A CYS 18   ? 1_555 167.3 ? 
9  N   ? A CYS 15 ? A CYS 15 ? 1_555 HG ? B HG . ? A HG 74 ? 1_555 SG ? A CYS 18 ? A CYS 18   ? 1_555 98.8  ? 
10 O   ? A CYS 15 ? A CYS 15 ? 1_555 HG ? B HG . ? A HG 74 ? 1_555 SG ? A CYS 18 ? A CYS 18   ? 1_555 92.3  ? 
11 OG1 ? A THR 14 ? A THR 14 ? 1_555 HG ? B HG . ? A HG 74 ? 1_555 N  ? A CYS 18 ? A CYS 18   ? 1_555 146.1 ? 
12 SG  ? A CYS 15 ? A CYS 15 ? 1_555 HG ? B HG . ? A HG 74 ? 1_555 N  ? A CYS 18 ? A CYS 18   ? 1_555 97.6  ? 
13 N   ? A CYS 15 ? A CYS 15 ? 1_555 HG ? B HG . ? A HG 74 ? 1_555 N  ? A CYS 18 ? A CYS 18   ? 1_555 98.2  ? 
14 O   ? A CYS 15 ? A CYS 15 ? 1_555 HG ? B HG . ? A HG 74 ? 1_555 N  ? A CYS 18 ? A CYS 18   ? 1_555 53.4  ? 
15 SG  ? A CYS 18 ? A CYS 18 ? 1_555 HG ? B HG . ? A HG 74 ? 1_555 N  ? A CYS 18 ? A CYS 18   ? 1_555 72.2  ? 
16 OG1 ? A THR 14 ? A THR 14 ? 1_555 HG ? B HG . ? A HG 74 ? 1_555 O  ? E HOH .  ? A HOH 1018 ? 1_545 136.7 ? 
17 SG  ? A CYS 15 ? A CYS 15 ? 1_555 HG ? B HG . ? A HG 74 ? 1_555 O  ? E HOH .  ? A HOH 1018 ? 1_545 84.9  ? 
18 N   ? A CYS 15 ? A CYS 15 ? 1_555 HG ? B HG . ? A HG 74 ? 1_555 O  ? E HOH .  ? A HOH 1018 ? 1_545 156.0 ? 
19 O   ? A CYS 15 ? A CYS 15 ? 1_555 HG ? B HG . ? A HG 74 ? 1_555 O  ? E HOH .  ? A HOH 1018 ? 1_545 117.1 ? 
20 SG  ? A CYS 18 ? A CYS 18 ? 1_555 HG ? B HG . ? A HG 74 ? 1_555 O  ? E HOH .  ? A HOH 1018 ? 1_545 98.6  ? 
21 N   ? A CYS 18 ? A CYS 18 ? 1_555 HG ? B HG . ? A HG 74 ? 1_555 O  ? E HOH .  ? A HOH 1018 ? 1_545 71.7  ? 
# 
_struct_mon_prot_cis.pdbx_id                1 
_struct_mon_prot_cis.label_comp_id          GLU 
_struct_mon_prot_cis.label_seq_id           30 
_struct_mon_prot_cis.label_asym_id          A 
_struct_mon_prot_cis.label_alt_id           . 
_struct_mon_prot_cis.pdbx_PDB_ins_code      ? 
_struct_mon_prot_cis.auth_comp_id           GLU 
_struct_mon_prot_cis.auth_seq_id            30 
_struct_mon_prot_cis.auth_asym_id           A 
_struct_mon_prot_cis.pdbx_label_comp_id_2   PRO 
_struct_mon_prot_cis.pdbx_label_seq_id_2    31 
_struct_mon_prot_cis.pdbx_label_asym_id_2   A 
_struct_mon_prot_cis.pdbx_PDB_ins_code_2    ? 
_struct_mon_prot_cis.pdbx_auth_comp_id_2    PRO 
_struct_mon_prot_cis.pdbx_auth_seq_id_2     31 
_struct_mon_prot_cis.pdbx_auth_asym_id_2    A 
_struct_mon_prot_cis.pdbx_PDB_model_num     1 
_struct_mon_prot_cis.pdbx_omega_angle       7.72 
# 
_struct_sheet.id               A 
_struct_sheet.type             ? 
_struct_sheet.number_strands   4 
_struct_sheet.details          ? 
# 
loop_
_struct_sheet_order.sheet_id 
_struct_sheet_order.range_id_1 
_struct_sheet_order.range_id_2 
_struct_sheet_order.offset 
_struct_sheet_order.sense 
A 1 2 ? anti-parallel 
A 2 3 ? anti-parallel 
A 3 4 ? anti-parallel 
# 
loop_
_struct_sheet_range.sheet_id 
_struct_sheet_range.id 
_struct_sheet_range.beg_label_comp_id 
_struct_sheet_range.beg_label_asym_id 
_struct_sheet_range.beg_label_seq_id 
_struct_sheet_range.pdbx_beg_PDB_ins_code 
_struct_sheet_range.end_label_comp_id 
_struct_sheet_range.end_label_asym_id 
_struct_sheet_range.end_label_seq_id 
_struct_sheet_range.pdbx_end_PDB_ins_code 
_struct_sheet_range.beg_auth_comp_id 
_struct_sheet_range.beg_auth_asym_id 
_struct_sheet_range.beg_auth_seq_id 
_struct_sheet_range.end_auth_comp_id 
_struct_sheet_range.end_auth_asym_id 
_struct_sheet_range.end_auth_seq_id 
A 1 VAL A 67 ? LEU A 73 ? VAL A 67 LEU A 73 
A 2 LYS A 5  ? VAL A 11 ? LYS A 5  VAL A 11 
A 3 LEU A 44 ? THR A 49 ? LEU A 44 THR A 49 
A 4 VAL A 33 ? SER A 39 ? VAL A 33 SER A 39 
# 
loop_
_pdbx_struct_sheet_hbond.sheet_id 
_pdbx_struct_sheet_hbond.range_id_1 
_pdbx_struct_sheet_hbond.range_id_2 
_pdbx_struct_sheet_hbond.range_1_label_atom_id 
_pdbx_struct_sheet_hbond.range_1_label_comp_id 
_pdbx_struct_sheet_hbond.range_1_label_asym_id 
_pdbx_struct_sheet_hbond.range_1_label_seq_id 
_pdbx_struct_sheet_hbond.range_1_PDB_ins_code 
_pdbx_struct_sheet_hbond.range_1_auth_atom_id 
_pdbx_struct_sheet_hbond.range_1_auth_comp_id 
_pdbx_struct_sheet_hbond.range_1_auth_asym_id 
_pdbx_struct_sheet_hbond.range_1_auth_seq_id 
_pdbx_struct_sheet_hbond.range_2_label_atom_id 
_pdbx_struct_sheet_hbond.range_2_label_comp_id 
_pdbx_struct_sheet_hbond.range_2_label_asym_id 
_pdbx_struct_sheet_hbond.range_2_label_seq_id 
_pdbx_struct_sheet_hbond.range_2_PDB_ins_code 
_pdbx_struct_sheet_hbond.range_2_auth_atom_id 
_pdbx_struct_sheet_hbond.range_2_auth_comp_id 
_pdbx_struct_sheet_hbond.range_2_auth_asym_id 
_pdbx_struct_sheet_hbond.range_2_auth_seq_id 
A 1 2 O ARG A 68 ? O ARG A 68 N ASN A 10 ? N ASN A 10 
A 2 3 O LYS A 5  ? O LYS A 5  N THR A 49 ? N THR A 49 
A 3 4 O LEU A 44 ? O LEU A 44 N SER A 39 ? N SER A 39 
# 
loop_
_struct_site.id 
_struct_site.pdbx_evidence_code 
_struct_site.pdbx_auth_asym_id 
_struct_site.pdbx_auth_comp_id 
_struct_site.pdbx_auth_seq_id 
_struct_site.pdbx_auth_ins_code 
_struct_site.pdbx_num_residues 
_struct_site.details 
AC1 Software A HG  74  ? 3 'BINDING SITE FOR RESIDUE HG A 74'   
AC2 Software A BEN 186 ? 8 'BINDING SITE FOR RESIDUE BEN A 186' 
AC3 Software A BEN 187 ? 7 'BINDING SITE FOR RESIDUE BEN A 187' 
# 
loop_
_struct_site_gen.id 
_struct_site_gen.site_id 
_struct_site_gen.pdbx_num_res 
_struct_site_gen.label_comp_id 
_struct_site_gen.label_asym_id 
_struct_site_gen.label_seq_id 
_struct_site_gen.pdbx_auth_ins_code 
_struct_site_gen.auth_comp_id 
_struct_site_gen.auth_asym_id 
_struct_site_gen.auth_seq_id 
_struct_site_gen.label_atom_id 
_struct_site_gen.label_alt_id 
_struct_site_gen.symmetry 
_struct_site_gen.details 
1  AC1 3 THR A 14 ? THR A 14   . ? 1_555 ? 
2  AC1 3 CYS A 15 ? CYS A 15   . ? 1_555 ? 
3  AC1 3 CYS A 18 ? CYS A 18   . ? 1_555 ? 
4  AC2 8 ILE A 4  ? ILE A 4    . ? 4_546 ? 
5  AC2 8 ASN A 23 ? ASN A 23   . ? 1_555 ? 
6  AC2 8 GLU A 30 ? GLU A 30   . ? 1_555 ? 
7  AC2 8 VAL A 33 ? VAL A 33   . ? 1_555 ? 
8  AC2 8 SER A 34 ? SER A 34   . ? 1_555 ? 
9  AC2 8 ILE A 36 ? ILE A 36   . ? 1_555 ? 
10 AC2 8 LEU A 73 ? LEU A 73   . ? 4_546 ? 
11 AC2 8 HOH E .  ? HOH A 1002 . ? 4_546 ? 
12 AC3 7 MET A 13 ? MET A 13   . ? 2_555 ? 
13 AC3 7 LEU A 40 ? LEU A 40   . ? 1_555 ? 
14 AC3 7 GLN A 43 ? GLN A 43   . ? 2_555 ? 
15 AC3 7 GLU A 58 ? GLU A 58   . ? 3_445 ? 
16 AC3 7 HOH E .  ? HOH A 1039 . ? 1_555 ? 
17 AC3 7 HOH E .  ? HOH A 1100 . ? 3_445 ? 
18 AC3 7 HOH E .  ? HOH A 1109 . ? 3_445 ? 
# 
loop_
_pdbx_validate_rmsd_angle.id 
_pdbx_validate_rmsd_angle.PDB_model_num 
_pdbx_validate_rmsd_angle.auth_atom_id_1 
_pdbx_validate_rmsd_angle.auth_asym_id_1 
_pdbx_validate_rmsd_angle.auth_comp_id_1 
_pdbx_validate_rmsd_angle.auth_seq_id_1 
_pdbx_validate_rmsd_angle.PDB_ins_code_1 
_pdbx_validate_rmsd_angle.label_alt_id_1 
_pdbx_validate_rmsd_angle.auth_atom_id_2 
_pdbx_validate_rmsd_angle.auth_asym_id_2 
_pdbx_validate_rmsd_angle.auth_comp_id_2 
_pdbx_validate_rmsd_angle.auth_seq_id_2 
_pdbx_validate_rmsd_angle.PDB_ins_code_2 
_pdbx_validate_rmsd_angle.label_alt_id_2 
_pdbx_validate_rmsd_angle.auth_atom_id_3 
_pdbx_validate_rmsd_angle.auth_asym_id_3 
_pdbx_validate_rmsd_angle.auth_comp_id_3 
_pdbx_validate_rmsd_angle.auth_seq_id_3 
_pdbx_validate_rmsd_angle.PDB_ins_code_3 
_pdbx_validate_rmsd_angle.label_alt_id_3 
_pdbx_validate_rmsd_angle.angle_value 
_pdbx_validate_rmsd_angle.angle_target_value 
_pdbx_validate_rmsd_angle.angle_deviation 
_pdbx_validate_rmsd_angle.angle_standard_deviation 
_pdbx_validate_rmsd_angle.linker_flag 
1 1 O  A GLY 64 ? ? C  A GLY 64 ? ? N   A LYS 65 ? ? 111.90 122.70 -10.80 1.60 Y 
2 1 CD A ARG 68 ? ? NE A ARG 68 ? ? CZ  A ARG 68 ? ? 133.64 123.60 10.04  1.40 N 
3 1 NE A ARG 68 ? ? CZ A ARG 68 ? ? NH1 A ARG 68 ? ? 123.90 120.30 3.60   0.50 N 
# 
_pdbx_unobs_or_zero_occ_residues.id               1 
_pdbx_unobs_or_zero_occ_residues.PDB_model_num    1 
_pdbx_unobs_or_zero_occ_residues.polymer_flag     Y 
_pdbx_unobs_or_zero_occ_residues.occupancy_flag   1 
_pdbx_unobs_or_zero_occ_residues.auth_asym_id     A 
_pdbx_unobs_or_zero_occ_residues.auth_comp_id     MET 
_pdbx_unobs_or_zero_occ_residues.auth_seq_id      1 
_pdbx_unobs_or_zero_occ_residues.PDB_ins_code     ? 
_pdbx_unobs_or_zero_occ_residues.label_asym_id    A 
_pdbx_unobs_or_zero_occ_residues.label_comp_id    MET 
_pdbx_unobs_or_zero_occ_residues.label_seq_id     1 
# 
loop_
_chem_comp_atom.comp_id 
_chem_comp_atom.atom_id 
_chem_comp_atom.type_symbol 
_chem_comp_atom.pdbx_aromatic_flag 
_chem_comp_atom.pdbx_stereo_config 
_chem_comp_atom.pdbx_ordinal 
ALA N    N  N N 1   
ALA CA   C  N S 2   
ALA C    C  N N 3   
ALA O    O  N N 4   
ALA CB   C  N N 5   
ALA OXT  O  N N 6   
ALA H    H  N N 7   
ALA H2   H  N N 8   
ALA HA   H  N N 9   
ALA HB1  H  N N 10  
ALA HB2  H  N N 11  
ALA HB3  H  N N 12  
ALA HXT  H  N N 13  
ARG N    N  N N 14  
ARG CA   C  N S 15  
ARG C    C  N N 16  
ARG O    O  N N 17  
ARG CB   C  N N 18  
ARG CG   C  N N 19  
ARG CD   C  N N 20  
ARG NE   N  N N 21  
ARG CZ   C  N N 22  
ARG NH1  N  N N 23  
ARG NH2  N  N N 24  
ARG OXT  O  N N 25  
ARG H    H  N N 26  
ARG H2   H  N N 27  
ARG HA   H  N N 28  
ARG HB2  H  N N 29  
ARG HB3  H  N N 30  
ARG HG2  H  N N 31  
ARG HG3  H  N N 32  
ARG HD2  H  N N 33  
ARG HD3  H  N N 34  
ARG HE   H  N N 35  
ARG HH11 H  N N 36  
ARG HH12 H  N N 37  
ARG HH21 H  N N 38  
ARG HH22 H  N N 39  
ARG HXT  H  N N 40  
ASN N    N  N N 41  
ASN CA   C  N S 42  
ASN C    C  N N 43  
ASN O    O  N N 44  
ASN CB   C  N N 45  
ASN CG   C  N N 46  
ASN OD1  O  N N 47  
ASN ND2  N  N N 48  
ASN OXT  O  N N 49  
ASN H    H  N N 50  
ASN H2   H  N N 51  
ASN HA   H  N N 52  
ASN HB2  H  N N 53  
ASN HB3  H  N N 54  
ASN HD21 H  N N 55  
ASN HD22 H  N N 56  
ASN HXT  H  N N 57  
ASP N    N  N N 58  
ASP CA   C  N S 59  
ASP C    C  N N 60  
ASP O    O  N N 61  
ASP CB   C  N N 62  
ASP CG   C  N N 63  
ASP OD1  O  N N 64  
ASP OD2  O  N N 65  
ASP OXT  O  N N 66  
ASP H    H  N N 67  
ASP H2   H  N N 68  
ASP HA   H  N N 69  
ASP HB2  H  N N 70  
ASP HB3  H  N N 71  
ASP HD2  H  N N 72  
ASP HXT  H  N N 73  
BEN C1   C  Y N 74  
BEN C2   C  Y N 75  
BEN C3   C  Y N 76  
BEN C4   C  Y N 77  
BEN C5   C  Y N 78  
BEN C6   C  Y N 79  
BEN C    C  N N 80  
BEN N1   N  N N 81  
BEN N2   N  N N 82  
BEN H2   H  N N 83  
BEN H3   H  N N 84  
BEN H4   H  N N 85  
BEN H5   H  N N 86  
BEN H6   H  N N 87  
BEN HN1  H  N N 88  
BEN HN21 H  N N 89  
BEN HN22 H  N N 90  
CYS N    N  N N 91  
CYS CA   C  N R 92  
CYS C    C  N N 93  
CYS O    O  N N 94  
CYS CB   C  N N 95  
CYS SG   S  N N 96  
CYS OXT  O  N N 97  
CYS H    H  N N 98  
CYS H2   H  N N 99  
CYS HA   H  N N 100 
CYS HB2  H  N N 101 
CYS HB3  H  N N 102 
CYS HG   H  N N 103 
CYS HXT  H  N N 104 
GLN N    N  N N 105 
GLN CA   C  N S 106 
GLN C    C  N N 107 
GLN O    O  N N 108 
GLN CB   C  N N 109 
GLN CG   C  N N 110 
GLN CD   C  N N 111 
GLN OE1  O  N N 112 
GLN NE2  N  N N 113 
GLN OXT  O  N N 114 
GLN H    H  N N 115 
GLN H2   H  N N 116 
GLN HA   H  N N 117 
GLN HB2  H  N N 118 
GLN HB3  H  N N 119 
GLN HG2  H  N N 120 
GLN HG3  H  N N 121 
GLN HE21 H  N N 122 
GLN HE22 H  N N 123 
GLN HXT  H  N N 124 
GLU N    N  N N 125 
GLU CA   C  N S 126 
GLU C    C  N N 127 
GLU O    O  N N 128 
GLU CB   C  N N 129 
GLU CG   C  N N 130 
GLU CD   C  N N 131 
GLU OE1  O  N N 132 
GLU OE2  O  N N 133 
GLU OXT  O  N N 134 
GLU H    H  N N 135 
GLU H2   H  N N 136 
GLU HA   H  N N 137 
GLU HB2  H  N N 138 
GLU HB3  H  N N 139 
GLU HG2  H  N N 140 
GLU HG3  H  N N 141 
GLU HE2  H  N N 142 
GLU HXT  H  N N 143 
GLY N    N  N N 144 
GLY CA   C  N N 145 
GLY C    C  N N 146 
GLY O    O  N N 147 
GLY OXT  O  N N 148 
GLY H    H  N N 149 
GLY H2   H  N N 150 
GLY HA2  H  N N 151 
GLY HA3  H  N N 152 
GLY HXT  H  N N 153 
HG  HG   HG N N 154 
HIS N    N  N N 155 
HIS CA   C  N S 156 
HIS C    C  N N 157 
HIS O    O  N N 158 
HIS CB   C  N N 159 
HIS CG   C  Y N 160 
HIS ND1  N  Y N 161 
HIS CD2  C  Y N 162 
HIS CE1  C  Y N 163 
HIS NE2  N  Y N 164 
HIS OXT  O  N N 165 
HIS H    H  N N 166 
HIS H2   H  N N 167 
HIS HA   H  N N 168 
HIS HB2  H  N N 169 
HIS HB3  H  N N 170 
HIS HD1  H  N N 171 
HIS HD2  H  N N 172 
HIS HE1  H  N N 173 
HIS HE2  H  N N 174 
HIS HXT  H  N N 175 
HOH O    O  N N 176 
HOH H1   H  N N 177 
HOH H2   H  N N 178 
ILE N    N  N N 179 
ILE CA   C  N S 180 
ILE C    C  N N 181 
ILE O    O  N N 182 
ILE CB   C  N S 183 
ILE CG1  C  N N 184 
ILE CG2  C  N N 185 
ILE CD1  C  N N 186 
ILE OXT  O  N N 187 
ILE H    H  N N 188 
ILE H2   H  N N 189 
ILE HA   H  N N 190 
ILE HB   H  N N 191 
ILE HG12 H  N N 192 
ILE HG13 H  N N 193 
ILE HG21 H  N N 194 
ILE HG22 H  N N 195 
ILE HG23 H  N N 196 
ILE HD11 H  N N 197 
ILE HD12 H  N N 198 
ILE HD13 H  N N 199 
ILE HXT  H  N N 200 
LEU N    N  N N 201 
LEU CA   C  N S 202 
LEU C    C  N N 203 
LEU O    O  N N 204 
LEU CB   C  N N 205 
LEU CG   C  N N 206 
LEU CD1  C  N N 207 
LEU CD2  C  N N 208 
LEU OXT  O  N N 209 
LEU H    H  N N 210 
LEU H2   H  N N 211 
LEU HA   H  N N 212 
LEU HB2  H  N N 213 
LEU HB3  H  N N 214 
LEU HG   H  N N 215 
LEU HD11 H  N N 216 
LEU HD12 H  N N 217 
LEU HD13 H  N N 218 
LEU HD21 H  N N 219 
LEU HD22 H  N N 220 
LEU HD23 H  N N 221 
LEU HXT  H  N N 222 
LYS N    N  N N 223 
LYS CA   C  N S 224 
LYS C    C  N N 225 
LYS O    O  N N 226 
LYS CB   C  N N 227 
LYS CG   C  N N 228 
LYS CD   C  N N 229 
LYS CE   C  N N 230 
LYS NZ   N  N N 231 
LYS OXT  O  N N 232 
LYS H    H  N N 233 
LYS H2   H  N N 234 
LYS HA   H  N N 235 
LYS HB2  H  N N 236 
LYS HB3  H  N N 237 
LYS HG2  H  N N 238 
LYS HG3  H  N N 239 
LYS HD2  H  N N 240 
LYS HD3  H  N N 241 
LYS HE2  H  N N 242 
LYS HE3  H  N N 243 
LYS HZ1  H  N N 244 
LYS HZ2  H  N N 245 
LYS HZ3  H  N N 246 
LYS HXT  H  N N 247 
MET N    N  N N 248 
MET CA   C  N S 249 
MET C    C  N N 250 
MET O    O  N N 251 
MET CB   C  N N 252 
MET CG   C  N N 253 
MET SD   S  N N 254 
MET CE   C  N N 255 
MET OXT  O  N N 256 
MET H    H  N N 257 
MET H2   H  N N 258 
MET HA   H  N N 259 
MET HB2  H  N N 260 
MET HB3  H  N N 261 
MET HG2  H  N N 262 
MET HG3  H  N N 263 
MET HE1  H  N N 264 
MET HE2  H  N N 265 
MET HE3  H  N N 266 
MET HXT  H  N N 267 
PHE N    N  N N 268 
PHE CA   C  N S 269 
PHE C    C  N N 270 
PHE O    O  N N 271 
PHE CB   C  N N 272 
PHE CG   C  Y N 273 
PHE CD1  C  Y N 274 
PHE CD2  C  Y N 275 
PHE CE1  C  Y N 276 
PHE CE2  C  Y N 277 
PHE CZ   C  Y N 278 
PHE OXT  O  N N 279 
PHE H    H  N N 280 
PHE H2   H  N N 281 
PHE HA   H  N N 282 
PHE HB2  H  N N 283 
PHE HB3  H  N N 284 
PHE HD1  H  N N 285 
PHE HD2  H  N N 286 
PHE HE1  H  N N 287 
PHE HE2  H  N N 288 
PHE HZ   H  N N 289 
PHE HXT  H  N N 290 
PRO N    N  N N 291 
PRO CA   C  N S 292 
PRO C    C  N N 293 
PRO O    O  N N 294 
PRO CB   C  N N 295 
PRO CG   C  N N 296 
PRO CD   C  N N 297 
PRO OXT  O  N N 298 
PRO H    H  N N 299 
PRO HA   H  N N 300 
PRO HB2  H  N N 301 
PRO HB3  H  N N 302 
PRO HG2  H  N N 303 
PRO HG3  H  N N 304 
PRO HD2  H  N N 305 
PRO HD3  H  N N 306 
PRO HXT  H  N N 307 
SER N    N  N N 308 
SER CA   C  N S 309 
SER C    C  N N 310 
SER O    O  N N 311 
SER CB   C  N N 312 
SER OG   O  N N 313 
SER OXT  O  N N 314 
SER H    H  N N 315 
SER H2   H  N N 316 
SER HA   H  N N 317 
SER HB2  H  N N 318 
SER HB3  H  N N 319 
SER HG   H  N N 320 
SER HXT  H  N N 321 
THR N    N  N N 322 
THR CA   C  N S 323 
THR C    C  N N 324 
THR O    O  N N 325 
THR CB   C  N R 326 
THR OG1  O  N N 327 
THR CG2  C  N N 328 
THR OXT  O  N N 329 
THR H    H  N N 330 
THR H2   H  N N 331 
THR HA   H  N N 332 
THR HB   H  N N 333 
THR HG1  H  N N 334 
THR HG21 H  N N 335 
THR HG22 H  N N 336 
THR HG23 H  N N 337 
THR HXT  H  N N 338 
TYR N    N  N N 339 
TYR CA   C  N S 340 
TYR C    C  N N 341 
TYR O    O  N N 342 
TYR CB   C  N N 343 
TYR CG   C  Y N 344 
TYR CD1  C  Y N 345 
TYR CD2  C  Y N 346 
TYR CE1  C  Y N 347 
TYR CE2  C  Y N 348 
TYR CZ   C  Y N 349 
TYR OH   O  N N 350 
TYR OXT  O  N N 351 
TYR H    H  N N 352 
TYR H2   H  N N 353 
TYR HA   H  N N 354 
TYR HB2  H  N N 355 
TYR HB3  H  N N 356 
TYR HD1  H  N N 357 
TYR HD2  H  N N 358 
TYR HE1  H  N N 359 
TYR HE2  H  N N 360 
TYR HH   H  N N 361 
TYR HXT  H  N N 362 
VAL N    N  N N 363 
VAL CA   C  N S 364 
VAL C    C  N N 365 
VAL O    O  N N 366 
VAL CB   C  N N 367 
VAL CG1  C  N N 368 
VAL CG2  C  N N 369 
VAL OXT  O  N N 370 
VAL H    H  N N 371 
VAL H2   H  N N 372 
VAL HA   H  N N 373 
VAL HB   H  N N 374 
VAL HG11 H  N N 375 
VAL HG12 H  N N 376 
VAL HG13 H  N N 377 
VAL HG21 H  N N 378 
VAL HG22 H  N N 379 
VAL HG23 H  N N 380 
VAL HXT  H  N N 381 
# 
loop_
_chem_comp_bond.comp_id 
_chem_comp_bond.atom_id_1 
_chem_comp_bond.atom_id_2 
_chem_comp_bond.value_order 
_chem_comp_bond.pdbx_aromatic_flag 
_chem_comp_bond.pdbx_stereo_config 
_chem_comp_bond.pdbx_ordinal 
ALA N   CA   sing N N 1   
ALA N   H    sing N N 2   
ALA N   H2   sing N N 3   
ALA CA  C    sing N N 4   
ALA CA  CB   sing N N 5   
ALA CA  HA   sing N N 6   
ALA C   O    doub N N 7   
ALA C   OXT  sing N N 8   
ALA CB  HB1  sing N N 9   
ALA CB  HB2  sing N N 10  
ALA CB  HB3  sing N N 11  
ALA OXT HXT  sing N N 12  
ARG N   CA   sing N N 13  
ARG N   H    sing N N 14  
ARG N   H2   sing N N 15  
ARG CA  C    sing N N 16  
ARG CA  CB   sing N N 17  
ARG CA  HA   sing N N 18  
ARG C   O    doub N N 19  
ARG C   OXT  sing N N 20  
ARG CB  CG   sing N N 21  
ARG CB  HB2  sing N N 22  
ARG CB  HB3  sing N N 23  
ARG CG  CD   sing N N 24  
ARG CG  HG2  sing N N 25  
ARG CG  HG3  sing N N 26  
ARG CD  NE   sing N N 27  
ARG CD  HD2  sing N N 28  
ARG CD  HD3  sing N N 29  
ARG NE  CZ   sing N N 30  
ARG NE  HE   sing N N 31  
ARG CZ  NH1  sing N N 32  
ARG CZ  NH2  doub N N 33  
ARG NH1 HH11 sing N N 34  
ARG NH1 HH12 sing N N 35  
ARG NH2 HH21 sing N N 36  
ARG NH2 HH22 sing N N 37  
ARG OXT HXT  sing N N 38  
ASN N   CA   sing N N 39  
ASN N   H    sing N N 40  
ASN N   H2   sing N N 41  
ASN CA  C    sing N N 42  
ASN CA  CB   sing N N 43  
ASN CA  HA   sing N N 44  
ASN C   O    doub N N 45  
ASN C   OXT  sing N N 46  
ASN CB  CG   sing N N 47  
ASN CB  HB2  sing N N 48  
ASN CB  HB3  sing N N 49  
ASN CG  OD1  doub N N 50  
ASN CG  ND2  sing N N 51  
ASN ND2 HD21 sing N N 52  
ASN ND2 HD22 sing N N 53  
ASN OXT HXT  sing N N 54  
ASP N   CA   sing N N 55  
ASP N   H    sing N N 56  
ASP N   H2   sing N N 57  
ASP CA  C    sing N N 58  
ASP CA  CB   sing N N 59  
ASP CA  HA   sing N N 60  
ASP C   O    doub N N 61  
ASP C   OXT  sing N N 62  
ASP CB  CG   sing N N 63  
ASP CB  HB2  sing N N 64  
ASP CB  HB3  sing N N 65  
ASP CG  OD1  doub N N 66  
ASP CG  OD2  sing N N 67  
ASP OD2 HD2  sing N N 68  
ASP OXT HXT  sing N N 69  
BEN C1  C2   doub Y N 70  
BEN C1  C6   sing Y N 71  
BEN C1  C    sing N N 72  
BEN C2  C3   sing Y N 73  
BEN C2  H2   sing N N 74  
BEN C3  C4   doub Y N 75  
BEN C3  H3   sing N N 76  
BEN C4  C5   sing Y N 77  
BEN C4  H4   sing N N 78  
BEN C5  C6   doub Y N 79  
BEN C5  H5   sing N N 80  
BEN C6  H6   sing N N 81  
BEN C   N1   doub N E 82  
BEN C   N2   sing N N 83  
BEN N1  HN1  sing N N 84  
BEN N2  HN21 sing N N 85  
BEN N2  HN22 sing N N 86  
CYS N   CA   sing N N 87  
CYS N   H    sing N N 88  
CYS N   H2   sing N N 89  
CYS CA  C    sing N N 90  
CYS CA  CB   sing N N 91  
CYS CA  HA   sing N N 92  
CYS C   O    doub N N 93  
CYS C   OXT  sing N N 94  
CYS CB  SG   sing N N 95  
CYS CB  HB2  sing N N 96  
CYS CB  HB3  sing N N 97  
CYS SG  HG   sing N N 98  
CYS OXT HXT  sing N N 99  
GLN N   CA   sing N N 100 
GLN N   H    sing N N 101 
GLN N   H2   sing N N 102 
GLN CA  C    sing N N 103 
GLN CA  CB   sing N N 104 
GLN CA  HA   sing N N 105 
GLN C   O    doub N N 106 
GLN C   OXT  sing N N 107 
GLN CB  CG   sing N N 108 
GLN CB  HB2  sing N N 109 
GLN CB  HB3  sing N N 110 
GLN CG  CD   sing N N 111 
GLN CG  HG2  sing N N 112 
GLN CG  HG3  sing N N 113 
GLN CD  OE1  doub N N 114 
GLN CD  NE2  sing N N 115 
GLN NE2 HE21 sing N N 116 
GLN NE2 HE22 sing N N 117 
GLN OXT HXT  sing N N 118 
GLU N   CA   sing N N 119 
GLU N   H    sing N N 120 
GLU N   H2   sing N N 121 
GLU CA  C    sing N N 122 
GLU CA  CB   sing N N 123 
GLU CA  HA   sing N N 124 
GLU C   O    doub N N 125 
GLU C   OXT  sing N N 126 
GLU CB  CG   sing N N 127 
GLU CB  HB2  sing N N 128 
GLU CB  HB3  sing N N 129 
GLU CG  CD   sing N N 130 
GLU CG  HG2  sing N N 131 
GLU CG  HG3  sing N N 132 
GLU CD  OE1  doub N N 133 
GLU CD  OE2  sing N N 134 
GLU OE2 HE2  sing N N 135 
GLU OXT HXT  sing N N 136 
GLY N   CA   sing N N 137 
GLY N   H    sing N N 138 
GLY N   H2   sing N N 139 
GLY CA  C    sing N N 140 
GLY CA  HA2  sing N N 141 
GLY CA  HA3  sing N N 142 
GLY C   O    doub N N 143 
GLY C   OXT  sing N N 144 
GLY OXT HXT  sing N N 145 
HIS N   CA   sing N N 146 
HIS N   H    sing N N 147 
HIS N   H2   sing N N 148 
HIS CA  C    sing N N 149 
HIS CA  CB   sing N N 150 
HIS CA  HA   sing N N 151 
HIS C   O    doub N N 152 
HIS C   OXT  sing N N 153 
HIS CB  CG   sing N N 154 
HIS CB  HB2  sing N N 155 
HIS CB  HB3  sing N N 156 
HIS CG  ND1  sing Y N 157 
HIS CG  CD2  doub Y N 158 
HIS ND1 CE1  doub Y N 159 
HIS ND1 HD1  sing N N 160 
HIS CD2 NE2  sing Y N 161 
HIS CD2 HD2  sing N N 162 
HIS CE1 NE2  sing Y N 163 
HIS CE1 HE1  sing N N 164 
HIS NE2 HE2  sing N N 165 
HIS OXT HXT  sing N N 166 
HOH O   H1   sing N N 167 
HOH O   H2   sing N N 168 
ILE N   CA   sing N N 169 
ILE N   H    sing N N 170 
ILE N   H2   sing N N 171 
ILE CA  C    sing N N 172 
ILE CA  CB   sing N N 173 
ILE CA  HA   sing N N 174 
ILE C   O    doub N N 175 
ILE C   OXT  sing N N 176 
ILE CB  CG1  sing N N 177 
ILE CB  CG2  sing N N 178 
ILE CB  HB   sing N N 179 
ILE CG1 CD1  sing N N 180 
ILE CG1 HG12 sing N N 181 
ILE CG1 HG13 sing N N 182 
ILE CG2 HG21 sing N N 183 
ILE CG2 HG22 sing N N 184 
ILE CG2 HG23 sing N N 185 
ILE CD1 HD11 sing N N 186 
ILE CD1 HD12 sing N N 187 
ILE CD1 HD13 sing N N 188 
ILE OXT HXT  sing N N 189 
LEU N   CA   sing N N 190 
LEU N   H    sing N N 191 
LEU N   H2   sing N N 192 
LEU CA  C    sing N N 193 
LEU CA  CB   sing N N 194 
LEU CA  HA   sing N N 195 
LEU C   O    doub N N 196 
LEU C   OXT  sing N N 197 
LEU CB  CG   sing N N 198 
LEU CB  HB2  sing N N 199 
LEU CB  HB3  sing N N 200 
LEU CG  CD1  sing N N 201 
LEU CG  CD2  sing N N 202 
LEU CG  HG   sing N N 203 
LEU CD1 HD11 sing N N 204 
LEU CD1 HD12 sing N N 205 
LEU CD1 HD13 sing N N 206 
LEU CD2 HD21 sing N N 207 
LEU CD2 HD22 sing N N 208 
LEU CD2 HD23 sing N N 209 
LEU OXT HXT  sing N N 210 
LYS N   CA   sing N N 211 
LYS N   H    sing N N 212 
LYS N   H2   sing N N 213 
LYS CA  C    sing N N 214 
LYS CA  CB   sing N N 215 
LYS CA  HA   sing N N 216 
LYS C   O    doub N N 217 
LYS C   OXT  sing N N 218 
LYS CB  CG   sing N N 219 
LYS CB  HB2  sing N N 220 
LYS CB  HB3  sing N N 221 
LYS CG  CD   sing N N 222 
LYS CG  HG2  sing N N 223 
LYS CG  HG3  sing N N 224 
LYS CD  CE   sing N N 225 
LYS CD  HD2  sing N N 226 
LYS CD  HD3  sing N N 227 
LYS CE  NZ   sing N N 228 
LYS CE  HE2  sing N N 229 
LYS CE  HE3  sing N N 230 
LYS NZ  HZ1  sing N N 231 
LYS NZ  HZ2  sing N N 232 
LYS NZ  HZ3  sing N N 233 
LYS OXT HXT  sing N N 234 
MET N   CA   sing N N 235 
MET N   H    sing N N 236 
MET N   H2   sing N N 237 
MET CA  C    sing N N 238 
MET CA  CB   sing N N 239 
MET CA  HA   sing N N 240 
MET C   O    doub N N 241 
MET C   OXT  sing N N 242 
MET CB  CG   sing N N 243 
MET CB  HB2  sing N N 244 
MET CB  HB3  sing N N 245 
MET CG  SD   sing N N 246 
MET CG  HG2  sing N N 247 
MET CG  HG3  sing N N 248 
MET SD  CE   sing N N 249 
MET CE  HE1  sing N N 250 
MET CE  HE2  sing N N 251 
MET CE  HE3  sing N N 252 
MET OXT HXT  sing N N 253 
PHE N   CA   sing N N 254 
PHE N   H    sing N N 255 
PHE N   H2   sing N N 256 
PHE CA  C    sing N N 257 
PHE CA  CB   sing N N 258 
PHE CA  HA   sing N N 259 
PHE C   O    doub N N 260 
PHE C   OXT  sing N N 261 
PHE CB  CG   sing N N 262 
PHE CB  HB2  sing N N 263 
PHE CB  HB3  sing N N 264 
PHE CG  CD1  doub Y N 265 
PHE CG  CD2  sing Y N 266 
PHE CD1 CE1  sing Y N 267 
PHE CD1 HD1  sing N N 268 
PHE CD2 CE2  doub Y N 269 
PHE CD2 HD2  sing N N 270 
PHE CE1 CZ   doub Y N 271 
PHE CE1 HE1  sing N N 272 
PHE CE2 CZ   sing Y N 273 
PHE CE2 HE2  sing N N 274 
PHE CZ  HZ   sing N N 275 
PHE OXT HXT  sing N N 276 
PRO N   CA   sing N N 277 
PRO N   CD   sing N N 278 
PRO N   H    sing N N 279 
PRO CA  C    sing N N 280 
PRO CA  CB   sing N N 281 
PRO CA  HA   sing N N 282 
PRO C   O    doub N N 283 
PRO C   OXT  sing N N 284 
PRO CB  CG   sing N N 285 
PRO CB  HB2  sing N N 286 
PRO CB  HB3  sing N N 287 
PRO CG  CD   sing N N 288 
PRO CG  HG2  sing N N 289 
PRO CG  HG3  sing N N 290 
PRO CD  HD2  sing N N 291 
PRO CD  HD3  sing N N 292 
PRO OXT HXT  sing N N 293 
SER N   CA   sing N N 294 
SER N   H    sing N N 295 
SER N   H2   sing N N 296 
SER CA  C    sing N N 297 
SER CA  CB   sing N N 298 
SER CA  HA   sing N N 299 
SER C   O    doub N N 300 
SER C   OXT  sing N N 301 
SER CB  OG   sing N N 302 
SER CB  HB2  sing N N 303 
SER CB  HB3  sing N N 304 
SER OG  HG   sing N N 305 
SER OXT HXT  sing N N 306 
THR N   CA   sing N N 307 
THR N   H    sing N N 308 
THR N   H2   sing N N 309 
THR CA  C    sing N N 310 
THR CA  CB   sing N N 311 
THR CA  HA   sing N N 312 
THR C   O    doub N N 313 
THR C   OXT  sing N N 314 
THR CB  OG1  sing N N 315 
THR CB  CG2  sing N N 316 
THR CB  HB   sing N N 317 
THR OG1 HG1  sing N N 318 
THR CG2 HG21 sing N N 319 
THR CG2 HG22 sing N N 320 
THR CG2 HG23 sing N N 321 
THR OXT HXT  sing N N 322 
TYR N   CA   sing N N 323 
TYR N   H    sing N N 324 
TYR N   H2   sing N N 325 
TYR CA  C    sing N N 326 
TYR CA  CB   sing N N 327 
TYR CA  HA   sing N N 328 
TYR C   O    doub N N 329 
TYR C   OXT  sing N N 330 
TYR CB  CG   sing N N 331 
TYR CB  HB2  sing N N 332 
TYR CB  HB3  sing N N 333 
TYR CG  CD1  doub Y N 334 
TYR CG  CD2  sing Y N 335 
TYR CD1 CE1  sing Y N 336 
TYR CD1 HD1  sing N N 337 
TYR CD2 CE2  doub Y N 338 
TYR CD2 HD2  sing N N 339 
TYR CE1 CZ   doub Y N 340 
TYR CE1 HE1  sing N N 341 
TYR CE2 CZ   sing Y N 342 
TYR CE2 HE2  sing N N 343 
TYR CZ  OH   sing N N 344 
TYR OH  HH   sing N N 345 
TYR OXT HXT  sing N N 346 
VAL N   CA   sing N N 347 
VAL N   H    sing N N 348 
VAL N   H2   sing N N 349 
VAL CA  C    sing N N 350 
VAL CA  CB   sing N N 351 
VAL CA  HA   sing N N 352 
VAL C   O    doub N N 353 
VAL C   OXT  sing N N 354 
VAL CB  CG1  sing N N 355 
VAL CB  CG2  sing N N 356 
VAL CB  HB   sing N N 357 
VAL CG1 HG11 sing N N 358 
VAL CG1 HG12 sing N N 359 
VAL CG1 HG13 sing N N 360 
VAL CG2 HG21 sing N N 361 
VAL CG2 HG22 sing N N 362 
VAL CG2 HG23 sing N N 363 
VAL OXT HXT  sing N N 364 
# 
_atom_sites.entry_id                    1CC8 
_atom_sites.fract_transf_matrix[1][1]   0.00605037 
_atom_sites.fract_transf_matrix[1][2]   0.00403344 
_atom_sites.fract_transf_matrix[1][3]   0.01803978 
_atom_sites.fract_transf_matrix[2][1]   -0.00079505 
_atom_sites.fract_transf_matrix[2][2]   -0.03290307 
_atom_sites.fract_transf_matrix[2][3]   0.00762331 
_atom_sites.fract_transf_matrix[3][1]   0.02683388 
_atom_sites.fract_transf_matrix[3][2]   0.00009656 
_atom_sites.fract_transf_matrix[3][3]   0.00321533 
_atom_sites.fract_transf_vector[1]      0.259199 
_atom_sites.fract_transf_vector[2]      0.428568 
_atom_sites.fract_transf_vector[3]      0.286755 
# 
loop_
_atom_type.symbol 
C  
HG 
N  
O  
S  
# 
loop_
_atom_site.group_PDB 
_atom_site.id 
_atom_site.type_symbol 
_atom_site.label_atom_id 
_atom_site.label_alt_id 
_atom_site.label_comp_id 
_atom_site.label_asym_id 
_atom_site.label_entity_id 
_atom_site.label_seq_id 
_atom_site.pdbx_PDB_ins_code 
_atom_site.Cartn_x 
_atom_site.Cartn_y 
_atom_site.Cartn_z 
_atom_site.occupancy 
_atom_site.B_iso_or_equiv 
_atom_site.pdbx_formal_charge 
_atom_site.auth_seq_id 
_atom_site.auth_comp_id 
_atom_site.auth_asym_id 
_atom_site.auth_atom_id 
_atom_site.pdbx_PDB_model_num 
ATOM   1   N  N   . ALA A 1 2  ? 12.500  -12.826 9.704   1.00 28.86 ? 2    ALA A N   1 
ATOM   2   C  CA  . ALA A 1 2  ? 12.713  -11.869 8.623   1.00 7.09  ? 2    ALA A CA  1 
ATOM   3   C  C   . ALA A 1 2  ? 11.884  -12.095 7.352   1.00 5.37  ? 2    ALA A C   1 
ATOM   4   O  O   . ALA A 1 2  ? 12.342  -11.881 6.223   1.00 5.46  ? 2    ALA A O   1 
ATOM   5   C  CB  . ALA A 1 2  ? 14.175  -11.976 8.253   1.00 9.53  ? 2    ALA A CB  1 
ATOM   6   N  N   . GLU A 1 3  ? 10.644  -12.553 7.530   1.00 5.21  ? 3    GLU A N   1 
ATOM   7   C  CA  . GLU A 1 3  ? 9.760   -12.754 6.379   1.00 4.69  ? 3    GLU A CA  1 
ATOM   8   C  C   . GLU A 1 3  ? 9.436   -11.437 5.694   1.00 4.64  ? 3    GLU A C   1 
ATOM   9   O  O   . GLU A 1 3  ? 9.059   -10.465 6.366   1.00 5.46  ? 3    GLU A O   1 
ATOM   10  C  CB  . GLU A 1 3  ? 8.472   -13.480 6.782   1.00 5.64  ? 3    GLU A CB  1 
ATOM   11  C  CG  . GLU A 1 3  ? 7.624   -13.748 5.532   1.00 5.94  ? 3    GLU A CG  1 
ATOM   12  C  CD  . GLU A 1 3  ? 6.296   -14.405 5.649   1.00 7.46  ? 3    GLU A CD  1 
ATOM   13  O  OE1 . GLU A 1 3  ? 5.824   -14.559 6.805   1.00 9.12  ? 3    GLU A OE1 1 
ATOM   14  O  OE2 . GLU A 1 3  ? 5.683   -14.708 4.584   1.00 9.19  ? 3    GLU A OE2 1 
ATOM   15  N  N   . ILE A 1 4  ? 9.533   -11.429 4.352   1.00 4.55  ? 4    ILE A N   1 
ATOM   16  C  CA  . ILE A 1 4  ? 9.038   -10.327 3.532   1.00 4.41  ? 4    ILE A CA  1 
ATOM   17  C  C   . ILE A 1 4  ? 7.663   -10.742 3.013   1.00 3.83  ? 4    ILE A C   1 
ATOM   18  O  O   . ILE A 1 4  ? 7.531   -11.589 2.132   1.00 4.78  ? 4    ILE A O   1 
ATOM   19  C  CB  . ILE A 1 4  ? 9.976   -9.999  2.352   1.00 4.48  ? 4    ILE A CB  1 
ATOM   20  C  CG1 . ILE A 1 4  ? 11.386  -9.629  2.890   1.00 6.39  ? 4    ILE A CG1 1 
ATOM   21  C  CG2 . ILE A 1 4  ? 9.395   -8.878  1.499   1.00 5.34  ? 4    ILE A CG2 1 
ATOM   22  C  CD1 . ILE A 1 4  ? 12.350  -9.358  1.771   1.00 7.37  ? 4    ILE A CD1 1 
ATOM   23  N  N   . LYS A 1 5  ? 6.631   -10.191 3.659   1.00 3.51  ? 5    LYS A N   1 
ATOM   24  C  CA  . LYS A 1 5  ? 5.238   -10.511 3.345   1.00 4.17  ? 5    LYS A CA  1 
ATOM   25  C  C   . LYS A 1 5  ? 4.773   -9.716  2.125   1.00 3.86  ? 5    LYS A C   1 
ATOM   26  O  O   . LYS A 1 5  ? 5.328   -8.669  1.803   1.00 5.26  ? 5    LYS A O   1 
ATOM   27  C  CB  . LYS A 1 5  ? 4.367   -10.235 4.598   1.00 5.00  ? 5    LYS A CB  1 
ATOM   28  C  CG  . LYS A 1 5  ? 4.662   -11.177 5.738   1.00 10.43 ? 5    LYS A CG  1 
ATOM   29  C  CD  . LYS A 1 5  ? 4.147   -10.896 7.098   1.00 14.61 ? 5    LYS A CD  1 
ATOM   30  C  CE  . LYS A 1 5  ? 4.961   -9.902  7.887   1.00 19.41 ? 5    LYS A CE  1 
ATOM   31  N  NZ  . LYS A 1 5  ? 5.513   -8.792  7.062   1.00 38.72 ? 5    LYS A NZ  1 
ATOM   32  N  N   . HIS A 1 6  ? 3.756   -10.246 1.450   1.00 4.20  ? 6    HIS A N   1 
ATOM   33  C  CA  . HIS A 1 6  ? 3.082   -9.619  0.318   1.00 3.60  ? 6    HIS A CA  1 
ATOM   34  C  C   . HIS A 1 6  ? 1.639   -9.262  0.718   1.00 3.74  ? 6    HIS A C   1 
ATOM   35  O  O   . HIS A 1 6  ? 0.843   -10.170 0.956   1.00 4.69  ? 6    HIS A O   1 
ATOM   36  C  CB  . HIS A 1 6  ? 3.087   -10.496 -0.928  1.00 4.74  ? 6    HIS A CB  1 
ATOM   37  C  CG  . HIS A 1 6  ? 2.418   -9.970  -2.155  1.00 4.34  ? 6    HIS A CG  1 
ATOM   38  N  ND1 . HIS A 1 6  ? 1.806   -8.775  -2.401  1.00 5.78  ? 6    HIS A ND1 1 
ATOM   39  C  CD2 . HIS A 1 6  ? 2.326   -10.653 -3.341  1.00 4.30  ? 6    HIS A CD2 1 
ATOM   40  C  CE1 . HIS A 1 6  ? 1.344   -8.813  -3.665  1.00 4.14  ? 6    HIS A CE1 1 
ATOM   41  N  NE2 . HIS A 1 6  ? 1.665   -9.927  -4.266  1.00 6.28  ? 6    HIS A NE2 1 
ATOM   42  N  N   . TYR A 1 7  ? 1.335   -7.973  0.798   1.00 3.70  ? 7    TYR A N   1 
ATOM   43  C  CA  . TYR A 1 7  ? -0.025  -7.513  1.043   1.00 3.68  ? 7    TYR A CA  1 
ATOM   44  C  C   . TYR A 1 7  ? -0.558  -6.860  -0.243  1.00 3.44  ? 7    TYR A C   1 
ATOM   45  O  O   . TYR A 1 7  ? 0.189   -6.224  -0.981  1.00 4.30  ? 7    TYR A O   1 
ATOM   46  C  CB  . TYR A 1 7  ? -0.048  -6.505  2.209   1.00 4.48  ? 7    TYR A CB  1 
ATOM   47  C  CG  . TYR A 1 7  ? 0.671   -6.929  3.473   1.00 4.07  ? 7    TYR A CG  1 
ATOM   48  C  CD1 . TYR A 1 7  ? 0.620   -8.226  3.970   1.00 4.66  ? 7    TYR A CD1 1 
ATOM   49  C  CD2 . TYR A 1 7  ? 1.389   -6.015  4.250   1.00 4.94  ? 7    TYR A CD2 1 
ATOM   50  C  CE1 . TYR A 1 7  ? 1.249   -8.610  5.142   1.00 4.54  ? 7    TYR A CE1 1 
ATOM   51  C  CE2 . TYR A 1 7  ? 2.062   -6.373  5.415   1.00 4.87  ? 7    TYR A CE2 1 
ATOM   52  C  CZ  . TYR A 1 7  ? 2.004   -7.677  5.861   1.00 4.69  ? 7    TYR A CZ  1 
ATOM   53  O  OH  . TYR A 1 7  ? 2.672   -8.064  7.013   1.00 5.73  ? 7    TYR A OH  1 
ATOM   54  N  N   . GLN A 1 8  ? -1.848  -7.057  -0.506  1.00 4.23  ? 8    GLN A N   1 
ATOM   55  C  CA  . GLN A 1 8  ? -2.501  -6.476  -1.668  1.00 4.23  ? 8    GLN A CA  1 
ATOM   56  C  C   . GLN A 1 8  ? -3.771  -5.754  -1.248  1.00 4.30  ? 8    GLN A C   1 
ATOM   57  O  O   . GLN A 1 8  ? -4.580  -6.367  -0.568  1.00 6.24  ? 8    GLN A O   1 
ATOM   58  C  CB  . GLN A 1 8  ? -2.798  -7.533  -2.735  1.00 5.22  ? 8    GLN A CB  1 
ATOM   59  C  CG  . GLN A 1 8  ? -3.399  -6.990  -4.036  1.00 6.71  ? 8    GLN A CG  1 
ATOM   60  C  CD  . GLN A 1 8  ? -3.557  -8.097  -5.059  1.00 7.46  ? 8    GLN A CD  1 
ATOM   61  O  OE1 . GLN A 1 8  ? -2.624  -8.434  -5.823  1.00 11.25 ? 8    GLN A OE1 1 
ATOM   62  N  NE2 . GLN A 1 8  ? -4.718  -8.707  -5.069  1.00 10.93 ? 8    GLN A NE2 1 
ATOM   63  N  N   . PHE A 1 9  ? -3.933  -4.528  -1.727  1.00 3.95  ? 9    PHE A N   1 
ATOM   64  C  CA  . PHE A 1 9  ? -5.087  -3.690  -1.368  1.00 4.45  ? 9    PHE A CA  1 
ATOM   65  C  C   . PHE A 1 9  ? -5.771  -3.179  -2.634  1.00 4.13  ? 9    PHE A C   1 
ATOM   66  O  O   . PHE A 1 9  ? -5.113  -2.772  -3.581  1.00 5.48  ? 9    PHE A O   1 
ATOM   67  C  CB  . PHE A 1 9  ? -4.610  -2.502  -0.520  1.00 4.49  ? 9    PHE A CB  1 
ATOM   68  C  CG  . PHE A 1 9  ? -3.833  -2.891  0.723   1.00 4.88  ? 9    PHE A CG  1 
ATOM   69  C  CD1 . PHE A 1 9  ? -4.453  -3.253  1.920   1.00 5.28  ? 9    PHE A CD1 1 
ATOM   70  C  CD2 . PHE A 1 9  ? -2.441  -2.906  0.682   1.00 5.24  ? 9    PHE A CD2 1 
ATOM   71  C  CE1 . PHE A 1 9  ? -3.698  -3.609  3.020   1.00 6.64  ? 9    PHE A CE1 1 
ATOM   72  C  CE2 . PHE A 1 9  ? -1.698  -3.233  1.785   1.00 5.56  ? 9    PHE A CE2 1 
ATOM   73  C  CZ  . PHE A 1 9  ? -2.314  -3.626  2.956   1.00 5.81  ? 9    PHE A CZ  1 
ATOM   74  N  N   . ASN A 1 10 ? -7.097  -3.131  -2.628  1.00 4.40  ? 10   ASN A N   1 
ATOM   75  C  CA  . ASN A 1 10 ? -7.883  -2.408  -3.627  1.00 4.49  ? 10   ASN A CA  1 
ATOM   76  C  C   . ASN A 1 10 ? -8.106  -0.997  -3.065  1.00 4.59  ? 10   ASN A C   1 
ATOM   77  O  O   . ASN A 1 10 ? -8.804  -0.857  -2.048  1.00 5.32  ? 10   ASN A O   1 
ATOM   78  C  CB  . ASN A 1 10 ? -9.198  -3.126  -3.920  1.00 5.76  ? 10   ASN A CB  1 
ATOM   79  C  CG  . ASN A 1 10 ? -10.133 -2.442  -4.889  1.00 6.05  ? 10   ASN A CG  1 
ATOM   80  O  OD1 . ASN A 1 10 ? -9.778  -1.624  -5.758  1.00 7.78  ? 10   ASN A OD1 1 
ATOM   81  N  ND2 . ASN A 1 10 ? -11.406 -2.767  -4.735  1.00 7.65  ? 10   ASN A ND2 1 
ATOM   82  N  N   . VAL A 1 11 ? -7.438  -0.033  -3.670  1.00 4.41  ? 11   VAL A N   1 
ATOM   83  C  CA  . VAL A 1 11 ? -7.440  1.355   -3.211  1.00 4.79  ? 11   VAL A CA  1 
ATOM   84  C  C   . VAL A 1 11 ? -7.985  2.219   -4.346  1.00 4.57  ? 11   VAL A C   1 
ATOM   85  O  O   . VAL A 1 11 ? -7.563  2.075   -5.507  1.00 4.84  ? 11   VAL A O   1 
ATOM   86  C  CB  . VAL A 1 11 ? -6.026  1.846   -2.802  1.00 5.11  ? 11   VAL A CB  1 
ATOM   87  C  CG1 . VAL A 1 11 ? -6.105  3.237   -2.205  1.00 5.76  ? 11   VAL A CG1 1 
ATOM   88  C  CG2 . VAL A 1 11 ? -5.379  0.895   -1.806  1.00 5.19  ? 11   VAL A CG2 1 
ATOM   89  N  N   . VAL A 1 12 ? -8.960  3.077   -4.015  1.00 5.69  ? 12   VAL A N   1 
ATOM   90  C  CA  . VAL A 1 12 ? -9.538  3.974   -5.024  1.00 5.14  ? 12   VAL A CA  1 
ATOM   91  C  C   . VAL A 1 12 ? -8.567  5.107   -5.328  1.00 4.76  ? 12   VAL A C   1 
ATOM   92  O  O   . VAL A 1 12 ? -8.207  5.893   -4.441  1.00 6.29  ? 12   VAL A O   1 
ATOM   93  C  CB  . VAL A 1 12 ? -10.882 4.528   -4.546  1.00 5.87  ? 12   VAL A CB  1 
ATOM   94  C  CG1 . VAL A 1 12 ? -11.480 5.433   -5.625  1.00 7.21  ? 12   VAL A CG1 1 
ATOM   95  C  CG2 . VAL A 1 12 ? -11.813 3.377   -4.213  1.00 7.08  ? 12   VAL A CG2 1 
ATOM   96  N  N   . MET A 1 13 ? -8.143  5.145   -6.591  1.00 4.92  ? 13   MET A N   1 
ATOM   97  C  CA  . MET A 1 13 ? -7.125  6.103   -7.008  1.00 5.27  ? 13   MET A CA  1 
ATOM   98  C  C   . MET A 1 13 ? -7.535  6.739   -8.338  1.00 5.44  ? 13   MET A C   1 
ATOM   99  O  O   . MET A 1 13 ? -7.590  6.111   -9.399  1.00 6.39  ? 13   MET A O   1 
ATOM   100 C  CB  . MET A 1 13 ? -5.790  5.357   -7.171  1.00 5.36  ? 13   MET A CB  1 
ATOM   101 C  CG  . MET A 1 13 ? -5.253  4.802   -5.862  1.00 5.58  ? 13   MET A CG  1 
ATOM   102 S  SD  . MET A 1 13 ? -3.772  3.788   -6.027  1.00 6.11  ? 13   MET A SD  1 
ATOM   103 C  CE  . MET A 1 13 ? -4.425  2.363   -6.909  1.00 5.55  ? 13   MET A CE  1 
ATOM   104 N  N   . THR A 1 14 ? -7.969  8.009   -8.277  1.00 6.28  ? 14   THR A N   1 
ATOM   105 C  CA  . THR A 1 14 ? -8.647  8.628   -9.412  1.00 7.51  ? 14   THR A CA  1 
ATOM   106 C  C   . THR A 1 14 ? -7.682  9.269   -10.407 1.00 8.27  ? 14   THR A C   1 
ATOM   107 O  O   . THR A 1 14 ? -8.104  9.667   -11.498 1.00 10.62 ? 14   THR A O   1 
ATOM   108 C  CB  . THR A 1 14 ? -9.642  9.712   -8.907  1.00 8.43  ? 14   THR A CB  1 
ATOM   109 O  OG1 . THR A 1 14 ? -8.903  10.776  -8.283  1.00 10.67 ? 14   THR A OG1 1 
ATOM   110 C  CG2 . THR A 1 14 ? -10.584 9.137   -7.866  1.00 10.68 ? 14   THR A CG2 1 
ATOM   111 N  N   . CYS A 1 15 ? -6.445  9.456   -9.974  1.00 8.39  ? 15   CYS A N   1 
ATOM   112 C  CA  . CYS A 1 15 ? -5.429  10.164  -10.734 1.00 9.33  ? 15   CYS A CA  1 
ATOM   113 C  C   . CYS A 1 15 ? -4.055  9.799   -10.174 1.00 8.05  ? 15   CYS A C   1 
ATOM   114 O  O   . CYS A 1 15 ? -3.987  9.198   -9.089  1.00 6.65  ? 15   CYS A O   1 
ATOM   115 C  CB  . CYS A 1 15 ? -5.671  11.663  -10.719 1.00 10.10 ? 15   CYS A CB  1 
ATOM   116 S  SG  . CYS A 1 15 ? -5.224  12.630  -9.260  1.00 10.15 ? 15   CYS A SG  1 
ATOM   117 N  N   . SER A 1 16 ? -3.009  10.248  -10.855 1.00 8.76  ? 16   SER A N   1 
ATOM   118 C  CA  . SER A 1 16 ? -1.657  10.017  -10.346 1.00 8.96  ? 16   SER A CA  1 
ATOM   119 C  C   . SER A 1 16 ? -1.364  10.614  -8.975  1.00 7.75  ? 16   SER A C   1 
ATOM   120 O  O   . SER A 1 16 ? -0.437  10.177  -8.271  1.00 9.28  ? 16   SER A O   1 
ATOM   121 C  CB  . SER A 1 16 ? -0.623  10.528  -11.355 1.00 9.60  ? 16   SER A CB  1 
ATOM   122 O  OG  . SER A 1 16 ? -0.689  11.952  -11.489 1.00 11.11 ? 16   SER A OG  1 
ATOM   123 N  N   . GLY A 1 17 ? -2.118  11.626  -8.541  1.00 7.54  ? 17   GLY A N   1 
ATOM   124 C  CA  . GLY A 1 17 ? -1.939  12.173  -7.209  1.00 8.10  ? 17   GLY A CA  1 
ATOM   125 C  C   . GLY A 1 17 ? -2.327  11.201  -6.117  1.00 7.08  ? 17   GLY A C   1 
ATOM   126 O  O   . GLY A 1 17 ? -1.835  11.223  -4.983  1.00 8.01  ? 17   GLY A O   1 
ATOM   127 N  N   . CYS A 1 18 ? -3.279  10.315  -6.419  1.00 6.44  ? 18   CYS A N   1 
ATOM   128 C  CA  . CYS A 1 18 ? -3.737  9.322   -5.441  1.00 5.96  ? 18   CYS A CA  1 
ATOM   129 C  C   . CYS A 1 18 ? -2.705  8.227   -5.268  1.00 5.04  ? 18   CYS A C   1 
ATOM   130 O  O   . CYS A 1 18 ? -2.431  7.762   -4.141  1.00 6.10  ? 18   CYS A O   1 
ATOM   131 C  CB  . CYS A 1 18 ? -5.095  8.754   -5.829  1.00 6.15  ? 18   CYS A CB  1 
ATOM   132 S  SG  . CYS A 1 18 ? -6.465  9.918   -5.703  1.00 7.81  ? 18   CYS A SG  1 
ATOM   133 N  N   . SER A 1 19 ? -2.197  7.698   -6.382  1.00 6.33  ? 19   SER A N   1 
ATOM   134 C  CA  . SER A 1 19 ? -1.061  6.773   -6.284  1.00 6.04  ? 19   SER A CA  1 
ATOM   135 C  C   . SER A 1 19 ? 0.102   7.425   -5.547  1.00 5.93  ? 19   SER A C   1 
ATOM   136 O  O   . SER A 1 19 ? 0.789   6.780   -4.754  1.00 6.00  ? 19   SER A O   1 
ATOM   137 C  CB  . SER A 1 19 ? -0.703  6.245   -7.666  1.00 7.59  ? 19   SER A CB  1 
ATOM   138 O  OG  . SER A 1 19 ? -0.500  7.266   -8.599  1.00 11.58 ? 19   SER A OG  1 
ATOM   139 N  N   . GLY A 1 20 ? 0.326   8.715   -5.780  1.00 6.30  ? 20   GLY A N   1 
ATOM   140 C  CA  . GLY A 1 20 ? 1.387   9.424   -5.084  1.00 6.25  ? 20   GLY A CA  1 
ATOM   141 C  C   . GLY A 1 20 ? 1.190   9.507   -3.582  1.00 4.99  ? 20   GLY A C   1 
ATOM   142 O  O   . GLY A 1 20 ? 2.118   9.352   -2.788  1.00 5.60  ? 20   GLY A O   1 
ATOM   143 N  N   . ALA A 1 21 ? -0.044  9.736   -3.139  1.00 5.53  ? 21   ALA A N   1 
ATOM   144 C  CA  . ALA A 1 21 ? -0.327  9.784   -1.697  1.00 5.58  ? 21   ALA A CA  1 
ATOM   145 C  C   . ALA A 1 21 ? -0.002  8.467   -1.008  1.00 5.14  ? 21   ALA A C   1 
ATOM   146 O  O   . ALA A 1 21 ? 0.561   8.412   0.098   1.00 6.37  ? 21   ALA A O   1 
ATOM   147 C  CB  . ALA A 1 21 ? -1.801  10.144  -1.485  1.00 7.58  ? 21   ALA A CB  1 
ATOM   148 N  N   . VAL A 1 22 ? -0.360  7.375   -1.688  1.00 5.02  ? 22   VAL A N   1 
ATOM   149 C  CA  . VAL A 1 22 ? -0.123  6.029   -1.154  1.00 4.77  ? 22   VAL A CA  1 
ATOM   150 C  C   . VAL A 1 22 ? 1.372   5.724   -1.119  1.00 4.59  ? 22   VAL A C   1 
ATOM   151 O  O   . VAL A 1 22 ? 1.919   5.263   -0.101  1.00 5.27  ? 22   VAL A O   1 
ATOM   152 C  CB  . VAL A 1 22 ? -0.886  4.963   -1.960  1.00 5.94  ? 22   VAL A CB  1 
ATOM   153 C  CG1 . VAL A 1 22 ? -0.494  3.570   -1.485  1.00 7.21  ? 22   VAL A CG1 1 
ATOM   154 C  CG2 . VAL A 1 22 ? -2.395  5.175   -1.829  1.00 7.21  ? 22   VAL A CG2 1 
ATOM   155 N  N   . ASN A 1 23 ? 2.041   5.991   -2.262  1.00 4.92  ? 23   ASN A N   1 
ATOM   156 C  CA  . ASN A 1 23 ? 3.502   5.840   -2.295  1.00 5.51  ? 23   ASN A CA  1 
ATOM   157 C  C   . ASN A 1 23 ? 4.158   6.580   -1.128  1.00 5.44  ? 23   ASN A C   1 
ATOM   158 O  O   . ASN A 1 23 ? 5.062   6.029   -0.462  1.00 5.52  ? 23   ASN A O   1 
ATOM   159 C  CB  . ASN A 1 23 ? 4.077   6.309   -3.632  1.00 5.64  ? 23   ASN A CB  1 
ATOM   160 C  CG  . ASN A 1 23 ? 5.603   6.234   -3.724  1.00 6.65  ? 23   ASN A CG  1 
ATOM   161 O  OD1 . ASN A 1 23 ? 6.169   5.148   -3.789  1.00 10.39 ? 23   ASN A OD1 1 
ATOM   162 N  ND2 . ASN A 1 23 ? 6.249   7.374   -3.641  1.00 8.82  ? 23   ASN A ND2 1 
ATOM   163 N  N   . LYS A 1 24 ? 3.756   7.823   -0.881  1.00 5.51  ? 24   LYS A N   1 
ATOM   164 C  CA  . LYS A 1 24 ? 4.430   8.643   0.118   1.00 6.02  ? 24   LYS A CA  1 
ATOM   165 C  C   . LYS A 1 24 ? 4.450   7.987   1.504   1.00 5.39  ? 24   LYS A C   1 
ATOM   166 O  O   . LYS A 1 24 ? 5.480   7.948   2.167   1.00 5.77  ? 24   LYS A O   1 
ATOM   167 C  CB  . LYS A 1 24 ? 3.840   10.027  0.228   1.00 7.49  ? 24   LYS A CB  1 
ATOM   168 C  CG  . LYS A 1 24 ? 4.581   10.962  1.181   1.00 13.79 ? 24   LYS A CG  1 
ATOM   169 C  CD  . LYS A 1 24 ? 3.622   11.943  1.823   1.00 21.11 ? 24   LYS A CD  1 
ATOM   170 C  CE  . LYS A 1 24 ? 2.959   12.839  0.784   1.00 23.71 ? 24   LYS A CE  1 
ATOM   171 N  NZ  . LYS A 1 24 ? 3.850   14.002  0.526   1.00 19.24 ? 24   LYS A NZ  1 
ATOM   172 N  N   . VAL A 1 25 ? 3.304   7.448   1.944   1.00 5.74  ? 25   VAL A N   1 
ATOM   173 C  CA  . VAL A 1 25 ? 3.283   6.920   3.308   1.00 6.80  ? 25   VAL A CA  1 
ATOM   174 C  C   . VAL A 1 25 ? 4.161   5.677   3.410   1.00 5.58  ? 25   VAL A C   1 
ATOM   175 O  O   . VAL A 1 25 ? 4.785   5.430   4.437   1.00 6.67  ? 25   VAL A O   1 
ATOM   176 C  CB  . VAL A 1 25 ? 1.866   6.732   3.822   1.00 9.44  ? 25   VAL A CB  1 
ATOM   177 C  CG1 . VAL A 1 25 ? 1.039   8.010   3.760   1.00 14.83 ? 25   VAL A CG1 1 
ATOM   178 C  CG2 . VAL A 1 25 ? 1.126   5.621   3.126   1.00 13.52 ? 25   VAL A CG2 1 
ATOM   179 N  N   . LEU A 1 26 ? 4.316   4.952   2.289   1.00 5.40  ? 26   LEU A N   1 
ATOM   180 C  CA  . LEU A 1 26 ? 5.141   3.768   2.257   1.00 5.73  ? 26   LEU A CA  1 
ATOM   181 C  C   . LEU A 1 26 ? 6.624   4.117   2.236   1.00 4.54  ? 26   LEU A C   1 
ATOM   182 O  O   . LEU A 1 26 ? 7.440   3.417   2.846   1.00 5.61  ? 26   LEU A O   1 
ATOM   183 C  CB  . LEU A 1 26 ? 4.670   2.845   1.130   1.00 6.79  ? 26   LEU A CB  1 
ATOM   184 C  CG  . LEU A 1 26 ? 3.208   2.366   1.239   1.00 7.50  ? 26   LEU A CG  1 
ATOM   185 C  CD1 . LEU A 1 26 ? 2.694   1.740   -0.033  1.00 8.21  ? 26   LEU A CD1 1 
ATOM   186 C  CD2 . LEU A 1 26 ? 3.105   1.384   2.399   1.00 13.14 ? 26   LEU A CD2 1 
ATOM   187 N  N   . THR A 1 27 ? 7.004   5.226   1.612   1.00 4.84  ? 27   THR A N   1 
ATOM   188 C  CA  . THR A 1 27 ? 8.375   5.686   1.627   1.00 4.91  ? 27   THR A CA  1 
ATOM   189 C  C   . THR A 1 27 ? 8.844   5.985   3.062   1.00 5.26  ? 27   THR A C   1 
ATOM   190 O  O   . THR A 1 27 ? 10.023  5.824   3.376   1.00 7.27  ? 27   THR A O   1 
ATOM   191 C  CB  . THR A 1 27 ? 8.637   6.898   0.724   1.00 4.80  ? 27   THR A CB  1 
ATOM   192 O  OG1 . THR A 1 27 ? 8.052   8.102   1.244   1.00 5.86  ? 27   THR A OG1 1 
ATOM   193 C  CG2 . THR A 1 27 ? 8.206   6.613   -0.707  1.00 5.09  ? 27   THR A CG2 1 
ATOM   194 N  N   . LYS A 1 28 ? 7.930   6.408   3.957   1.00 5.15  ? 28   LYS A N   1 
ATOM   195 C  CA  . LYS A 1 28 ? 8.302   6.726   5.348   1.00 5.58  ? 28   LYS A CA  1 
ATOM   196 C  C   . LYS A 1 28 ? 8.594   5.482   6.192   1.00 5.24  ? 28   LYS A C   1 
ATOM   197 O  O   . LYS A 1 28 ? 9.104   5.585   7.325   1.00 6.08  ? 28   LYS A O   1 
ATOM   198 C  CB  . LYS A 1 28 ? 7.197   7.574   5.988   1.00 7.41  ? 28   LYS A CB  1 
ATOM   199 C  CG  . LYS A 1 28 ? 6.999   8.906   5.313   1.00 9.30  ? 28   LYS A CG  1 
ATOM   200 C  CD  . LYS A 1 28 ? 5.836   9.727   5.808   1.00 14.46 ? 28   LYS A CD  1 
ATOM   201 C  CE  . LYS A 1 28 ? 5.650   11.014  5.022   1.00 19.20 ? 28   LYS A CE  1 
ATOM   202 N  NZ  . LYS A 1 28 ? 4.777   11.968  5.757   1.00 21.45 ? 28   LYS A NZ  1 
ATOM   203 N  N   . LEU A 1 29 ? 8.300   4.309   5.631   1.00 4.98  ? 29   LEU A N   1 
ATOM   204 C  CA  . LEU A 1 29 ? 8.509   3.033   6.281   1.00 5.42  ? 29   LEU A CA  1 
ATOM   205 C  C   . LEU A 1 29 ? 9.728   2.273   5.752   1.00 5.33  ? 29   LEU A C   1 
ATOM   206 O  O   . LEU A 1 29 ? 9.996   1.158   6.166   1.00 5.99  ? 29   LEU A O   1 
ATOM   207 C  CB  . LEU A 1 29 ? 7.229   2.203   6.211   1.00 5.37  ? 29   LEU A CB  1 
ATOM   208 C  CG  . LEU A 1 29 ? 5.996   2.926   6.749   1.00 5.54  ? 29   LEU A CG  1 
ATOM   209 C  CD1 . LEU A 1 29 ? 4.787   1.996   6.644   1.00 6.17  ? 29   LEU A CD1 1 
ATOM   210 C  CD2 . LEU A 1 29 ? 6.176   3.419   8.189   1.00 6.36  ? 29   LEU A CD2 1 
ATOM   211 N  N   . GLU A 1 30 ? 10.476  2.920   4.872   1.00 5.99  ? 30   GLU A N   1 
ATOM   212 C  CA  . GLU A 1 30 ? 11.797  2.410   4.519   1.00 6.54  ? 30   GLU A CA  1 
ATOM   213 C  C   . GLU A 1 30 ? 12.645  2.489   5.791   1.00 6.36  ? 30   GLU A C   1 
ATOM   214 O  O   . GLU A 1 30 ? 12.393  3.334   6.663   1.00 8.73  ? 30   GLU A O   1 
ATOM   215 C  CB  . GLU A 1 30 ? 12.360  3.199   3.324   1.00 7.28  ? 30   GLU A CB  1 
ATOM   216 C  CG  . GLU A 1 30 ? 11.617  3.004   2.032   1.00 7.04  ? 30   GLU A CG  1 
ATOM   217 C  CD  . GLU A 1 30 ? 12.175  3.786   0.856   1.00 7.01  ? 30   GLU A CD  1 
ATOM   218 O  OE1 . GLU A 1 30 ? 12.008  5.024   0.832   1.00 12.74 ? 30   GLU A OE1 1 
ATOM   219 O  OE2 . GLU A 1 30 ? 12.745  3.148   -0.061  1.00 7.86  ? 30   GLU A OE2 1 
ATOM   220 N  N   . PRO A 1 31 ? 13.609  1.598   5.986   1.00 7.63  ? 31   PRO A N   1 
ATOM   221 C  CA  . PRO A 1 31 ? 14.061  0.610   5.008   1.00 7.72  ? 31   PRO A CA  1 
ATOM   222 C  C   . PRO A 1 31 ? 13.440  -0.774  5.133   1.00 8.32  ? 31   PRO A C   1 
ATOM   223 O  O   . PRO A 1 31 ? 14.070  -1.752  4.694   1.00 11.06 ? 31   PRO A O   1 
ATOM   224 C  CB  . PRO A 1 31 ? 15.573  0.542   5.320   1.00 11.03 ? 31   PRO A CB  1 
ATOM   225 C  CG  . PRO A 1 31 ? 15.631  0.695   6.812   1.00 13.28 ? 31   PRO A CG  1 
ATOM   226 C  CD  . PRO A 1 31 ? 14.514  1.630   7.153   1.00 11.83 ? 31   PRO A CD  1 
ATOM   227 N  N   . ASP A 1 32 ? 12.202  -0.896  5.618   1.00 6.51  ? 32   ASP A N   1 
ATOM   228 C  CA  . ASP A 1 32 ? 11.539  -2.178  5.778   1.00 6.56  ? 32   ASP A CA  1 
ATOM   229 C  C   . ASP A 1 32 ? 10.395  -2.397  4.800   1.00 6.83  ? 32   ASP A C   1 
ATOM   230 O  O   . ASP A 1 32 ? 9.570   -3.274  5.023   1.00 9.92  ? 32   ASP A O   1 
ATOM   231 C  CB  . ASP A 1 32 ? 11.122  -2.419  7.238   1.00 8.05  ? 32   ASP A CB  1 
ATOM   232 C  CG  . ASP A 1 32 ? 12.338  -2.653  8.126   1.00 11.95 ? 32   ASP A CG  1 
ATOM   233 O  OD1 . ASP A 1 32 ? 13.467  -2.218  7.851   1.00 26.39 ? 32   ASP A OD1 1 
ATOM   234 O  OD2 . ASP A 1 32 ? 12.241  -3.407  9.111   1.00 13.59 ? 32   ASP A OD2 1 
ATOM   235 N  N   . VAL A 1 33 ? 10.360  -1.652  3.707   1.00 7.69  ? 33   VAL A N   1 
ATOM   236 C  CA  . VAL A 1 33 ? 9.468   -1.866  2.556   1.00 7.03  ? 33   VAL A CA  1 
ATOM   237 C  C   . VAL A 1 33 ? 10.322  -2.208  1.353   1.00 6.40  ? 33   VAL A C   1 
ATOM   238 O  O   . VAL A 1 33 ? 11.034  -1.341  0.844   1.00 10.84 ? 33   VAL A O   1 
ATOM   239 C  CB  . VAL A 1 33 ? 8.506   -0.708  2.286   1.00 7.83  ? 33   VAL A CB  1 
ATOM   240 C  CG1 . VAL A 1 33 ? 7.654   -0.951  1.042   1.00 6.88  ? 33   VAL A CG1 1 
ATOM   241 C  CG2 . VAL A 1 33 ? 7.581   -0.536  3.480   1.00 11.39 ? 33   VAL A CG2 1 
ATOM   242 N  N   . SER A 1 34 ? 10.306  -3.444  0.903   1.00 5.62  ? 34   SER A N   1 
ATOM   243 C  CA  . SER A 1 34 ? 11.179  -3.917  -0.162  1.00 6.95  ? 34   SER A CA  1 
ATOM   244 C  C   . SER A 1 34 ? 10.719  -3.519  -1.567  1.00 5.57  ? 34   SER A C   1 
ATOM   245 O  O   . SER A 1 34 ? 11.546  -3.313  -2.476  1.00 7.44  ? 34   SER A O   1 
ATOM   246 C  CB  . SER A 1 34 ? 11.228  -5.460  -0.068  1.00 9.48  ? 34   SER A CB  1 
ATOM   247 O  OG  . SER A 1 34 ? 11.986  -5.923  1.015   1.00 15.95 ? 34   SER A OG  1 
ATOM   248 N  N   . LYS A 1 35 ? 9.422   -3.520  -1.810  1.00 5.14  ? 35   LYS A N   1 
ATOM   249 C  CA  . LYS A 1 35 ? 8.869   -3.264  -3.157  1.00 4.72  ? 35   LYS A CA  1 
ATOM   250 C  C   . LYS A 1 35 ? 7.426   -2.768  -2.974  1.00 4.33  ? 35   LYS A C   1 
ATOM   251 O  O   . LYS A 1 35 ? 6.726   -3.300  -2.112  1.00 4.21  ? 35   LYS A O   1 
ATOM   252 C  CB  . LYS A 1 35 ? 8.859   -4.539  -4.028  1.00 4.66  ? 35   LYS A CB  1 
ATOM   253 C  CG  . LYS A 1 35 ? 8.287   -4.394  -5.422  1.00 6.06  ? 35   LYS A CG  1 
ATOM   254 C  CD  . LYS A 1 35 ? 8.310   -5.633  -6.281  1.00 6.76  ? 35   LYS A CD  1 
ATOM   255 C  CE  . LYS A 1 35 ? 7.869   -5.464  -7.711  1.00 13.41 ? 35   LYS A CE  1 
ATOM   256 N  NZ  . LYS A 1 35 ? 7.526   -6.691  -8.467  1.00 9.20  ? 35   LYS A NZ  1 
ATOM   257 N  N   . ILE A 1 36 ? 7.046   -1.822  -3.823  1.00 3.74  ? 36   ILE A N   1 
ATOM   258 C  CA  . ILE A 1 36 ? 5.636   -1.511  -3.989  1.00 3.98  ? 36   ILE A CA  1 
ATOM   259 C  C   . ILE A 1 36 ? 5.301   -1.532  -5.492  1.00 4.15  ? 36   ILE A C   1 
ATOM   260 O  O   . ILE A 1 36 ? 6.123   -1.164  -6.346  1.00 4.59  ? 36   ILE A O   1 
ATOM   261 C  CB  . ILE A 1 36 ? 5.198   -0.206  -3.318  1.00 5.76  ? 36   ILE A CB  1 
ATOM   262 C  CG1 . ILE A 1 36 ? 5.530   1.047   -4.088  1.00 6.81  ? 36   ILE A CG1 1 
ATOM   263 C  CG2 . ILE A 1 36 ? 5.716   -0.155  -1.890  1.00 7.72  ? 36   ILE A CG2 1 
ATOM   264 C  CD1 . ILE A 1 36 ? 4.856   2.270   -3.478  1.00 8.84  ? 36   ILE A CD1 1 
ATOM   265 N  N   . ASP A 1 37 ? 4.082   -1.962  -5.797  1.00 4.14  ? 37   ASP A N   1 
ATOM   266 C  CA  . ASP A 1 37 ? 3.532   -1.907  -7.170  1.00 4.17  ? 37   ASP A CA  1 
ATOM   267 C  C   . ASP A 1 37 ? 2.173   -1.218  -7.053  1.00 4.49  ? 37   ASP A C   1 
ATOM   268 O  O   . ASP A 1 37 ? 1.347   -1.684  -6.269  1.00 7.38  ? 37   ASP A O   1 
ATOM   269 C  CB  . ASP A 1 37 ? 3.413   -3.264  -7.822  1.00 6.66  ? 37   ASP A CB  1 
ATOM   270 C  CG  . ASP A 1 37 ? 2.962   -3.349  -9.258  1.00 8.48  ? 37   ASP A CG  1 
ATOM   271 O  OD1 . ASP A 1 37 ? 1.904   -2.738  -9.551  1.00 9.80  ? 37   ASP A OD1 1 
ATOM   272 O  OD2 . ASP A 1 37 ? 3.623   -3.937  -10.147 1.00 12.36 ? 37   ASP A OD2 1 
ATOM   273 N  N   . ILE A 1 38 ? 1.966   -0.159  -7.815  1.00 3.96  ? 38   ILE A N   1 
ATOM   274 C  CA  . ILE A 1 38 ? 0.651   0.490   -7.856  1.00 4.50  ? 38   ILE A CA  1 
ATOM   275 C  C   . ILE A 1 38 ? 0.149   0.435   -9.307  1.00 4.86  ? 38   ILE A C   1 
ATOM   276 O  O   . ILE A 1 38 ? 0.855   0.833   -10.247 1.00 6.06  ? 38   ILE A O   1 
ATOM   277 C  CB  . ILE A 1 38 ? 0.681   1.916   -7.289  1.00 4.97  ? 38   ILE A CB  1 
ATOM   278 C  CG1 . ILE A 1 38 ? 1.225   1.953   -5.865  1.00 5.37  ? 38   ILE A CG1 1 
ATOM   279 C  CG2 . ILE A 1 38 ? -0.709  2.529   -7.383  1.00 7.02  ? 38   ILE A CG2 1 
ATOM   280 C  CD1 . ILE A 1 38 ? 1.147   3.274   -5.145  1.00 7.44  ? 38   ILE A CD1 1 
ATOM   281 N  N   . SER A 1 39 ? -1.043  -0.106  -9.517  1.00 5.46  ? 39   SER A N   1 
ATOM   282 C  CA  . SER A 1 39 ? -1.722  -0.140  -10.801 1.00 6.35  ? 39   SER A CA  1 
ATOM   283 C  C   . SER A 1 39 ? -3.032  0.645   -10.767 1.00 5.67  ? 39   SER A C   1 
ATOM   284 O  O   . SER A 1 39 ? -3.987  0.257   -10.100 1.00 6.22  ? 39   SER A O   1 
ATOM   285 C  CB  . SER A 1 39 ? -2.030  -1.581  -11.214 1.00 7.79  ? 39   SER A CB  1 
ATOM   286 O  OG  . SER A 1 39 ? -2.673  -1.530  -12.477 1.00 10.08 ? 39   SER A OG  1 
ATOM   287 N  N   . LEU A 1 40 ? -3.076  1.749   -11.521 1.00 5.93  ? 40   LEU A N   1 
ATOM   288 C  CA  . LEU A 1 40 ? -4.320  2.468   -11.704 1.00 6.41  ? 40   LEU A CA  1 
ATOM   289 C  C   . LEU A 1 40 ? -5.285  1.664   -12.566 1.00 5.70  ? 40   LEU A C   1 
ATOM   290 O  O   . LEU A 1 40 ? -6.499  1.766   -12.358 1.00 5.66  ? 40   LEU A O   1 
ATOM   291 C  CB  . LEU A 1 40 ? -4.094  3.857   -12.302 1.00 7.84  ? 40   LEU A CB  1 
ATOM   292 C  CG  . LEU A 1 40 ? -3.149  4.794   -11.530 1.00 8.63  ? 40   LEU A CG  1 
ATOM   293 C  CD1 . LEU A 1 40 ? -2.921  6.065   -12.333 1.00 11.70 ? 40   LEU A CD1 1 
ATOM   294 C  CD2 . LEU A 1 40 ? -3.765  5.133   -10.193 1.00 11.80 ? 40   LEU A CD2 1 
ATOM   295 N  N   . GLU A 1 41 ? -4.775  0.851   -13.487 1.00 5.81  ? 41   GLU A N   1 
ATOM   296 C  CA  . GLU A 1 41 ? -5.588  0.042   -14.396 1.00 5.95  ? 41   GLU A CA  1 
ATOM   297 C  C   . GLU A 1 41 ? -6.297  -1.125  -13.733 1.00 5.57  ? 41   GLU A C   1 
ATOM   298 O  O   . GLU A 1 41 ? -7.271  -1.630  -14.311 1.00 7.09  ? 41   GLU A O   1 
ATOM   299 C  CB  . GLU A 1 41 ? -4.726  -0.469  -15.567 1.00 8.35  ? 41   GLU A CB  1 
ATOM   300 C  CG  . GLU A 1 41 ? -4.144  0.639   -16.401 1.00 13.01 ? 41   GLU A CG  1 
ATOM   301 C  CD  . GLU A 1 41 ? -2.780  1.174   -16.041 1.00 26.08 ? 41   GLU A CD  1 
ATOM   302 O  OE1 . GLU A 1 41 ? -2.273  1.027   -14.907 1.00 24.65 ? 41   GLU A OE1 1 
ATOM   303 O  OE2 . GLU A 1 41 ? -2.151  1.739   -16.984 1.00 40.32 ? 41   GLU A OE2 1 
ATOM   304 N  N   . LYS A 1 42 ? -5.948  -1.518  -12.526 1.00 5.54  ? 42   LYS A N   1 
ATOM   305 C  CA  . LYS A 1 42 ? -6.520  -2.530  -11.692 1.00 6.26  ? 42   LYS A CA  1 
ATOM   306 C  C   . LYS A 1 42 ? -6.944  -1.980  -10.323 1.00 5.14  ? 42   LYS A C   1 
ATOM   307 O  O   . LYS A 1 42 ? -7.567  -2.691  -9.531  1.00 6.10  ? 42   LYS A O   1 
ATOM   308 C  CB  . LYS A 1 42 ? -5.632  -3.743  -11.554 1.00 7.64  ? 42   LYS A CB  1 
ATOM   309 C  CG  . LYS A 1 42 ? -5.327  -4.508  -12.821 1.00 12.24 ? 42   LYS A CG  1 
ATOM   310 C  CD  . LYS A 1 42 ? -4.598  -5.790  -12.646 1.00 17.13 ? 42   LYS A CD  1 
ATOM   311 C  CE  . LYS A 1 42 ? -5.034  -6.802  -11.629 1.00 26.23 ? 42   LYS A CE  1 
ATOM   312 N  NZ  . LYS A 1 42 ? -6.045  -7.780  -12.110 1.00 38.73 ? 42   LYS A NZ  1 
ATOM   313 N  N   . GLN A 1 43 ? -6.650  -0.728  -10.002 1.00 4.71  ? 43   GLN A N   1 
ATOM   314 C  CA  . GLN A 1 43 ? -6.926  -0.116  -8.714  1.00 4.94  ? 43   GLN A CA  1 
ATOM   315 C  C   . GLN A 1 43 ? -6.348  -0.934  -7.565  1.00 4.22  ? 43   GLN A C   1 
ATOM   316 O  O   . GLN A 1 43 ? -6.951  -1.176  -6.521  1.00 4.55  ? 43   GLN A O   1 
ATOM   317 C  CB  . GLN A 1 43 ? -8.414  0.227   -8.527  1.00 5.01  ? 43   GLN A CB  1 
ATOM   318 C  CG  . GLN A 1 43 ? -8.954  1.172   -9.586  1.00 4.93  ? 43   GLN A CG  1 
ATOM   319 C  CD  . GLN A 1 43 ? -8.671  2.628   -9.306  1.00 5.18  ? 43   GLN A CD  1 
ATOM   320 O  OE1 . GLN A 1 43 ? -9.235  3.176   -8.337  1.00 5.93  ? 43   GLN A OE1 1 
ATOM   321 N  NE2 . GLN A 1 43 ? -7.782  3.241   -10.074 1.00 5.44  ? 43   GLN A NE2 1 
ATOM   322 N  N   . LEU A 1 44 ? -5.091  -1.397  -7.750  1.00 4.97  ? 44   LEU A N   1 
ATOM   323 C  CA  . LEU A 1 44 ? -4.415  -2.274  -6.828  1.00 5.15  ? 44   LEU A CA  1 
ATOM   324 C  C   . LEU A 1 44 ? -3.092  -1.687  -6.330  1.00 4.51  ? 44   LEU A C   1 
ATOM   325 O  O   . LEU A 1 44 ? -2.348  -1.109  -7.120  1.00 6.82  ? 44   LEU A O   1 
ATOM   326 C  CB  . LEU A 1 44 ? -4.136  -3.612  -7.485  1.00 7.77  ? 44   LEU A CB  1 
ATOM   327 C  CG  . LEU A 1 44 ? -5.316  -4.561  -7.687  1.00 8.90  ? 44   LEU A CG  1 
ATOM   328 C  CD1 . LEU A 1 44 ? -4.813  -5.847  -8.341  1.00 17.01 ? 44   LEU A CD1 1 
ATOM   329 C  CD2 . LEU A 1 44 ? -6.005  -4.887  -6.354  1.00 15.20 ? 44   LEU A CD2 1 
ATOM   330 N  N   . VAL A 1 45 ? -2.801  -1.924  -5.052  1.00 4.14  ? 45   VAL A N   1 
ATOM   331 C  CA  . VAL A 1 45 ? -1.547  -1.580  -4.386  1.00 4.23  ? 45   VAL A CA  1 
ATOM   332 C  C   . VAL A 1 45 ? -0.975  -2.876  -3.800  1.00 3.97  ? 45   VAL A C   1 
ATOM   333 O  O   . VAL A 1 45 ? -1.616  -3.494  -2.945  1.00 5.26  ? 45   VAL A O   1 
ATOM   334 C  CB  . VAL A 1 45 ? -1.723  -0.525  -3.281  1.00 4.71  ? 45   VAL A CB  1 
ATOM   335 C  CG1 . VAL A 1 45 ? -0.423  -0.248  -2.548  1.00 5.23  ? 45   VAL A CG1 1 
ATOM   336 C  CG2 . VAL A 1 45 ? -2.315  0.757   -3.835  1.00 4.78  ? 45   VAL A CG2 1 
ATOM   337 N  N   . ASP A 1 46 ? 0.219   -3.238  -4.229  1.00 4.01  ? 46   ASP A N   1 
ATOM   338 C  CA  . ASP A 1 46 ? 0.936   -4.407  -3.691  1.00 3.99  ? 46   ASP A CA  1 
ATOM   339 C  C   . ASP A 1 46 ? 2.120   -3.879  -2.862  1.00 4.02  ? 46   ASP A C   1 
ATOM   340 O  O   . ASP A 1 46 ? 2.878   -3.038  -3.359  1.00 5.16  ? 46   ASP A O   1 
ATOM   341 C  CB  . ASP A 1 46 ? 1.408   -5.324  -4.820  1.00 5.32  ? 46   ASP A CB  1 
ATOM   342 C  CG  . ASP A 1 46 ? 0.252   -5.990  -5.532  1.00 6.74  ? 46   ASP A CG  1 
ATOM   343 O  OD1 . ASP A 1 46 ? -0.201  -7.025  -5.055  1.00 6.49  ? 46   ASP A OD1 1 
ATOM   344 O  OD2 . ASP A 1 46 ? -0.255  -5.455  -6.540  1.00 18.09 ? 46   ASP A OD2 1 
ATOM   345 N  N   . VAL A 1 47 ? 2.277   -4.351  -1.628  1.00 3.54  ? 47   VAL A N   1 
ATOM   346 C  CA  . VAL A 1 47 ? 3.320   -3.952  -0.686  1.00 3.66  ? 47   VAL A CA  1 
ATOM   347 C  C   . VAL A 1 47 ? 4.076   -5.220  -0.238  1.00 3.80  ? 47   VAL A C   1 
ATOM   348 O  O   . VAL A 1 47 ? 3.469   -6.146  0.293   1.00 4.46  ? 47   VAL A O   1 
ATOM   349 C  CB  . VAL A 1 47 ? 2.777   -3.237  0.561   1.00 4.33  ? 47   VAL A CB  1 
ATOM   350 C  CG1 . VAL A 1 47 ? 3.874   -2.747  1.485   1.00 5.29  ? 47   VAL A CG1 1 
ATOM   351 C  CG2 . VAL A 1 47 ? 1.865   -2.072  0.144   1.00 5.56  ? 47   VAL A CG2 1 
ATOM   352 N  N   . TYR A 1 48 ? 5.386   -5.213  -0.410  1.00 3.45  ? 48   TYR A N   1 
ATOM   353 C  CA  . TYR A 1 48 ? 6.257   -6.297  0.062   1.00 3.47  ? 48   TYR A CA  1 
ATOM   354 C  C   . TYR A 1 48 ? 7.089   -5.723  1.227   1.00 4.06  ? 48   TYR A C   1 
ATOM   355 O  O   . TYR A 1 48 ? 7.837   -4.755  1.022   1.00 4.72  ? 48   TYR A O   1 
ATOM   356 C  CB  . TYR A 1 48 ? 7.141   -6.810  -1.087  1.00 4.10  ? 48   TYR A CB  1 
ATOM   357 C  CG  . TYR A 1 48 ? 6.356   -7.386  -2.256  1.00 4.15  ? 48   TYR A CG  1 
ATOM   358 C  CD1 . TYR A 1 48 ? 5.799   -6.618  -3.274  1.00 5.00  ? 48   TYR A CD1 1 
ATOM   359 C  CD2 . TYR A 1 48 ? 6.189   -8.758  -2.375  1.00 4.59  ? 48   TYR A CD2 1 
ATOM   360 C  CE1 . TYR A 1 48 ? 5.093   -7.165  -4.345  1.00 5.18  ? 48   TYR A CE1 1 
ATOM   361 C  CE2 . TYR A 1 48 ? 5.508   -9.331  -3.448  1.00 5.14  ? 48   TYR A CE2 1 
ATOM   362 C  CZ  . TYR A 1 48 ? 4.970   -8.533  -4.432  1.00 5.08  ? 48   TYR A CZ  1 
ATOM   363 O  OH  . TYR A 1 48 ? 4.306   -9.057  -5.544  1.00 6.20  ? 48   TYR A OH  1 
ATOM   364 N  N   . THR A 1 49 ? 6.897   -6.251  2.435   1.00 3.81  ? 49   THR A N   1 
ATOM   365 C  CA  . THR A 1 49 ? 7.427   -5.624  3.658   1.00 3.92  ? 49   THR A CA  1 
ATOM   366 C  C   . THR A 1 49 ? 7.587   -6.636  4.788   1.00 4.19  ? 49   THR A C   1 
ATOM   367 O  O   . THR A 1 49 ? 6.854   -7.617  4.871   1.00 3.96  ? 49   THR A O   1 
ATOM   368 C  CB  . THR A 1 49 ? 6.479   -4.491  4.107   1.00 4.52  ? 49   THR A CB  1 
ATOM   369 O  OG1 . THR A 1 49 ? 6.928   -3.834  5.300   1.00 5.03  ? 49   THR A OG1 1 
ATOM   370 C  CG2 . THR A 1 49 ? 5.085   -5.030  4.421   1.00 5.25  ? 49   THR A CG2 1 
ATOM   371 N  N   . THR A 1 50 ? 8.470   -6.333  5.754   1.00 4.48  ? 50   THR A N   1 
ATOM   372 C  CA  . THR A 1 50 ? 8.561   -7.069  6.987   1.00 5.02  ? 50   THR A CA  1 
ATOM   373 C  C   . THR A 1 50 ? 7.603   -6.589  8.075   1.00 5.07  ? 50   THR A C   1 
ATOM   374 O  O   . THR A 1 50 ? 7.482   -7.246  9.114   1.00 7.29  ? 50   THR A O   1 
ATOM   375 C  CB  . THR A 1 50 ? 9.987   -7.034  7.600   1.00 6.51  ? 50   THR A CB  1 
ATOM   376 O  OG1 . THR A 1 50 ? 10.253  -5.660  7.898   1.00 8.44  ? 50   THR A OG1 1 
ATOM   377 C  CG2 . THR A 1 50 ? 11.006  -7.591  6.637   1.00 8.28  ? 50   THR A CG2 1 
ATOM   378 N  N   . LEU A 1 51 ? 6.940   -5.467  7.856   1.00 4.98  ? 51   LEU A N   1 
ATOM   379 C  CA  . LEU A 1 51 ? 6.094   -4.823  8.856   1.00 4.77  ? 51   LEU A CA  1 
ATOM   380 C  C   . LEU A 1 51 ? 4.708   -5.467  8.900   1.00 4.82  ? 51   LEU A C   1 
ATOM   381 O  O   . LEU A 1 51 ? 4.305   -6.147  7.937   1.00 5.32  ? 51   LEU A O   1 
ATOM   382 C  CB  . LEU A 1 51 ? 5.987   -3.328  8.550   1.00 5.46  ? 51   LEU A CB  1 
ATOM   383 C  CG  . LEU A 1 51 ? 7.326   -2.597  8.507   1.00 4.93  ? 51   LEU A CG  1 
ATOM   384 C  CD1 . LEU A 1 51 ? 7.097   -1.153  8.089   1.00 7.52  ? 51   LEU A CD1 1 
ATOM   385 C  CD2 . LEU A 1 51 ? 8.045   -2.654  9.849   1.00 7.09  ? 51   LEU A CD2 1 
ATOM   386 N  N   . PRO A 1 52 ? 3.980   -5.304  10.008  1.00 5.44  ? 52   PRO A N   1 
ATOM   387 C  CA  . PRO A 1 52 ? 2.701   -5.990  10.150  1.00 5.79  ? 52   PRO A CA  1 
ATOM   388 C  C   . PRO A 1 52 ? 1.598   -5.447  9.243   1.00 5.26  ? 52   PRO A C   1 
ATOM   389 O  O   . PRO A 1 52 ? 1.542   -4.248  8.938   1.00 5.35  ? 52   PRO A O   1 
ATOM   390 C  CB  . PRO A 1 52 ? 2.328   -5.818  11.618  1.00 9.74  ? 52   PRO A CB  1 
ATOM   391 C  CG  . PRO A 1 52 ? 3.373   -5.042  12.300  1.00 9.41  ? 52   PRO A CG  1 
ATOM   392 C  CD  . PRO A 1 52 ? 4.405   -4.695  11.279  1.00 6.08  ? 52   PRO A CD  1 
ATOM   393 N  N   . TYR A 1 53 ? 0.700   -6.341  8.813   1.00 5.82  ? 53   TYR A N   1 
ATOM   394 C  CA  . TYR A 1 53 ? -0.434  -6.010  7.964   1.00 5.57  ? 53   TYR A CA  1 
ATOM   395 C  C   . TYR A 1 53 ? -1.246  -4.865  8.529   1.00 5.34  ? 53   TYR A C   1 
ATOM   396 O  O   . TYR A 1 53 ? -1.580  -3.922  7.806   1.00 5.77  ? 53   TYR A O   1 
ATOM   397 C  CB  . TYR A 1 53 ? -1.304  -7.263  7.759   1.00 5.54  ? 53   TYR A CB  1 
ATOM   398 C  CG  . TYR A 1 53 ? -2.536  -6.991  6.932   1.00 5.61  ? 53   TYR A CG  1 
ATOM   399 C  CD1 . TYR A 1 53 ? -2.488  -6.971  5.542   1.00 6.73  ? 53   TYR A CD1 1 
ATOM   400 C  CD2 . TYR A 1 53 ? -3.771  -6.726  7.547   1.00 7.41  ? 53   TYR A CD2 1 
ATOM   401 C  CE1 . TYR A 1 53 ? -3.608  -6.724  4.768   1.00 7.12  ? 53   TYR A CE1 1 
ATOM   402 C  CE2 . TYR A 1 53 ? -4.877  -6.407  6.791   1.00 6.70  ? 53   TYR A CE2 1 
ATOM   403 C  CZ  . TYR A 1 53 ? -4.793  -6.404  5.413   1.00 6.96  ? 53   TYR A CZ  1 
ATOM   404 O  OH  . TYR A 1 53 ? -5.881  -6.151  4.607   1.00 8.76  ? 53   TYR A OH  1 
ATOM   405 N  N   . ASP A 1 54 ? -1.601  -4.944  9.826   1.00 5.67  ? 54   ASP A N   1 
ATOM   406 C  CA  . ASP A 1 54 ? -2.458  -3.916  10.426  1.00 6.50  ? 54   ASP A CA  1 
ATOM   407 C  C   . ASP A 1 54 ? -1.845  -2.536  10.307  1.00 6.04  ? 54   ASP A C   1 
ATOM   408 O  O   . ASP A 1 54 ? -2.541  -1.537  10.127  1.00 6.88  ? 54   ASP A O   1 
ATOM   409 C  CB  . ASP A 1 54 ? -2.759  -4.206  11.905  1.00 7.84  ? 54   ASP A CB  1 
ATOM   410 C  CG  . ASP A 1 54 ? -1.576  -3.978  12.822  1.00 10.53 ? 54   ASP A CG  1 
ATOM   411 O  OD1 . ASP A 1 54 ? -0.636  -4.794  12.781  1.00 11.45 ? 54   ASP A OD1 1 
ATOM   412 O  OD2 . ASP A 1 54 ? -1.505  -2.916  13.487  1.00 15.59 ? 54   ASP A OD2 1 
ATOM   413 N  N   . PHE A 1 55 ? -0.523  -2.453  10.475  1.00 5.56  ? 55   PHE A N   1 
ATOM   414 C  CA  . PHE A 1 55 ? 0.192   -1.184  10.448  1.00 5.41  ? 55   PHE A CA  1 
ATOM   415 C  C   . PHE A 1 55 ? 0.186   -0.596  9.037   1.00 4.89  ? 55   PHE A C   1 
ATOM   416 O  O   . PHE A 1 55 ? -0.083  0.589   8.854   1.00 5.30  ? 55   PHE A O   1 
ATOM   417 C  CB  . PHE A 1 55 ? 1.605   -1.400  10.974  1.00 5.88  ? 55   PHE A CB  1 
ATOM   418 C  CG  . PHE A 1 55 ? 2.440   -0.152  11.068  1.00 5.34  ? 55   PHE A CG  1 
ATOM   419 C  CD1 . PHE A 1 55 ? 2.095   0.904   11.910  1.00 5.94  ? 55   PHE A CD1 1 
ATOM   420 C  CD2 . PHE A 1 55 ? 3.607   -0.072  10.329  1.00 6.18  ? 55   PHE A CD2 1 
ATOM   421 C  CE1 . PHE A 1 55 ? 2.895   2.030   11.974  1.00 7.20  ? 55   PHE A CE1 1 
ATOM   422 C  CE2 . PHE A 1 55 ? 4.396   1.055   10.405  1.00 8.27  ? 55   PHE A CE2 1 
ATOM   423 C  CZ  . PHE A 1 55 ? 4.057   2.118   11.236  1.00 7.60  ? 55   PHE A CZ  1 
ATOM   424 N  N   . ILE A 1 56 ? 0.498   -1.423  8.024   1.00 5.16  ? 56   ILE A N   1 
ATOM   425 C  CA  . ILE A 1 56 ? 0.464   -0.965  6.629   1.00 4.54  ? 56   ILE A CA  1 
ATOM   426 C  C   . ILE A 1 56 ? -0.935  -0.487  6.251   1.00 4.81  ? 56   ILE A C   1 
ATOM   427 O  O   . ILE A 1 56 ? -1.109  0.573   5.665   1.00 4.97  ? 56   ILE A O   1 
ATOM   428 C  CB  . ILE A 1 56 ? 0.947   -2.069  5.650   1.00 4.88  ? 56   ILE A CB  1 
ATOM   429 C  CG1 . ILE A 1 56 ? 2.393   -2.499  5.943   1.00 4.50  ? 56   ILE A CG1 1 
ATOM   430 C  CG2 . ILE A 1 56 ? 0.767   -1.634  4.195   1.00 5.46  ? 56   ILE A CG2 1 
ATOM   431 C  CD1 . ILE A 1 56 ? 3.402   -1.378  5.835   1.00 5.53  ? 56   ILE A CD1 1 
ATOM   432 N  N   . LEU A 1 57 ? -1.953  -1.277  6.586   1.00 4.96  ? 57   LEU A N   1 
ATOM   433 C  CA  . LEU A 1 57 ? -3.330  -0.925  6.286   1.00 5.13  ? 57   LEU A CA  1 
ATOM   434 C  C   . LEU A 1 57 ? -3.685  0.416   6.927   1.00 5.55  ? 57   LEU A C   1 
ATOM   435 O  O   . LEU A 1 57 ? -4.237  1.277   6.239   1.00 5.68  ? 57   LEU A O   1 
ATOM   436 C  CB  . LEU A 1 57 ? -4.255  -2.034  6.774   1.00 5.03  ? 57   LEU A CB  1 
ATOM   437 C  CG  . LEU A 1 57 ? -5.763  -1.769  6.598   1.00 5.86  ? 57   LEU A CG  1 
ATOM   438 C  CD1 . LEU A 1 57 ? -6.130  -1.462  5.158   1.00 7.29  ? 57   LEU A CD1 1 
ATOM   439 C  CD2 . LEU A 1 57 ? -6.533  -2.959  7.141   1.00 9.17  ? 57   LEU A CD2 1 
ATOM   440 N  N   . GLU A 1 58 ? -3.359  0.581   8.219   1.00 5.45  ? 58   GLU A N   1 
ATOM   441 C  CA  . GLU A 1 58 ? -3.660  1.816   8.917   1.00 7.19  ? 58   GLU A CA  1 
ATOM   442 C  C   . GLU A 1 58 ? -3.017  3.015   8.250   1.00 6.21  ? 58   GLU A C   1 
ATOM   443 O  O   . GLU A 1 58 ? -3.623  4.092   8.087   1.00 7.48  ? 58   GLU A O   1 
ATOM   444 C  CB  . GLU A 1 58 ? -3.260  1.728   10.401  1.00 12.41 ? 58   GLU A CB  1 
ATOM   445 C  CG  . GLU A 1 58 ? -4.004  0.622   11.127  1.00 26.38 ? 58   GLU A CG  1 
ATOM   446 C  CD  . GLU A 1 58 ? -3.560  0.470   12.566  1.00 33.21 ? 58   GLU A CD  1 
ATOM   447 O  OE1 . GLU A 1 58 ? -2.341  0.365   12.811  1.00 36.06 ? 58   GLU A OE1 1 
ATOM   448 O  OE2 . GLU A 1 58 ? -4.506  0.423   13.377  1.00 36.75 ? 58   GLU A OE2 1 
ATOM   449 N  N   . LYS A 1 59 ? -1.729  2.892   7.926   1.00 6.15  ? 59   LYS A N   1 
ATOM   450 C  CA  . LYS A 1 59 ? -1.032  4.024   7.293   1.00 6.12  ? 59   LYS A CA  1 
ATOM   451 C  C   . LYS A 1 59 ? -1.604  4.373   5.928   1.00 6.18  ? 59   LYS A C   1 
ATOM   452 O  O   . LYS A 1 59 ? -1.714  5.576   5.602   1.00 6.76  ? 59   LYS A O   1 
ATOM   453 C  CB  . LYS A 1 59 ? 0.469   3.773   7.244   1.00 8.27  ? 59   LYS A CB  1 
ATOM   454 C  CG  . LYS A 1 59 ? 1.161   3.758   8.595   1.00 8.32  ? 59   LYS A CG  1 
ATOM   455 C  CD  . LYS A 1 59 ? 1.019   5.114   9.275   1.00 9.97  ? 59   LYS A CD  1 
ATOM   456 C  CE  . LYS A 1 59 ? 1.978   5.354   10.393  1.00 9.75  ? 59   LYS A CE  1 
ATOM   457 N  NZ  . LYS A 1 59 ? 1.710   6.588   11.185  1.00 9.84  ? 59   LYS A NZ  1 
ATOM   458 N  N   . ILE A 1 60 ? -1.997  3.376   5.137   1.00 5.74  ? 60   ILE A N   1 
ATOM   459 C  CA  . ILE A 1 60 ? -2.642  3.680   3.851   1.00 5.97  ? 60   ILE A CA  1 
ATOM   460 C  C   . ILE A 1 60 ? -3.999  4.327   4.080   1.00 6.43  ? 60   ILE A C   1 
ATOM   461 O  O   . ILE A 1 60 ? -4.377  5.327   3.448   1.00 6.84  ? 60   ILE A O   1 
ATOM   462 C  CB  . ILE A 1 60 ? -2.741  2.432   2.939   1.00 5.79  ? 60   ILE A CB  1 
ATOM   463 C  CG1 . ILE A 1 60 ? -1.349  1.901   2.586   1.00 6.41  ? 60   ILE A CG1 1 
ATOM   464 C  CG2 . ILE A 1 60 ? -3.537  2.732   1.662   1.00 8.64  ? 60   ILE A CG2 1 
ATOM   465 C  CD1 . ILE A 1 60 ? -1.365  0.623   1.789   1.00 7.91  ? 60   ILE A CD1 1 
ATOM   466 N  N   . LYS A 1 61 ? -4.786  3.811   5.020   1.00 6.27  ? 61   LYS A N   1 
ATOM   467 C  CA  . LYS A 1 61 ? -6.104  4.378   5.265   1.00 6.41  ? 61   LYS A CA  1 
ATOM   468 C  C   . LYS A 1 61 ? -6.028  5.837   5.686   1.00 6.41  ? 61   LYS A C   1 
ATOM   469 O  O   . LYS A 1 61 ? -6.905  6.630   5.388   1.00 7.79  ? 61   LYS A O   1 
ATOM   470 C  CB  . LYS A 1 61 ? -6.864  3.576   6.320   1.00 6.90  ? 61   LYS A CB  1 
ATOM   471 C  CG  . LYS A 1 61 ? -7.369  2.238   5.819   1.00 8.30  ? 61   LYS A CG  1 
ATOM   472 C  CD  . LYS A 1 61 ? -8.073  1.416   6.868   1.00 10.18 ? 61   LYS A CD  1 
ATOM   473 C  CE  . LYS A 1 61 ? -9.411  2.005   7.266   1.00 12.92 ? 61   LYS A CE  1 
ATOM   474 N  NZ  . LYS A 1 61 ? -10.476 1.699   6.274   1.00 15.09 ? 61   LYS A NZ  1 
ATOM   475 N  N   . LYS A 1 62 ? -4.985  6.219   6.424   1.00 7.22  ? 62   LYS A N   1 
ATOM   476 C  CA  . LYS A 1 62 ? -4.869  7.596   6.878   1.00 8.73  ? 62   LYS A CA  1 
ATOM   477 C  C   . LYS A 1 62 ? -4.492  8.595   5.810   1.00 8.90  ? 62   LYS A C   1 
ATOM   478 O  O   . LYS A 1 62 ? -4.614  9.810   6.079   1.00 11.18 ? 62   LYS A O   1 
ATOM   479 C  CB  . LYS A 1 62 ? -3.892  7.665   8.069   1.00 9.72  ? 62   LYS A CB  1 
ATOM   480 C  CG  . LYS A 1 62 ? -4.432  7.075   9.362   1.00 13.56 ? 62   LYS A CG  1 
ATOM   481 C  CD  . LYS A 1 62 ? -5.748  7.626   9.865   1.00 23.28 ? 62   LYS A CD  1 
ATOM   482 C  CE  . LYS A 1 62 ? -6.793  6.547   10.100  1.00 32.45 ? 62   LYS A CE  1 
ATOM   483 N  NZ  . LYS A 1 62 ? -7.753  6.342   8.984   1.00 40.97 ? 62   LYS A NZ  1 
ATOM   484 N  N   . THR A 1 63 ? -4.256  8.133   4.585   1.00 7.96  ? 63   THR A N   1 
ATOM   485 C  CA  . THR A 1 63 ? -4.169  9.043   3.456   1.00 7.84  ? 63   THR A CA  1 
ATOM   486 C  C   . THR A 1 63 ? -5.526  9.645   3.102   1.00 7.79  ? 63   THR A C   1 
ATOM   487 O  O   . THR A 1 63 ? -5.582  10.609  2.353   1.00 9.22  ? 63   THR A O   1 
ATOM   488 C  CB  . THR A 1 63 ? -3.650  8.392   2.156   1.00 8.00  ? 63   THR A CB  1 
ATOM   489 O  OG1 . THR A 1 63 ? -4.472  7.308   1.730   1.00 7.78  ? 63   THR A OG1 1 
ATOM   490 C  CG2 . THR A 1 63 ? -2.279  7.777   2.404   1.00 9.99  ? 63   THR A CG2 1 
ATOM   491 N  N   . GLY A 1 64 ? -6.599  8.989   3.522   1.00 7.62  ? 64   GLY A N   1 
ATOM   492 C  CA  . GLY A 1 64 ? -7.950  9.365   3.102   1.00 6.80  ? 64   GLY A CA  1 
ATOM   493 C  C   . GLY A 1 64 ? -8.434  8.787   1.808   1.00 6.55  ? 64   GLY A C   1 
ATOM   494 O  O   . GLY A 1 64 ? -9.572  9.004   1.378   1.00 8.09  ? 64   GLY A O   1 
ATOM   495 N  N   . LYS A 1 65 ? -7.702  8.174   0.943   1.00 7.47  ? 65   LYS A N   1 
ATOM   496 C  CA  . LYS A 1 65 ? -7.977  7.340   -0.188  1.00 7.25  ? 65   LYS A CA  1 
ATOM   497 C  C   . LYS A 1 65 ? -8.657  6.055   0.285   1.00 7.62  ? 65   LYS A C   1 
ATOM   498 O  O   . LYS A 1 65 ? -8.127  5.367   1.164   1.00 10.59 ? 65   LYS A O   1 
ATOM   499 C  CB  . LYS A 1 65 ? -6.742  7.014   -1.029  1.00 9.73  ? 65   LYS A CB  1 
ATOM   500 C  CG  . LYS A 1 65 ? -5.877  8.192   -1.387  1.00 10.05 ? 65   LYS A CG  1 
ATOM   501 C  CD  . LYS A 1 65 ? -6.630  9.398   -1.868  1.00 13.31 ? 65   LYS A CD  1 
ATOM   502 C  CE  . LYS A 1 65 ? -5.662  10.581  -2.003  1.00 12.85 ? 65   LYS A CE  1 
ATOM   503 N  NZ  . LYS A 1 65 ? -6.477  11.798  -2.271  1.00 18.00 ? 65   LYS A NZ  1 
ATOM   504 N  N   . GLU A 1 66 ? -9.831  5.785   -0.242  1.00 6.90  ? 66   GLU A N   1 
ATOM   505 C  CA  . GLU A 1 66 ? -10.609 4.661   0.242   1.00 7.25  ? 66   GLU A CA  1 
ATOM   506 C  C   . GLU A 1 66 ? -9.958  3.313   -0.018  1.00 5.33  ? 66   GLU A C   1 
ATOM   507 O  O   . GLU A 1 66 ? -9.614  2.984   -1.158  1.00 6.35  ? 66   GLU A O   1 
ATOM   508 C  CB  . GLU A 1 66 ? -11.978 4.682   -0.436  1.00 7.10  ? 66   GLU A CB  1 
ATOM   509 C  CG  . GLU A 1 66 ? -12.905 3.544   -0.049  1.00 10.23 ? 66   GLU A CG  1 
ATOM   510 C  CD  . GLU A 1 66 ? -14.219 3.558   -0.812  1.00 13.96 ? 66   GLU A CD  1 
ATOM   511 O  OE1 . GLU A 1 66 ? -14.504 4.504   -1.585  1.00 19.00 ? 66   GLU A OE1 1 
ATOM   512 O  OE2 . GLU A 1 66 ? -15.048 2.650   -0.563  1.00 19.77 ? 66   GLU A OE2 1 
ATOM   513 N  N   . VAL A 1 67 ? -9.787  2.540   1.050   1.00 6.19  ? 67   VAL A N   1 
ATOM   514 C  CA  . VAL A 1 67 ? -9.295  1.167   0.924   1.00 5.61  ? 67   VAL A CA  1 
ATOM   515 C  C   . VAL A 1 67 ? -10.499 0.243   0.982   1.00 6.04  ? 67   VAL A C   1 
ATOM   516 O  O   . VAL A 1 67 ? -11.158 0.144   2.024   1.00 9.09  ? 67   VAL A O   1 
ATOM   517 C  CB  . VAL A 1 67 ? -8.266  0.793   2.003   1.00 6.48  ? 67   VAL A CB  1 
ATOM   518 C  CG1 . VAL A 1 67 ? -7.789  -0.647  1.787   1.00 7.86  ? 67   VAL A CG1 1 
ATOM   519 C  CG2 . VAL A 1 67 ? -7.080  1.740   2.011   1.00 8.39  ? 67   VAL A CG2 1 
ATOM   520 N  N   . ARG A 1 68 ? -10.826 -0.379  -0.149  1.00 6.01  ? 68   ARG A N   1 
ATOM   521 C  CA  . ARG A 1 68 ? -12.003 -1.227  -0.299  1.00 6.99  ? 68   ARG A CA  1 
ATOM   522 C  C   . ARG A 1 68 ? -11.810 -2.588  0.333   1.00 7.57  ? 68   ARG A C   1 
ATOM   523 O  O   . ARG A 1 68 ? -12.752 -3.165  0.886   1.00 11.29 ? 68   ARG A O   1 
ATOM   524 C  CB  . ARG A 1 68 ? -12.387 -1.422  -1.771  1.00 10.48 ? 68   ARG A CB  1 
ATOM   525 C  CG  . ARG A 1 68 ? -12.807 -0.192  -2.534  1.00 13.71 ? 68   ARG A CG  1 
ATOM   526 C  CD  . ARG A 1 68 ? -14.229 0.213   -2.300  1.00 18.98 ? 68   ARG A CD  1 
ATOM   527 N  NE  . ARG A 1 68 ? -15.187 -0.805  -2.644  1.00 18.68 ? 68   ARG A NE  1 
ATOM   528 C  CZ  . ARG A 1 68 ? -15.868 -1.078  -3.736  1.00 20.12 ? 68   ARG A CZ  1 
ATOM   529 N  NH1 . ARG A 1 68 ? -15.780 -0.380  -4.853  1.00 16.67 ? 68   ARG A NH1 1 
ATOM   530 N  NH2 . ARG A 1 68 ? -16.670 -2.139  -3.732  1.00 24.80 ? 68   ARG A NH2 1 
ATOM   531 N  N   . SER A 1 69 ? -10.595 -3.106  0.281   1.00 5.96  ? 69   SER A N   1 
ATOM   532 C  CA  . SER A 1 69 ? -10.285 -4.431  0.789   1.00 7.46  ? 69   SER A CA  1 
ATOM   533 C  C   . SER A 1 69 ? -8.774  -4.609  0.831   1.00 5.68  ? 69   SER A C   1 
ATOM   534 O  O   . SER A 1 69 ? -8.021  -3.894  0.143   1.00 5.80  ? 69   SER A O   1 
ATOM   535 C  CB  . SER A 1 69 ? -10.902 -5.496  -0.098  1.00 11.06 ? 69   SER A CB  1 
ATOM   536 O  OG  . SER A 1 69 ? -10.249 -5.552  -1.356  1.00 13.17 ? 69   SER A OG  1 
ATOM   537 N  N   . GLY A 1 70 ? -8.312  -5.610  1.555   1.00 6.33  ? 70   GLY A N   1 
ATOM   538 C  CA  . GLY A 1 70 ? -6.929  -6.037  1.529   1.00 6.86  ? 70   GLY A CA  1 
ATOM   539 C  C   . GLY A 1 70 ? -6.831  -7.507  1.855   1.00 6.31  ? 70   GLY A C   1 
ATOM   540 O  O   . GLY A 1 70 ? -7.711  -8.100  2.502   1.00 7.28  ? 70   GLY A O   1 
ATOM   541 N  N   . LYS A 1 71 ? -5.684  -8.066  1.510   1.00 5.82  ? 71   LYS A N   1 
ATOM   542 C  CA  . LYS A 1 71 ? -5.389  -9.453  1.845   1.00 7.15  ? 71   LYS A CA  1 
ATOM   543 C  C   . LYS A 1 71 ? -3.881  -9.689  1.793   1.00 5.37  ? 71   LYS A C   1 
ATOM   544 O  O   . LYS A 1 71 ? -3.101  -8.887  1.329   1.00 5.83  ? 71   LYS A O   1 
ATOM   545 C  CB  . LYS A 1 71 ? -6.129  -10.426 0.938   1.00 10.00 ? 71   LYS A CB  1 
ATOM   546 C  CG  . LYS A 1 71 ? -5.666  -10.482 -0.502  1.00 13.44 ? 71   LYS A CG  1 
ATOM   547 C  CD  . LYS A 1 71 ? -6.627  -11.255 -1.381  1.00 26.85 ? 71   LYS A CD  1 
ATOM   548 C  CE  . LYS A 1 71 ? -7.869  -11.793 -0.714  1.00 38.68 ? 71   LYS A CE  1 
ATOM   549 N  NZ  . LYS A 1 71 ? -9.006  -10.825 -0.665  1.00 46.87 ? 71   LYS A NZ  1 
ATOM   550 N  N   . GLN A 1 72 ? -3.497  -10.842 2.319   1.00 6.89  ? 72   GLN A N   1 
ATOM   551 C  CA  . GLN A 1 72 ? -2.140  -11.346 2.291   1.00 6.42  ? 72   GLN A CA  1 
ATOM   552 C  C   . GLN A 1 72 ? -1.975  -12.437 1.231   1.00 6.85  ? 72   GLN A C   1 
ATOM   553 O  O   . GLN A 1 72 ? -2.831  -13.319 1.116   1.00 10.11 ? 72   GLN A O   1 
ATOM   554 C  CB  . GLN A 1 72 ? -1.691  -11.775 3.682   1.00 8.10  ? 72   GLN A CB  1 
ATOM   555 C  CG  . GLN A 1 72 ? -0.198  -12.012 3.733   1.00 12.23 ? 72   GLN A CG  1 
ATOM   556 C  CD  . GLN A 1 72 ? 0.369   -12.169 5.123   1.00 13.99 ? 72   GLN A CD  1 
ATOM   557 O  OE1 . GLN A 1 72 ? -0.259  -12.073 6.190   1.00 19.15 ? 72   GLN A OE1 1 
ATOM   558 N  NE2 . GLN A 1 72 ? 1.642   -12.484 5.033   1.00 15.03 ? 72   GLN A NE2 1 
ATOM   559 N  N   . LEU A 1 73 ? -0.889  -12.402 0.463   1.00 6.95  ? 73   LEU A N   1 
ATOM   560 C  CA  . LEU A 1 73 ? -0.612  -13.353 -0.605  1.00 7.34  ? 73   LEU A CA  1 
ATOM   561 C  C   . LEU A 1 73 ? 0.686   -14.097 -0.416  1.00 8.25  ? 73   LEU A C   1 
ATOM   562 O  O   . LEU A 1 73 ? 1.430   -13.850 0.566   1.00 11.22 ? 73   LEU A O   1 
ATOM   563 C  CB  . LEU A 1 73 ? -0.600  -12.595 -1.939  1.00 7.88  ? 73   LEU A CB  1 
ATOM   564 C  CG  . LEU A 1 73 ? -1.914  -11.992 -2.431  1.00 10.53 ? 73   LEU A CG  1 
ATOM   565 C  CD1 . LEU A 1 73 ? -2.350  -10.794 -1.591  1.00 35.37 ? 73   LEU A CD1 1 
ATOM   566 C  CD2 . LEU A 1 73 ? -1.754  -11.394 -3.846  1.00 16.09 ? 73   LEU A CD2 1 
ATOM   567 O  OXT . LEU A 1 73 ? 0.984   -14.966 -1.276  1.00 9.79  ? 73   LEU A OXT 1 
HETATM 568 HG HG  . HG  B 2 .  ? -6.028  11.446  -7.423  1.00 10.60 ? 74   HG  A HG  1 
HETATM 569 C  C1  . BEN C 3 .  ? 10.384  1.475   -2.192  1.00 4.96  ? 186  BEN A C1  1 
HETATM 570 C  C2  . BEN C 3 .  ? 9.677   2.073   -3.228  1.00 5.48  ? 186  BEN A C2  1 
HETATM 571 C  C3  . BEN C 3 .  ? 8.543   2.836   -2.957  1.00 5.92  ? 186  BEN A C3  1 
HETATM 572 C  C4  . BEN C 3 .  ? 8.075   2.944   -1.638  1.00 6.52  ? 186  BEN A C4  1 
HETATM 573 C  C5  . BEN C 3 .  ? 8.723   2.288   -0.584  1.00 5.95  ? 186  BEN A C5  1 
HETATM 574 C  C6  . BEN C 3 .  ? 9.894   1.562   -0.875  1.00 5.84  ? 186  BEN A C6  1 
HETATM 575 C  C   . BEN C 3 .  ? 11.609  0.733   -2.422  1.00 5.51  ? 186  BEN A C   1 
HETATM 576 N  N1  . BEN C 3 .  ? 12.568  0.809   -1.528  1.00 6.98  ? 186  BEN A N1  1 
HETATM 577 N  N2  . BEN C 3 .  ? 11.718  0.016   -3.564  1.00 6.99  ? 186  BEN A N2  1 
HETATM 578 C  C1  . BEN D 3 .  ? -5.714  6.188   -14.890 1.00 13.65 ? 187  BEN A C1  1 
HETATM 579 C  C2  . BEN D 3 .  ? -6.525  6.684   -13.847 1.00 14.92 ? 187  BEN A C2  1 
HETATM 580 C  C3  . BEN D 3 .  ? -7.483  5.906   -13.215 1.00 13.52 ? 187  BEN A C3  1 
HETATM 581 C  C4  . BEN D 3 .  ? -7.711  4.631   -13.729 1.00 12.54 ? 187  BEN A C4  1 
HETATM 582 C  C5  . BEN D 3 .  ? -7.010  4.120   -14.814 1.00 9.96  ? 187  BEN A C5  1 
HETATM 583 C  C6  . BEN D 3 .  ? -5.992  4.903   -15.391 1.00 13.84 ? 187  BEN A C6  1 
HETATM 584 C  C   . BEN D 3 .  ? -4.887  7.186   -15.563 1.00 22.17 ? 187  BEN A C   1 
HETATM 585 N  N1  . BEN D 3 .  ? -3.884  6.826   -16.285 1.00 23.93 ? 187  BEN A N1  1 
HETATM 586 N  N2  . BEN D 3 .  ? -4.963  8.424   -14.967 1.00 29.56 ? 187  BEN A N2  1 
HETATM 587 O  O   . HOH E 4 .  ? 3.856   6.118   7.140   1.00 7.94  ? 1001 HOH A O   1 
HETATM 588 O  O   . HOH E 4 .  ? 6.836   -14.219 2.107   1.00 5.64  ? 1002 HOH A O   1 
HETATM 589 O  O   . HOH E 4 .  ? 5.386   7.038   9.306   1.00 8.59  ? 1003 HOH A O   1 
HETATM 590 O  O   . HOH E 4 .  ? 8.664   -9.935  9.097   1.00 11.37 ? 1004 HOH A O   1 
HETATM 591 O  O   . HOH E 4 .  ? 2.795   -12.739 2.616   1.00 9.23  ? 1005 HOH A O   1 
HETATM 592 O  O   . HOH E 4 .  ? -0.533  7.755   6.917   1.00 9.47  ? 1006 HOH A O   1 
HETATM 593 O  O   . HOH E 4 .  ? -10.397 3.412   3.840   1.00 9.84  ? 1007 HOH A O   1 
HETATM 594 O  O   . HOH E 4 .  ? -0.086  -3.153  -14.144 1.00 8.57  ? 1008 HOH A O   1 
HETATM 595 O  O   . HOH E 4 .  ? -0.518  -3.445  -8.338  1.00 9.40  ? 1009 HOH A O   1 
HETATM 596 O  O   . HOH E 4 .  ? 4.734   9.851   -3.382  1.00 8.96  ? 1010 HOH A O   1 
HETATM 597 O  O   . HOH E 4 .  ? -9.063  5.774   3.764   1.00 11.19 ? 1011 HOH A O   1 
HETATM 598 O  O   . HOH E 4 .  ? -8.480  -14.861 1.707   1.00 8.14  ? 1012 HOH A O   1 
HETATM 599 O  O   . HOH E 4 .  ? 2.094   8.277   6.992   1.00 12.87 ? 1013 HOH A O   1 
HETATM 600 O  O   . HOH E 4 .  ? -8.263  -6.067  5.788   1.00 12.55 ? 1014 HOH A O   1 
HETATM 601 O  O   . HOH E 4 .  ? -11.968 8.408   2.217   1.00 13.31 ? 1015 HOH A O   1 
HETATM 602 O  O   . HOH E 4 .  ? -11.205 7.744   -2.004  1.00 12.77 ? 1016 HOH A O   1 
HETATM 603 O  O   . HOH E 4 .  ? -3.604  11.092  -13.526 1.00 14.79 ? 1017 HOH A O   1 
HETATM 604 O  O   . HOH E 4 .  ? -5.318  -15.174 0.945   1.00 17.16 ? 1018 HOH A O   1 
HETATM 605 O  O   . HOH E 4 .  ? -13.781 6.846   -2.505  1.00 14.90 ? 1019 HOH A O   1 
HETATM 606 O  O   . HOH E 4 .  ? -1.170  -7.345  11.455  1.00 14.94 ? 1020 HOH A O   1 
HETATM 607 O  O   . HOH E 4 .  ? 0.525   10.658  1.811   1.00 14.52 ? 1021 HOH A O   1 
HETATM 608 O  O   . HOH E 4 .  ? 4.786   -7.509  -7.774  1.00 15.92 ? 1022 HOH A O   1 
HETATM 609 O  O   . HOH E 4 .  ? -9.527  8.375   -4.225  1.00 15.06 ? 1023 HOH A O   1 
HETATM 610 O  O   . HOH E 4 .  ? -5.460  -12.620 3.711   1.00 15.64 ? 1024 HOH A O   1 
HETATM 611 O  O   . HOH E 4 .  ? 0.841   -5.271  15.061  1.00 12.49 ? 1025 HOH A O   1 
HETATM 612 O  O   . HOH E 4 .  ? 12.866  -0.073  2.166   1.00 14.56 ? 1026 HOH A O   1 
HETATM 613 O  O   . HOH E 4 .  ? 10.189  -8.682  11.161  1.00 22.66 ? 1027 HOH A O   1 
HETATM 614 O  O   . HOH E 4 .  ? 10.960  -5.505  3.515   1.00 16.24 ? 1028 HOH A O   1 
HETATM 615 O  O   . HOH E 4 .  ? -12.041 -4.967  -3.349  1.00 16.27 ? 1029 HOH A O   1 
HETATM 616 O  O   . HOH E 4 .  ? -1.492  -5.080  16.634  1.00 19.36 ? 1030 HOH A O   1 
HETATM 617 O  O   . HOH E 4 .  ? 1.646   13.363  -10.912 1.00 13.70 ? 1031 HOH A O   1 
HETATM 618 O  O   . HOH E 4 .  ? -1.475  10.217  5.767   1.00 23.49 ? 1032 HOH A O   1 
HETATM 619 O  O   . HOH E 4 .  ? 12.567  7.138   2.846   1.00 18.88 ? 1033 HOH A O   1 
HETATM 620 O  O   . HOH E 4 .  ? -7.273  12.114  0.639   1.00 16.88 ? 1034 HOH A O   1 
HETATM 621 O  O   . HOH E 4 .  ? 2.037   -17.322 -0.656  1.00 13.56 ? 1035 HOH A O   1 
HETATM 622 O  O   . HOH E 4 .  ? 1.113   -9.106  10.020  1.00 16.28 ? 1036 HOH A O   1 
HETATM 623 O  O   . HOH E 4 .  ? 5.774   -5.272  -10.444 1.00 19.05 ? 1037 HOH A O   1 
HETATM 624 O  O   . HOH E 4 .  ? 5.322   -8.084  10.762  1.00 17.23 ? 1038 HOH A O   1 
HETATM 625 O  O   . HOH E 4 .  ? -7.626  9.687   -14.404 1.00 19.12 ? 1039 HOH A O   1 
HETATM 626 O  O   . HOH E 4 .  ? -7.750  -8.912  5.111   1.00 24.22 ? 1040 HOH A O   1 
HETATM 627 O  O   . HOH E 4 .  ? -3.614  12.029  1.285   1.00 20.56 ? 1041 HOH A O   1 
HETATM 628 O  O   . HOH E 4 .  ? 11.826  6.550   5.407   1.00 20.34 ? 1042 HOH A O   1 
HETATM 629 O  O   . HOH E 4 .  ? 3.270   -16.042 4.219   1.00 20.92 ? 1043 HOH A O   1 
HETATM 630 O  O   . HOH E 4 .  ? 16.134  -3.347  5.816   1.00 16.27 ? 1044 HOH A O   1 
HETATM 631 O  O   . HOH E 4 .  ? 0.434   6.383   -11.183 1.00 26.51 ? 1045 HOH A O   1 
HETATM 632 O  O   . HOH E 4 .  ? 9.888   -13.413 10.160  1.00 20.37 ? 1046 HOH A O   1 
HETATM 633 O  O   . HOH E 4 .  ? 2.343   10.203  10.642  1.00 33.84 ? 1047 HOH A O   1 
HETATM 634 O  O   . HOH E 4 .  ? 2.218   9.036   -8.480  1.00 15.34 ? 1048 HOH A O   1 
HETATM 635 O  O   . HOH E 4 .  ? -3.132  -12.047 6.787   1.00 19.99 ? 1049 HOH A O   1 
HETATM 636 O  O   . HOH E 4 .  ? -7.429  -7.026  -1.738  1.00 24.37 ? 1050 HOH A O   1 
HETATM 637 O  O   . HOH E 4 .  ? -11.949 11.802  -0.224  1.00 38.99 ? 1051 HOH A O   1 
HETATM 638 O  O   . HOH E 4 .  ? -1.027  13.487  -3.245  1.00 34.42 ? 1052 HOH A O   1 
HETATM 639 O  O   . HOH E 4 .  ? -9.562  10.885  -5.318  1.00 17.09 ? 1053 HOH A O   1 
HETATM 640 O  O   . HOH E 4 .  ? -1.664  -4.872  -10.637 1.00 27.26 ? 1054 HOH A O   1 
HETATM 641 O  O   . HOH E 4 .  ? 1.300   -11.304 8.765   1.00 28.86 ? 1055 HOH A O   1 
HETATM 642 O  O   . HOH E 4 .  ? -0.727  2.407   -13.301 1.00 32.29 ? 1056 HOH A O   1 
HETATM 643 O  O   . HOH E 4 .  ? -1.552  4.443   -15.336 1.00 25.36 ? 1057 HOH A O   1 
HETATM 644 O  O   . HOH E 4 .  ? -15.691 -3.011  -0.794  1.00 32.28 ? 1058 HOH A O   1 
HETATM 645 O  O   . HOH E 4 .  ? -4.591  -10.046 6.579   1.00 31.43 ? 1059 HOH A O   1 
HETATM 646 O  O   . HOH E 4 .  ? -12.831 9.171   -5.316  1.00 37.74 ? 1060 HOH A O   1 
HETATM 647 O  O   . HOH E 4 .  ? 1.267   -16.067 2.779   1.00 19.02 ? 1061 HOH A O   1 
HETATM 648 O  O   . HOH E 4 .  ? 7.773   -12.230 10.738  1.00 26.77 ? 1062 HOH A O   1 
HETATM 649 O  O   . HOH E 4 .  ? 8.309   -16.348 9.718   1.00 31.26 ? 1063 HOH A O   1 
HETATM 650 O  O   . HOH E 4 .  ? -7.342  -7.973  -4.149  1.00 19.34 ? 1064 HOH A O   1 
HETATM 651 O  O   . HOH E 4 .  ? -5.886  3.768   15.486  1.00 27.59 ? 1065 HOH A O   1 
HETATM 652 O  O   . HOH E 4 .  ? -1.160  8.659   9.491   1.00 20.88 ? 1066 HOH A O   1 
HETATM 653 O  O   . HOH E 4 .  ? 0.714   11.691  4.546   1.00 27.03 ? 1067 HOH A O   1 
HETATM 654 O  O   . HOH E 4 .  ? 0.241   -15.597 4.984   1.00 34.49 ? 1068 HOH A O   1 
HETATM 655 O  O   . HOH E 4 .  ? 1.218   15.519  -12.921 1.00 20.19 ? 1069 HOH A O   1 
HETATM 656 O  O   . HOH E 4 .  ? -14.934 0.822   1.471   1.00 30.85 ? 1070 HOH A O   1 
HETATM 657 O  O   . HOH E 4 .  ? -8.811  13.122  -9.842  1.00 28.30 ? 1071 HOH A O   1 
HETATM 658 O  O   . HOH E 4 .  ? -11.506 6.638   4.547   1.00 22.35 ? 1072 HOH A O   1 
HETATM 659 O  O   . HOH E 4 .  ? 3.266   8.941   -10.789 1.00 23.75 ? 1073 HOH A O   1 
HETATM 660 O  O   . HOH E 4 .  ? -1.406  6.702   11.354  1.00 35.20 ? 1074 HOH A O   1 
HETATM 661 O  O   . HOH E 4 .  ? -14.596 -5.309  -2.219  1.00 25.84 ? 1075 HOH A O   1 
HETATM 662 O  O   . HOH E 4 .  ? -2.555  -11.393 -7.483  1.00 29.72 ? 1076 HOH A O   1 
HETATM 663 O  O   . HOH E 4 .  ? 5.109   9.319   9.261   1.00 39.86 ? 1077 HOH A O   1 
HETATM 664 O  O   . HOH E 4 .  ? -2.331  -3.875  19.526  1.00 49.11 ? 1078 HOH A O   1 
HETATM 665 O  O   . HOH E 4 .  ? 11.798  -13.598 12.177  1.00 29.54 ? 1079 HOH A O   1 
HETATM 666 O  O   . HOH E 4 .  ? 2.955   6.007   -12.752 1.00 42.97 ? 1080 HOH A O   1 
HETATM 667 O  O   . HOH E 4 .  ? -3.634  5.488   11.869  1.00 30.92 ? 1081 HOH A O   1 
HETATM 668 O  O   . HOH E 4 .  ? -5.071  -11.422 -5.392  1.00 35.03 ? 1082 HOH A O   1 
HETATM 669 O  O   . HOH E 4 .  ? -0.031  -7.311  -8.753  1.00 34.60 ? 1083 HOH A O   1 
HETATM 670 O  O   . HOH E 4 .  ? -18.680 -4.897  -2.783  1.00 29.67 ? 1084 HOH A O   1 
HETATM 671 O  O   . HOH E 4 .  ? -1.143  -6.669  -13.380 1.00 38.10 ? 1085 HOH A O   1 
HETATM 672 O  O   . HOH E 4 .  ? -9.852  4.746   6.951   1.00 31.64 ? 1086 HOH A O   1 
HETATM 673 O  O   . HOH E 4 .  ? -14.716 10.790  -6.324  1.00 44.70 ? 1087 HOH A O   1 
HETATM 674 O  O   . HOH E 4 .  ? -6.088  -13.497 -4.925  1.00 30.82 ? 1088 HOH A O   1 
HETATM 675 O  O   . HOH E 4 .  ? 1.887   17.701  -13.853 1.00 28.44 ? 1089 HOH A O   1 
HETATM 676 O  O   . HOH E 4 .  ? -7.864  4.924   13.371  1.00 34.84 ? 1090 HOH A O   1 
HETATM 677 O  O   . HOH E 4 .  ? 9.118   -16.108 12.050  1.00 39.21 ? 1091 HOH A O   1 
HETATM 678 O  O   . HOH E 4 .  ? -11.272 9.606   -0.155  1.00 34.87 ? 1092 HOH A O   1 
HETATM 679 O  O   . HOH E 4 .  ? -6.292  -9.631  -13.798 1.00 64.30 ? 1093 HOH A O   1 
HETATM 680 O  O   . HOH E 4 .  ? 3.255   -13.199 10.808  1.00 20.67 ? 1094 HOH A O   1 
HETATM 681 O  O   . HOH E 4 .  ? -1.713  11.512  3.043   1.00 29.43 ? 1095 HOH A O   1 
HETATM 682 O  O   . HOH E 4 .  ? -10.386 -10.477 -3.305  1.00 47.90 ? 1096 HOH A O   1 
HETATM 683 O  O   . HOH E 4 .  ? 0.474   0.415   -13.885 1.00 26.58 ? 1097 HOH A O   1 
HETATM 684 O  O   . HOH E 4 .  ? 1.436   15.122  -15.176 1.00 31.85 ? 1098 HOH A O   1 
HETATM 685 O  O   . HOH E 4 .  ? 14.305  6.540   5.156   1.00 46.35 ? 1099 HOH A O   1 
HETATM 686 O  O   . HOH E 4 .  ? -6.381  1.551   15.780  1.00 49.82 ? 1100 HOH A O   1 
HETATM 687 O  O   . HOH E 4 .  ? -6.274  5.142   17.576  1.00 40.09 ? 1101 HOH A O   1 
HETATM 688 O  O   . HOH E 4 .  ? 4.169   -8.650  12.958  1.00 37.69 ? 1102 HOH A O   1 
HETATM 689 O  O   . HOH E 4 .  ? -7.837  12.455  -14.287 0.50 33.56 ? 1103 HOH A O   1 
HETATM 690 O  O   . HOH E 4 .  ? 2.200   -5.218  -12.230 1.00 28.59 ? 1104 HOH A O   1 
HETATM 691 O  O   . HOH E 4 .  ? 5.553   -12.639 8.775   1.00 51.02 ? 1105 HOH A O   1 
HETATM 692 O  O   . HOH E 4 .  ? -13.342 0.832   3.128   1.00 32.47 ? 1106 HOH A O   1 
HETATM 693 O  O   . HOH E 4 .  ? -16.678 3.296   -2.485  1.00 35.80 ? 1107 HOH A O   1 
HETATM 694 O  O   . HOH E 4 .  ? -2.955  10.374  11.352  1.00 38.80 ? 1108 HOH A O   1 
HETATM 695 O  O   . HOH E 4 .  ? -7.688  2.411   13.713  1.00 35.58 ? 1109 HOH A O   1 
HETATM 696 O  O   . HOH E 4 .  ? 0.942   12.028  7.151   1.00 30.95 ? 1110 HOH A O   1 
HETATM 697 O  O   . HOH E 4 .  ? -10.161 10.720  -1.782  1.00 53.60 ? 1111 HOH A O   1 
HETATM 698 O  O   . HOH E 4 .  ? -8.925  -4.537  -7.920  1.00 40.18 ? 1112 HOH A O   1 
HETATM 699 O  O   . HOH E 4 .  ? -4.813  -14.796 4.796   0.50 24.45 ? 1113 HOH A O   1 
HETATM 700 O  O   . HOH E 4 .  ? 9.367   -13.459 12.371  1.00 34.65 ? 1114 HOH A O   1 
HETATM 701 O  O   . HOH E 4 .  ? -2.884  -3.228  15.953  1.00 49.69 ? 1115 HOH A O   1 
HETATM 702 O  O   . HOH E 4 .  ? -15.165 7.458   -4.235  0.50 34.59 ? 1116 HOH A O   1 
HETATM 703 O  O   . HOH E 4 .  ? -16.667 -5.768  -3.397  1.00 45.52 ? 1117 HOH A O   1 
# 
loop_
_atom_site_anisotrop.id 
_atom_site_anisotrop.type_symbol 
_atom_site_anisotrop.pdbx_label_atom_id 
_atom_site_anisotrop.pdbx_label_alt_id 
_atom_site_anisotrop.pdbx_label_comp_id 
_atom_site_anisotrop.pdbx_label_asym_id 
_atom_site_anisotrop.pdbx_label_seq_id 
_atom_site_anisotrop.pdbx_PDB_ins_code 
_atom_site_anisotrop.U[1][1] 
_atom_site_anisotrop.U[2][2] 
_atom_site_anisotrop.U[3][3] 
_atom_site_anisotrop.U[1][2] 
_atom_site_anisotrop.U[1][3] 
_atom_site_anisotrop.U[2][3] 
_atom_site_anisotrop.pdbx_auth_seq_id 
_atom_site_anisotrop.pdbx_auth_comp_id 
_atom_site_anisotrop.pdbx_auth_asym_id 
_atom_site_anisotrop.pdbx_auth_atom_id 
1   N  N   . ALA A 2  ? 0.2988 0.6215 0.1761 -0.0777 -0.0538 0.2066  2    ALA A N   
2   C  CA  . ALA A 2  ? 0.0828 0.1045 0.0820 0.0363  -0.0194 -0.0691 2    ALA A CA  
3   C  C   . ALA A 2  ? 0.0559 0.0805 0.0678 0.0204  -0.0101 -0.0243 2    ALA A C   
4   O  O   . ALA A 2  ? 0.0481 0.0894 0.0702 0.0112  -0.0065 -0.0176 2    ALA A O   
5   C  CB  . ALA A 2  ? 0.0721 0.1922 0.0976 0.0396  -0.0544 -0.0807 2    ALA A CB  
6   N  N   . GLU A 3  ? 0.0723 0.0675 0.0579 0.0074  -0.0066 -0.0011 3    GLU A N   
7   C  CA  . GLU A 3  ? 0.0576 0.0549 0.0658 0.0084  -0.0029 -0.0050 3    GLU A CA  
8   C  C   . GLU A 3  ? 0.0490 0.0656 0.0618 0.0028  -0.0098 -0.0052 3    GLU A C   
9   O  O   . GLU A 3  ? 0.0944 0.0424 0.0707 0.0039  -0.0078 -0.0051 3    GLU A O   
10  C  CB  . GLU A 3  ? 0.0614 0.0660 0.0869 0.0068  0.0087  -0.0023 3    GLU A CB  
11  C  CG  . GLU A 3  ? 0.0697 0.0484 0.1076 -0.0027 -0.0044 0.0062  3    GLU A CG  
12  C  CD  . GLU A 3  ? 0.0803 0.1068 0.0966 -0.0141 -0.0027 0.0028  3    GLU A CD  
13  O  OE1 . GLU A 3  ? 0.1147 0.1288 0.1031 -0.0070 0.0170  0.0524  3    GLU A OE1 
14  O  OE2 . GLU A 3  ? 0.1051 0.1401 0.1038 -0.0371 -0.0044 -0.0046 3    GLU A OE2 
15  N  N   . ILE A 4  ? 0.0513 0.0643 0.0575 0.0074  -0.0040 -0.0042 4    ILE A N   
16  C  CA  . ILE A 4  ? 0.0517 0.0650 0.0508 0.0133  -0.0034 -0.0095 4    ILE A CA  
17  C  C   . ILE A 4  ? 0.0531 0.0444 0.0481 0.0005  0.0028  0.0005  4    ILE A C   
18  O  O   . ILE A 4  ? 0.0569 0.0528 0.0720 0.0008  -0.0046 -0.0141 4    ILE A O   
19  C  CB  . ILE A 4  ? 0.0515 0.0468 0.0718 0.0050  0.0040  0.0062  4    ILE A CB  
20  C  CG1 . ILE A 4  ? 0.0524 0.0904 0.1000 0.0016  -0.0059 0.0153  4    ILE A CG1 
21  C  CG2 . ILE A 4  ? 0.0649 0.0673 0.0709 0.0132  -0.0004 0.0141  4    ILE A CG2 
22  C  CD1 . ILE A 4  ? 0.0710 0.0931 0.1161 -0.0058 0.0162  0.0097  4    ILE A CD1 
23  N  N   . LYS A 5  ? 0.0459 0.0394 0.0481 -0.0007 -0.0056 0.0018  5    LYS A N   
24  C  CA  . LYS A 5  ? 0.0474 0.0543 0.0569 0.0052  0.0009  0.0040  5    LYS A CA  
25  C  C   . LYS A 5  ? 0.0426 0.0425 0.0615 -0.0016 0.0011  -0.0001 5    LYS A C   
26  O  O   . LYS A 5  ? 0.0679 0.0577 0.0743 -0.0218 -0.0237 0.0177  5    LYS A O   
27  C  CB  . LYS A 5  ? 0.0538 0.0699 0.0663 -0.0050 0.0069  -0.0075 5    LYS A CB  
28  C  CG  . LYS A 5  ? 0.1152 0.1968 0.0845 -0.0439 0.0077  0.0670  5    LYS A CG  
29  C  CD  . LYS A 5  ? 0.1733 0.3013 0.0807 0.0225  -0.0036 0.0230  5    LYS A CD  
30  C  CE  . LYS A 5  ? 0.2994 0.2009 0.2371 0.1366  -0.1506 -0.0405 5    LYS A CE  
31  N  NZ  . LYS A 5  ? 0.5648 0.3847 0.5214 -0.1622 -0.0868 0.0011  5    LYS A NZ  
32  N  N   . HIS A 6  ? 0.0442 0.0463 0.0691 -0.0015 -0.0074 0.0096  6    HIS A N   
33  C  CA  . HIS A 6  ? 0.0476 0.0307 0.0585 0.0021  0.0021  0.0095  6    HIS A CA  
34  C  C   . HIS A 6  ? 0.0399 0.0489 0.0534 -0.0033 -0.0033 0.0038  6    HIS A C   
35  O  O   . HIS A 6  ? 0.0459 0.0401 0.0921 -0.0036 -0.0021 -0.0052 6    HIS A O   
36  C  CB  . HIS A 6  ? 0.0491 0.0641 0.0670 0.0117  0.0046  -0.0041 6    HIS A CB  
37  C  CG  . HIS A 6  ? 0.0449 0.0614 0.0588 0.0061  0.0037  -0.0082 6    HIS A CG  
38  N  ND1 . HIS A 6  ? 0.0769 0.0665 0.0760 0.0115  -0.0043 -0.0039 6    HIS A ND1 
39  C  CD2 . HIS A 6  ? 0.0486 0.0439 0.0709 0.0006  -0.0018 -0.0120 6    HIS A CD2 
40  C  CE1 . HIS A 6  ? 0.0482 0.0564 0.0526 -0.0004 -0.0006 -0.0003 6    HIS A CE1 
41  N  NE2 . HIS A 6  ? 0.0903 0.0764 0.0719 0.0009  -0.0031 0.0022  6    HIS A NE2 
42  N  N   . TYR A 7  ? 0.0379 0.0497 0.0531 -0.0076 0.0049  0.0089  7    TYR A N   
43  C  CA  . TYR A 7  ? 0.0409 0.0463 0.0526 0.0015  0.0009  0.0082  7    TYR A CA  
44  C  C   . TYR A 7  ? 0.0372 0.0421 0.0514 -0.0003 0.0063  0.0040  7    TYR A C   
45  O  O   . TYR A 7  ? 0.0447 0.0565 0.0624 -0.0114 0.0045  0.0129  7    TYR A O   
46  C  CB  . TYR A 7  ? 0.0599 0.0571 0.0535 -0.0017 -0.0041 -0.0022 7    TYR A CB  
47  C  CG  . TYR A 7  ? 0.0496 0.0557 0.0494 0.0052  0.0062  -0.0061 7    TYR A CG  
48  C  CD1 . TYR A 7  ? 0.0616 0.0502 0.0654 0.0046  -0.0074 -0.0065 7    TYR A CD1 
49  C  CD2 . TYR A 7  ? 0.0636 0.0591 0.0652 -0.0007 -0.0112 -0.0062 7    TYR A CD2 
50  C  CE1 . TYR A 7  ? 0.0647 0.0487 0.0590 0.0093  -0.0014 -0.0043 7    TYR A CE1 
51  C  CE2 . TYR A 7  ? 0.0609 0.0623 0.0619 -0.0040 -0.0044 -0.0027 7    TYR A CE2 
52  C  CZ  . TYR A 7  ? 0.0572 0.0687 0.0524 -0.0015 0.0026  -0.0011 7    TYR A CZ  
53  O  OH  . TYR A 7  ? 0.0750 0.0682 0.0743 0.0027  -0.0175 0.0024  7    TYR A OH  
54  N  N   . GLN A 8  ? 0.0366 0.0519 0.0720 -0.0090 -0.0054 0.0172  8    GLN A N   
55  C  CA  . GLN A 8  ? 0.0484 0.0581 0.0543 0.0030  0.0041  0.0155  8    GLN A CA  
56  C  C   . GLN A 8  ? 0.0441 0.0662 0.0532 0.0000  -0.0038 0.0184  8    GLN A C   
57  O  O   . GLN A 8  ? 0.0468 0.0770 0.1132 0.0136  0.0229  0.0395  8    GLN A O   
58  C  CB  . GLN A 8  ? 0.0558 0.0648 0.0777 0.0042  -0.0066 0.0060  8    GLN A CB  
59  C  CG  . GLN A 8  ? 0.0732 0.0979 0.0839 0.0056  -0.0329 0.0129  8    GLN A CG  
60  C  CD  . GLN A 8  ? 0.1186 0.0771 0.0875 -0.0123 -0.0336 0.0222  8    GLN A CD  
61  O  OE1 . GLN A 8  ? 0.1682 0.1288 0.1303 0.0170  -0.0071 -0.0099 8    GLN A OE1 
62  N  NE2 . GLN A 8  ? 0.1349 0.1226 0.1577 -0.0420 -0.0624 0.0209  8    GLN A NE2 
63  N  N   . PHE A 9  ? 0.0344 0.0568 0.0588 0.0011  0.0025  0.0121  9    PHE A N   
64  C  CA  . PHE A 9  ? 0.0400 0.0677 0.0615 0.0093  0.0050  0.0071  9    PHE A CA  
65  C  C   . PHE A 9  ? 0.0432 0.0481 0.0656 -0.0009 0.0018  0.0199  9    PHE A C   
66  O  O   . PHE A 9  ? 0.0358 0.0984 0.0740 -0.0115 -0.0009 0.0236  9    PHE A O   
67  C  CB  . PHE A 9  ? 0.0471 0.0598 0.0637 0.0016  0.0084  0.0082  9    PHE A CB  
68  C  CG  . PHE A 9  ? 0.0548 0.0702 0.0605 0.0085  0.0008  -0.0093 9    PHE A CG  
69  C  CD1 . PHE A 9  ? 0.0750 0.0591 0.0667 0.0228  0.0038  0.0091  9    PHE A CD1 
70  C  CD2 . PHE A 9  ? 0.0531 0.0707 0.0753 0.0128  -0.0008 -0.0054 9    PHE A CD2 
71  C  CE1 . PHE A 9  ? 0.0816 0.1147 0.0562 0.0329  -0.0082 -0.0145 9    PHE A CE1 
72  C  CE2 . PHE A 9  ? 0.0737 0.0547 0.0830 0.0028  -0.0170 -0.0069 9    PHE A CE2 
73  C  CZ  . PHE A 9  ? 0.0813 0.0646 0.0748 0.0089  -0.0080 -0.0182 9    PHE A CZ  
74  N  N   . ASN A 10 ? 0.0464 0.0483 0.0724 -0.0041 -0.0015 0.0110  10   ASN A N   
75  C  CA  . ASN A 10 ? 0.0405 0.0601 0.0699 -0.0051 0.0000  0.0124  10   ASN A CA  
76  C  C   . ASN A 10 ? 0.0480 0.0646 0.0618 0.0043  -0.0068 0.0097  10   ASN A C   
77  O  O   . ASN A 10 ? 0.0599 0.0716 0.0707 -0.0011 0.0063  0.0063  10   ASN A O   
78  C  CB  . ASN A 10 ? 0.0441 0.0722 0.1027 -0.0083 -0.0118 -0.0016 10   ASN A CB  
79  C  CG  . ASN A 10 ? 0.0500 0.0940 0.0856 -0.0138 -0.0115 0.0056  10   ASN A CG  
80  O  OD1 . ASN A 10 ? 0.0691 0.1073 0.1192 -0.0127 -0.0025 0.0296  10   ASN A OD1 
81  N  ND2 . ASN A 10 ? 0.0492 0.1410 0.1003 -0.0295 -0.0295 0.0464  10   ASN A ND2 
82  N  N   . VAL A 11 ? 0.0409 0.0609 0.0657 0.0005  -0.0051 0.0017  11   VAL A N   
83  C  CA  . VAL A 11 ? 0.0526 0.0712 0.0582 -0.0046 -0.0011 0.0048  11   VAL A CA  
84  C  C   . VAL A 11 ? 0.0482 0.0578 0.0676 0.0034  -0.0055 0.0058  11   VAL A C   
85  O  O   . VAL A 11 ? 0.0523 0.0670 0.0646 0.0055  0.0001  0.0085  11   VAL A O   
86  C  CB  . VAL A 11 ? 0.0463 0.0736 0.0744 0.0012  -0.0119 -0.0039 11   VAL A CB  
87  C  CG1 . VAL A 11 ? 0.0654 0.0730 0.0804 -0.0018 -0.0137 -0.0008 11   VAL A CG1 
88  C  CG2 . VAL A 11 ? 0.0463 0.0790 0.0721 -0.0086 -0.0057 0.0098  11   VAL A CG2 
89  N  N   . VAL A 12 ? 0.0783 0.0686 0.0692 0.0152  0.0045  0.0082  12   VAL A N   
90  C  CA  . VAL A 12 ? 0.0569 0.0671 0.0714 0.0086  -0.0094 0.0052  12   VAL A CA  
91  C  C   . VAL A 12 ? 0.0526 0.0670 0.0613 0.0136  -0.0089 0.0085  12   VAL A C   
92  O  O   . VAL A 12 ? 0.0794 0.0900 0.0695 -0.0068 -0.0019 -0.0094 12   VAL A O   
93  C  CB  . VAL A 12 ? 0.0523 0.0881 0.0826 0.0070  -0.0044 0.0058  12   VAL A CB  
94  C  CG1 . VAL A 12 ? 0.0495 0.1110 0.1135 0.0147  -0.0138 0.0154  12   VAL A CG1 
95  C  CG2 . VAL A 12 ? 0.0633 0.1024 0.1035 -0.0010 0.0054  0.0002  12   VAL A CG2 
96  N  N   . MET A 13 ? 0.0665 0.0573 0.0630 0.0022  -0.0046 -0.0024 13   MET A N   
97  C  CA  . MET A 13 ? 0.0459 0.0681 0.0861 -0.0001 -0.0079 0.0049  13   MET A CA  
98  C  C   . MET A 13 ? 0.0581 0.0624 0.0862 0.0020  -0.0072 0.0007  13   MET A C   
99  O  O   . MET A 13 ? 0.0914 0.0706 0.0809 -0.0056 0.0040  0.0010  13   MET A O   
100 C  CB  . MET A 13 ? 0.0543 0.0765 0.0730 0.0124  -0.0092 -0.0088 13   MET A CB  
101 C  CG  . MET A 13 ? 0.0654 0.0675 0.0790 0.0113  -0.0130 0.0016  13   MET A CG  
102 S  SD  . MET A 13 ? 0.0516 0.0804 0.1001 0.0066  -0.0101 -0.0006 13   MET A SD  
103 C  CE  . MET A 13 ? 0.0641 0.0707 0.0762 0.0030  -0.0017 0.0065  13   MET A CE  
104 N  N   . THR A 14 ? 0.0875 0.0653 0.0857 0.0163  -0.0200 0.0000  14   THR A N   
105 C  CA  . THR A 14 ? 0.1172 0.0805 0.0875 0.0151  -0.0295 0.0053  14   THR A CA  
106 C  C   . THR A 14 ? 0.1310 0.0830 0.1004 0.0070  -0.0357 0.0210  14   THR A C   
107 O  O   . THR A 14 ? 0.1659 0.1557 0.0821 -0.0029 -0.0452 0.0191  14   THR A O   
108 C  CB  . THR A 14 ? 0.1094 0.0791 0.1319 0.0240  -0.0545 -0.0010 14   THR A CB  
109 O  OG1 . THR A 14 ? 0.1166 0.1052 0.1838 0.0421  -0.0618 -0.0472 14   THR A OG1 
110 C  CG2 . THR A 14 ? 0.0854 0.1633 0.1573 0.0448  -0.0284 -0.0083 14   THR A CG2 
111 N  N   . CYS A 15 ? 0.1212 0.1228 0.0750 0.0209  -0.0168 0.0300  15   CYS A N   
112 C  CA  . CYS A 15 ? 0.1349 0.1210 0.0986 0.0028  -0.0222 0.0341  15   CYS A CA  
113 C  C   . CYS A 15 ? 0.1256 0.0998 0.0804 0.0164  -0.0022 0.0205  15   CYS A C   
114 O  O   . CYS A 15 ? 0.1058 0.0682 0.0788 -0.0075 -0.0099 0.0121  15   CYS A O   
115 C  CB  . CYS A 15 ? 0.1307 0.1236 0.1295 0.0237  -0.0386 0.0477  15   CYS A CB  
116 S  SG  . CYS A 15 ? 0.1242 0.1060 0.1554 0.0313  -0.0263 0.0290  15   CYS A SG  
117 N  N   . SER A 16 ? 0.1326 0.1042 0.0959 -0.0036 -0.0037 0.0314  16   SER A N   
118 C  CA  . SER A 16 ? 0.1268 0.1122 0.1015 -0.0085 0.0046  0.0299  16   SER A CA  
119 C  C   . SER A 16 ? 0.0900 0.1036 0.1008 0.0067  0.0058  0.0334  16   SER A C   
120 O  O   . SER A 16 ? 0.1103 0.1375 0.1047 0.0308  0.0055  0.0525  16   SER A O   
121 C  CB  . SER A 16 ? 0.1259 0.1425 0.0964 -0.0184 0.0027  0.0201  16   SER A CB  
122 O  OG  . SER A 16 ? 0.1340 0.1485 0.1395 -0.0378 -0.0116 0.0547  16   SER A OG  
123 N  N   . GLY A 17 ? 0.0918 0.0821 0.1127 0.0034  -0.0197 0.0291  17   GLY A N   
124 C  CA  . GLY A 17 ? 0.1056 0.0657 0.1366 -0.0083 -0.0252 0.0152  17   GLY A CA  
125 C  C   . GLY A 17 ? 0.0886 0.0730 0.1075 -0.0007 -0.0039 0.0020  17   GLY A C   
126 O  O   . GLY A 17 ? 0.0924 0.0715 0.1406 -0.0078 -0.0333 0.0136  17   GLY A O   
127 N  N   . CYS A 18 ? 0.0855 0.0689 0.0900 0.0030  -0.0099 0.0056  18   CYS A N   
128 C  CA  . CYS A 18 ? 0.0684 0.0707 0.0875 0.0056  -0.0126 0.0033  18   CYS A CA  
129 C  C   . CYS A 18 ? 0.0639 0.0469 0.0806 -0.0113 -0.0110 0.0025  18   CYS A C   
130 O  O   . CYS A 18 ? 0.0739 0.0720 0.0859 -0.0006 -0.0096 0.0117  18   CYS A O   
131 C  CB  . CYS A 18 ? 0.0778 0.0646 0.0911 -0.0006 -0.0245 0.0113  18   CYS A CB  
132 S  SG  . CYS A 18 ? 0.0786 0.1083 0.1096 0.0160  -0.0190 -0.0134 18   CYS A SG  
133 N  N   . SER A 19 ? 0.0814 0.0745 0.0846 0.0042  -0.0078 0.0000  19   SER A N   
134 C  CA  . SER A 19 ? 0.0825 0.0710 0.0758 0.0120  -0.0141 0.0053  19   SER A CA  
135 C  C   . SER A 19 ? 0.0738 0.0780 0.0738 0.0035  0.0012  0.0229  19   SER A C   
136 O  O   . SER A 19 ? 0.0829 0.0745 0.0705 0.0107  -0.0129 0.0034  19   SER A O   
137 C  CB  . SER A 19 ? 0.1114 0.1003 0.0766 0.0325  -0.0018 0.0055  19   SER A CB  
138 O  OG  . SER A 19 ? 0.2093 0.1292 0.1017 0.0385  0.0200  0.0312  19   SER A OG  
139 N  N   . GLY A 20 ? 0.0626 0.0853 0.0912 -0.0083 0.0035  0.0307  20   GLY A N   
140 C  CA  . GLY A 20 ? 0.0622 0.0803 0.0952 0.0083  0.0011  0.0181  20   GLY A CA  
141 C  C   . GLY A 20 ? 0.0462 0.0446 0.0987 -0.0075 0.0037  0.0147  20   GLY A C   
142 O  O   . GLY A 20 ? 0.0540 0.0652 0.0936 0.0000  -0.0004 0.0190  20   GLY A O   
143 N  N   . ALA A 21 ? 0.0574 0.0549 0.0978 -0.0117 0.0041  0.0059  21   ALA A N   
144 C  CA  . ALA A 21 ? 0.0664 0.0520 0.0937 -0.0035 0.0026  -0.0125 21   ALA A CA  
145 C  C   . ALA A 21 ? 0.0530 0.0548 0.0877 -0.0125 0.0128  0.0008  21   ALA A C   
146 O  O   . ALA A 21 ? 0.0980 0.0597 0.0845 -0.0127 -0.0017 -0.0021 21   ALA A O   
147 C  CB  . ALA A 21 ? 0.0680 0.1042 0.1157 0.0242  0.0061  0.0064  21   ALA A CB  
148 N  N   . VAL A 22 ? 0.0585 0.0523 0.0798 -0.0007 0.0018  0.0010  22   VAL A N   
149 C  CA  . VAL A 22 ? 0.0672 0.0521 0.0620 -0.0083 -0.0020 0.0075  22   VAL A CA  
150 C  C   . VAL A 22 ? 0.0691 0.0452 0.0602 -0.0044 -0.0002 0.0043  22   VAL A C   
151 O  O   . VAL A 22 ? 0.0758 0.0605 0.0640 -0.0037 -0.0058 0.0022  22   VAL A O   
152 C  CB  . VAL A 22 ? 0.0787 0.0506 0.0966 -0.0051 -0.0181 0.0081  22   VAL A CB  
153 C  CG1 . VAL A 22 ? 0.1091 0.0449 0.1199 -0.0308 -0.0411 0.0225  22   VAL A CG1 
154 C  CG2 . VAL A 22 ? 0.0652 0.0845 0.1239 -0.0287 -0.0037 0.0172  22   VAL A CG2 
155 N  N   . ASN A 23 ? 0.0622 0.0619 0.0630 0.0061  -0.0099 0.0078  23   ASN A N   
156 C  CA  . ASN A 23 ? 0.0568 0.0872 0.0655 0.0100  0.0002  -0.0030 23   ASN A CA  
157 C  C   . ASN A 23 ? 0.0472 0.0947 0.0650 0.0126  0.0081  -0.0061 23   ASN A C   
158 O  O   . ASN A 23 ? 0.0516 0.0909 0.0674 0.0076  -0.0003 -0.0009 23   ASN A O   
159 C  CB  . ASN A 23 ? 0.0684 0.0822 0.0637 0.0152  -0.0018 0.0038  23   ASN A CB  
160 C  CG  . ASN A 23 ? 0.0779 0.1246 0.0500 0.0273  0.0110  0.0109  23   ASN A CG  
161 O  OD1 . ASN A 23 ? 0.1198 0.1644 0.1104 0.0741  -0.0104 -0.0248 23   ASN A OD1 
162 N  ND2 . ASN A 23 ? 0.0527 0.1569 0.1255 0.0045  0.0062  0.0516  23   ASN A ND2 
163 N  N   . LYS A 24 ? 0.0469 0.0947 0.0677 0.0063  -0.0044 -0.0054 24   LYS A N   
164 C  CA  . LYS A 24 ? 0.0529 0.0861 0.0896 -0.0171 -0.0118 0.0050  24   LYS A CA  
165 C  C   . LYS A 24 ? 0.0658 0.0665 0.0723 -0.0075 -0.0053 -0.0177 24   LYS A C   
166 O  O   . LYS A 24 ? 0.0551 0.0823 0.0817 -0.0047 -0.0016 -0.0140 24   LYS A O   
167 C  CB  . LYS A 24 ? 0.0976 0.0826 0.1045 -0.0200 -0.0139 0.0049  24   LYS A CB  
168 C  CG  . LYS A 24 ? 0.2484 0.0935 0.1822 -0.0564 -0.0808 -0.0110 24   LYS A CG  
169 C  CD  . LYS A 24 ? 0.3938 0.1116 0.2969 -0.0022 -0.0877 -0.0878 24   LYS A CD  
170 C  CE  . LYS A 24 ? 0.3125 0.1066 0.4818 -0.0298 -0.0790 0.0284  24   LYS A CE  
171 N  NZ  . LYS A 24 ? 0.1331 0.3091 0.2888 -0.0730 0.0174  0.0395  24   LYS A NZ  
172 N  N   . VAL A 25 ? 0.0542 0.0935 0.0703 0.0148  -0.0072 0.0000  25   VAL A N   
173 C  CA  . VAL A 25 ? 0.0608 0.1333 0.0641 0.0194  0.0038  0.0070  25   VAL A CA  
174 C  C   . VAL A 25 ? 0.0581 0.0983 0.0556 -0.0008 0.0000  0.0051  25   VAL A C   
175 O  O   . VAL A 25 ? 0.1042 0.0904 0.0590 0.0094  -0.0098 0.0015  25   VAL A O   
176 C  CB  . VAL A 25 ? 0.0628 0.1998 0.0962 0.0260  0.0056  0.0289  25   VAL A CB  
177 C  CG1 . VAL A 25 ? 0.1000 0.2841 0.1796 0.0983  0.0505  0.0731  25   VAL A CG1 
178 C  CG2 . VAL A 25 ? 0.1245 0.2953 0.0941 -0.0731 0.0061  0.0344  25   VAL A CG2 
179 N  N   . LEU A 26 ? 0.0541 0.0897 0.0612 -0.0190 0.0009  0.0021  26   LEU A N   
180 C  CA  . LEU A 26 ? 0.0893 0.0762 0.0522 -0.0160 0.0024  0.0136  26   LEU A CA  
181 C  C   . LEU A 26 ? 0.0732 0.0523 0.0470 0.0016  0.0012  0.0093  26   LEU A C   
182 O  O   . LEU A 26 ? 0.0960 0.0500 0.0672 -0.0006 -0.0009 0.0107  26   LEU A O   
183 C  CB  . LEU A 26 ? 0.1223 0.0649 0.0707 -0.0350 -0.0029 0.0128  26   LEU A CB  
184 C  CG  . LEU A 26 ? 0.1074 0.0764 0.1013 -0.0126 -0.0009 0.0057  26   LEU A CG  
185 C  CD1 . LEU A 26 ? 0.0916 0.1025 0.1178 -0.0177 -0.0045 -0.0044 26   LEU A CD1 
186 C  CD2 . LEU A 26 ? 0.1902 0.1868 0.1223 -0.1094 0.0033  0.0543  26   LEU A CD2 
187 N  N   . THR A 27 ? 0.0578 0.0626 0.0632 0.0028  0.0019  0.0152  27   THR A N   
188 C  CA  . THR A 27 ? 0.0500 0.0702 0.0663 0.0085  0.0042  0.0051  27   THR A CA  
189 C  C   . THR A 27 ? 0.0504 0.0784 0.0712 0.0022  0.0013  0.0081  27   THR A C   
190 O  O   . THR A 27 ? 0.0619 0.1339 0.0803 0.0072  -0.0077 0.0049  27   THR A O   
191 C  CB  . THR A 27 ? 0.0358 0.0733 0.0732 -0.0032 0.0088  0.0028  27   THR A CB  
192 O  OG1 . THR A 27 ? 0.0817 0.0647 0.0763 -0.0042 0.0030  0.0017  27   THR A OG1 
193 C  CG2 . THR A 27 ? 0.0618 0.0604 0.0713 -0.0068 0.0125  0.0160  27   THR A CG2 
194 N  N   . LYS A 28 ? 0.0687 0.0571 0.0698 0.0013  0.0047  0.0059  28   LYS A N   
195 C  CA  . LYS A 28 ? 0.0706 0.0663 0.0749 -0.0002 -0.0078 -0.0076 28   LYS A CA  
196 C  C   . LYS A 28 ? 0.0640 0.0716 0.0636 -0.0060 0.0011  -0.0028 28   LYS A C   
197 O  O   . LYS A 28 ? 0.0786 0.0838 0.0687 -0.0114 -0.0114 0.0011  28   LYS A O   
198 C  CB  . LYS A 28 ? 0.0910 0.0955 0.0948 0.0162  -0.0202 -0.0431 28   LYS A CB  
199 C  CG  . LYS A 28 ? 0.1445 0.0848 0.1239 0.0314  -0.0412 -0.0477 28   LYS A CG  
200 C  CD  . LYS A 28 ? 0.1996 0.1304 0.2193 0.0645  -0.0009 -0.0524 28   LYS A CD  
201 C  CE  . LYS A 28 ? 0.2580 0.2005 0.2712 0.1426  -0.0585 -0.0003 28   LYS A CE  
202 N  NZ  . LYS A 28 ? 0.4117 0.1713 0.2322 0.1333  0.0864  0.0736  28   LYS A NZ  
203 N  N   . LEU A 29 ? 0.0727 0.0661 0.0506 0.0034  -0.0109 0.0058  29   LEU A N   
204 C  CA  . LEU A 29 ? 0.0748 0.0650 0.0659 0.0009  0.0130  0.0064  29   LEU A CA  
205 C  C   . LEU A 29 ? 0.0674 0.0788 0.0564 0.0138  -0.0041 0.0220  29   LEU A C   
206 O  O   . LEU A 29 ? 0.0836 0.0845 0.0596 0.0169  0.0013  0.0166  29   LEU A O   
207 C  CB  . LEU A 29 ? 0.0762 0.0575 0.0701 0.0011  0.0099  0.0055  29   LEU A CB  
208 C  CG  . LEU A 29 ? 0.0654 0.0677 0.0774 -0.0012 -0.0004 0.0037  29   LEU A CG  
209 C  CD1 . LEU A 29 ? 0.0713 0.0703 0.0926 -0.0099 -0.0049 0.0151  29   LEU A CD1 
210 C  CD2 . LEU A 29 ? 0.0644 0.0965 0.0808 0.0020  0.0113  -0.0114 29   LEU A CD2 
211 N  N   . GLU A 30 ? 0.0725 0.0897 0.0655 0.0160  0.0051  0.0207  30   GLU A N   
212 C  CA  . GLU A 30 ? 0.0777 0.0932 0.0778 0.0127  0.0086  0.0248  30   GLU A CA  
213 C  C   . GLU A 30 ? 0.0721 0.0947 0.0750 0.0074  0.0121  0.0150  30   GLU A C   
214 O  O   . GLU A 30 ? 0.1321 0.1135 0.0860 0.0126  -0.0097 0.0014  30   GLU A O   
215 C  CB  . GLU A 30 ? 0.0839 0.1147 0.0782 -0.0104 0.0078  0.0214  30   GLU A CB  
216 C  CG  . GLU A 30 ? 0.0980 0.0983 0.0713 0.0022  0.0076  0.0094  30   GLU A CG  
217 C  CD  . GLU A 30 ? 0.0906 0.0965 0.0793 0.0082  -0.0021 0.0182  30   GLU A CD  
218 O  OE1 . GLU A 30 ? 0.2797 0.1090 0.0955 0.0344  0.0382  0.0396  30   GLU A OE1 
219 O  OE2 . GLU A 30 ? 0.1021 0.1265 0.0699 -0.0140 0.0084  0.0057  30   GLU A OE2 
220 N  N   . PRO A 31 ? 0.0810 0.1113 0.0978 0.0082  -0.0057 0.0212  31   PRO A N   
221 C  CA  . PRO A 31 ? 0.0626 0.1092 0.1217 0.0282  0.0104  0.0303  31   PRO A CA  
222 C  C   . PRO A 31 ? 0.0959 0.1045 0.1156 0.0277  0.0089  0.0094  31   PRO A C   
223 O  O   . PRO A 31 ? 0.1005 0.1234 0.1964 0.0217  0.0206  -0.0233 31   PRO A O   
224 C  CB  . PRO A 31 ? 0.0725 0.1502 0.1964 0.0308  -0.0251 0.0424  31   PRO A CB  
225 C  CG  . PRO A 31 ? 0.1202 0.1681 0.2161 0.0321  -0.0660 -0.0139 31   PRO A CG  
226 C  CD  . PRO A 31 ? 0.1077 0.1516 0.1902 0.0149  -0.0704 -0.0134 31   PRO A CD  
227 N  N   . ASP A 32 ? 0.0752 0.0951 0.0770 0.0161  -0.0158 -0.0017 32   ASP A N   
228 C  CA  . ASP A 32 ? 0.0957 0.0894 0.0643 0.0164  -0.0247 -0.0234 32   ASP A CA  
229 C  C   . ASP A 32 ? 0.0826 0.0937 0.0832 0.0133  -0.0332 0.0024  32   ASP A C   
230 O  O   . ASP A 32 ? 0.1057 0.1767 0.0946 -0.0319 -0.0522 0.0494  32   ASP A O   
231 C  CB  . ASP A 32 ? 0.1269 0.1071 0.0718 -0.0081 -0.0222 0.0029  32   ASP A CB  
232 C  CG  . ASP A 32 ? 0.1501 0.2231 0.0810 0.0195  -0.0229 0.0408  32   ASP A CG  
233 O  OD1 . ASP A 32 ? 0.1584 0.5279 0.3164 -0.0756 -0.1219 0.2621  32   ASP A OD1 
234 O  OD2 . ASP A 32 ? 0.1992 0.2063 0.1106 0.0146  -0.0530 0.0537  32   ASP A OD2 
235 N  N   . VAL A 33 ? 0.1219 0.0553 0.1152 -0.0104 -0.0745 0.0072  33   VAL A N   
236 C  CA  . VAL A 33 ? 0.1205 0.0510 0.0956 0.0038  -0.0581 -0.0084 33   VAL A CA  
237 C  C   . VAL A 33 ? 0.0699 0.0701 0.1033 -0.0122 -0.0382 0.0221  33   VAL A C   
238 O  O   . VAL A 33 ? 0.0975 0.0890 0.2255 -0.0300 -0.0369 0.0582  33   VAL A O   
239 C  CB  . VAL A 33 ? 0.1440 0.0553 0.0981 0.0198  -0.0693 -0.0098 33   VAL A CB  
240 C  CG1 . VAL A 33 ? 0.0999 0.0900 0.0717 0.0002  -0.0322 0.0060  33   VAL A CG1 
241 C  CG2 . VAL A 33 ? 0.2363 0.1124 0.0840 0.1015  -0.0572 -0.0284 33   VAL A CG2 
242 N  N   . SER A 34 ? 0.0612 0.0810 0.0713 -0.0147 -0.0165 0.0219  34   SER A N   
243 C  CA  . SER A 34 ? 0.0513 0.1292 0.0835 0.0105  -0.0141 0.0167  34   SER A CA  
244 C  C   . SER A 34 ? 0.0397 0.0909 0.0811 0.0002  -0.0075 0.0177  34   SER A C   
245 O  O   . SER A 34 ? 0.0442 0.1479 0.0906 0.0099  -0.0027 0.0225  34   SER A O   
246 C  CB  . SER A 34 ? 0.1234 0.1243 0.1127 0.0561  0.0159  0.0310  34   SER A CB  
247 O  OG  . SER A 34 ? 0.2861 0.1734 0.1465 0.1003  -0.0513 0.0211  34   SER A OG  
248 N  N   . LYS A 35 ? 0.0470 0.0826 0.0656 -0.0018 -0.0045 0.0148  35   LYS A N   
249 C  CA  . LYS A 35 ? 0.0424 0.0699 0.0670 0.0080  -0.0026 0.0068  35   LYS A CA  
250 C  C   . LYS A 35 ? 0.0426 0.0633 0.0586 0.0013  -0.0034 0.0075  35   LYS A C   
251 O  O   . LYS A 35 ? 0.0449 0.0520 0.0630 0.0067  -0.0013 0.0184  35   LYS A O   
252 C  CB  . LYS A 35 ? 0.0478 0.0599 0.0696 0.0046  0.0040  0.0146  35   LYS A CB  
253 C  CG  . LYS A 35 ? 0.1035 0.0606 0.0663 -0.0097 -0.0073 0.0149  35   LYS A CG  
254 C  CD  . LYS A 35 ? 0.1157 0.0594 0.0816 0.0145  -0.0071 0.0121  35   LYS A CD  
255 C  CE  . LYS A 35 ? 0.2989 0.1024 0.1082 0.0614  -0.0841 -0.0281 35   LYS A CE  
256 N  NZ  . LYS A 35 ? 0.1407 0.1062 0.1025 -0.0058 -0.0230 -0.0001 35   LYS A NZ  
257 N  N   . ILE A 36 ? 0.0332 0.0688 0.0398 -0.0028 0.0025  0.0090  36   ILE A N   
258 C  CA  . ILE A 36 ? 0.0316 0.0638 0.0558 -0.0020 -0.0023 -0.0009 36   ILE A CA  
259 C  C   . ILE A 36 ? 0.0505 0.0509 0.0562 -0.0034 -0.0065 0.0086  36   ILE A C   
260 O  O   . ILE A 36 ? 0.0511 0.0709 0.0523 -0.0024 -0.0010 0.0102  36   ILE A O   
261 C  CB  . ILE A 36 ? 0.0769 0.0702 0.0719 0.0316  -0.0126 -0.0037 36   ILE A CB  
262 C  CG1 . ILE A 36 ? 0.0952 0.0694 0.0942 -0.0027 -0.0136 -0.0123 36   ILE A CG1 
263 C  CG2 . ILE A 36 ? 0.0886 0.1257 0.0793 0.0349  -0.0308 -0.0296 36   ILE A CG2 
264 C  CD1 . ILE A 36 ? 0.1486 0.0638 0.1234 0.0171  -0.0287 -0.0080 36   ILE A CD1 
265 N  N   . ASP A 37 ? 0.0376 0.0680 0.0518 0.0018  -0.0021 0.0137  37   ASP A N   
266 C  CA  . ASP A 37 ? 0.0452 0.0691 0.0443 -0.0045 -0.0040 0.0196  37   ASP A CA  
267 C  C   . ASP A 37 ? 0.0433 0.0791 0.0481 -0.0048 -0.0043 0.0243  37   ASP A C   
268 O  O   . ASP A 37 ? 0.0552 0.1289 0.0963 0.0074  0.0102  0.0690  37   ASP A O   
269 C  CB  . ASP A 37 ? 0.0797 0.0846 0.0887 -0.0079 -0.0070 -0.0049 37   ASP A CB  
270 C  CG  . ASP A 37 ? 0.0999 0.1293 0.0929 -0.0204 -0.0228 -0.0257 37   ASP A CG  
271 O  OD1 . ASP A 37 ? 0.1170 0.1418 0.1136 -0.0232 -0.0354 0.0081  37   ASP A OD1 
272 O  OD2 . ASP A 37 ? 0.1695 0.1847 0.1152 -0.0131 0.0121  -0.0352 37   ASP A OD2 
273 N  N   . ILE A 38 ? 0.0366 0.0673 0.0465 -0.0074 0.0036  0.0125  38   ILE A N   
274 C  CA  . ILE A 38 ? 0.0384 0.0666 0.0658 -0.0034 -0.0042 0.0200  38   ILE A CA  
275 C  C   . ILE A 38 ? 0.0380 0.0786 0.0682 -0.0022 -0.0061 0.0182  38   ILE A C   
276 O  O   . ILE A 38 ? 0.0583 0.1096 0.0623 -0.0154 -0.0093 0.0267  38   ILE A O   
277 C  CB  . ILE A 38 ? 0.0456 0.0715 0.0718 0.0029  0.0034  0.0182  38   ILE A CB  
278 C  CG1 . ILE A 38 ? 0.0548 0.0763 0.0728 -0.0096 -0.0004 0.0030  38   ILE A CG1 
279 C  CG2 . ILE A 38 ? 0.0510 0.0944 0.1213 0.0120  -0.0214 -0.0133 38   ILE A CG2 
280 C  CD1 . ILE A 38 ? 0.0896 0.0829 0.1104 0.0125  0.0062  -0.0135 38   ILE A CD1 
281 N  N   . SER A 39 ? 0.0497 0.0927 0.0652 -0.0088 -0.0059 0.0205  39   SER A N   
282 C  CA  . SER A 39 ? 0.0508 0.1252 0.0652 -0.0043 -0.0119 0.0108  39   SER A CA  
283 C  C   . SER A 39 ? 0.0559 0.0982 0.0613 -0.0120 -0.0119 0.0007  39   SER A C   
284 O  O   . SER A 39 ? 0.0497 0.1085 0.0781 -0.0011 -0.0095 0.0189  39   SER A O   
285 C  CB  . SER A 39 ? 0.0484 0.1429 0.1048 0.0215  -0.0299 -0.0332 39   SER A CB  
286 O  OG  . SER A 39 ? 0.0951 0.1646 0.1233 0.0401  -0.0568 -0.0453 39   SER A OG  
287 N  N   . LEU A 40 ? 0.0697 0.0901 0.0654 -0.0124 -0.0084 -0.0002 40   LEU A N   
288 C  CA  . LEU A 40 ? 0.0761 0.1050 0.0626 -0.0004 -0.0100 0.0063  40   LEU A CA  
289 C  C   . LEU A 40 ? 0.0654 0.0850 0.0661 0.0095  -0.0082 0.0023  40   LEU A C   
290 O  O   . LEU A 40 ? 0.0616 0.0879 0.0655 0.0057  -0.0009 -0.0008 40   LEU A O   
291 C  CB  . LEU A 40 ? 0.0947 0.0997 0.1036 -0.0080 -0.0239 0.0130  40   LEU A CB  
292 C  CG  . LEU A 40 ? 0.1047 0.1288 0.0946 -0.0246 -0.0117 0.0042  40   LEU A CG  
293 C  CD1 . LEU A 40 ? 0.1611 0.1113 0.1722 -0.0310 0.0233  0.0127  40   LEU A CD1 
294 C  CD2 . LEU A 40 ? 0.1689 0.1541 0.1252 -0.0232 0.0236  -0.0297 40   LEU A CD2 
295 N  N   . GLU A 41 ? 0.0562 0.1069 0.0577 0.0069  -0.0067 -0.0058 41   GLU A N   
296 C  CA  . GLU A 41 ? 0.0559 0.1137 0.0562 0.0163  -0.0086 -0.0118 41   GLU A CA  
297 C  C   . GLU A 41 ? 0.0449 0.1090 0.0580 0.0164  0.0015  -0.0193 41   GLU A C   
298 O  O   . GLU A 41 ? 0.0645 0.1383 0.0666 0.0059  -0.0274 -0.0051 41   GLU A O   
299 C  CB  . GLU A 41 ? 0.0700 0.2011 0.0460 0.0039  -0.0039 -0.0299 41   GLU A CB  
300 C  CG  . GLU A 41 ? 0.1740 0.2386 0.0817 0.0176  0.0563  0.0072  41   GLU A CG  
301 C  CD  . GLU A 41 ? 0.3103 0.3761 0.3042 -0.1988 0.0439  -0.0083 41   GLU A CD  
302 O  OE1 . GLU A 41 ? 0.1565 0.4833 0.2967 -0.1207 0.0582  -0.1434 41   GLU A OE1 
303 O  OE2 . GLU A 41 ? 0.4170 0.6474 0.4676 -0.2775 0.1177  0.1142  41   GLU A OE2 
304 N  N   . LYS A 42 ? 0.0588 0.0800 0.0716 0.0105  -0.0206 -0.0156 42   LYS A N   
305 C  CA  . LYS A 42 ? 0.0702 0.0878 0.0800 0.0058  -0.0086 -0.0078 42   LYS A CA  
306 C  C   . LYS A 42 ? 0.0528 0.0692 0.0732 0.0084  -0.0203 -0.0017 42   LYS A C   
307 O  O   . LYS A 42 ? 0.0778 0.0680 0.0859 -0.0007 -0.0047 0.0023  42   LYS A O   
308 C  CB  . LYS A 42 ? 0.1123 0.0895 0.0888 0.0200  0.0048  -0.0055 42   LYS A CB  
309 C  CG  . LYS A 42 ? 0.1346 0.2104 0.1201 0.0856  -0.0149 -0.0630 42   LYS A CG  
310 C  CD  . LYS A 42 ? 0.2534 0.2020 0.1954 0.1163  0.0204  -0.0693 42   LYS A CD  
311 C  CE  . LYS A 42 ? 0.3504 0.2654 0.3808 0.0722  -0.0141 0.0609  42   LYS A CE  
312 N  NZ  . LYS A 42 ? 0.4052 0.4448 0.6218 -0.0778 -0.0041 0.0768  42   LYS A NZ  
313 N  N   . GLN A 43 ? 0.0399 0.0740 0.0649 0.0018  -0.0151 -0.0033 43   GLN A N   
314 C  CA  . GLN A 43 ? 0.0510 0.0806 0.0563 0.0027  -0.0104 -0.0073 43   GLN A CA  
315 C  C   . GLN A 43 ? 0.0425 0.0630 0.0547 -0.0086 -0.0081 -0.0117 43   GLN A C   
316 O  O   . GLN A 43 ? 0.0480 0.0572 0.0675 0.0013  -0.0024 0.0004  43   GLN A O   
317 C  CB  . GLN A 43 ? 0.0433 0.0729 0.0740 0.0025  -0.0068 -0.0009 43   GLN A CB  
318 C  CG  . GLN A 43 ? 0.0402 0.0841 0.0632 0.0072  0.0047  -0.0006 43   GLN A CG  
319 C  CD  . GLN A 43 ? 0.0537 0.0847 0.0583 0.0161  -0.0160 -0.0013 43   GLN A CD  
320 O  OE1 . GLN A 43 ? 0.0681 0.0885 0.0688 0.0098  0.0001  -0.0061 43   GLN A OE1 
321 N  NE2 . GLN A 43 ? 0.0733 0.0696 0.0639 0.0055  -0.0013 -0.0103 43   GLN A NE2 
322 N  N   . LEU A 44 ? 0.0445 0.0925 0.0519 -0.0040 -0.0043 0.0053  44   LEU A N   
323 C  CA  . LEU A 44 ? 0.0447 0.0831 0.0680 0.0009  -0.0017 0.0015  44   LEU A CA  
324 C  C   . LEU A 44 ? 0.0448 0.0631 0.0636 0.0064  -0.0048 0.0137  44   LEU A C   
325 O  O   . LEU A 44 ? 0.0487 0.1402 0.0705 -0.0197 -0.0138 0.0437  44   LEU A O   
326 C  CB  . LEU A 44 ? 0.0847 0.0997 0.1109 0.0142  -0.0245 -0.0277 44   LEU A CB  
327 C  CG  . LEU A 44 ? 0.1292 0.0802 0.1288 -0.0007 -0.0544 0.0038  44   LEU A CG  
328 C  CD1 . LEU A 44 ? 0.4321 0.0656 0.1488 0.0081  -0.0437 -0.0258 44   LEU A CD1 
329 C  CD2 . LEU A 44 ? 0.2843 0.1260 0.1673 -0.1102 0.0060  -0.0086 44   LEU A CD2 
330 N  N   . VAL A 45 ? 0.0351 0.0628 0.0593 -0.0012 0.0009  0.0174  45   VAL A N   
331 C  CA  . VAL A 45 ? 0.0387 0.0513 0.0707 -0.0057 -0.0025 0.0116  45   VAL A CA  
332 C  C   . VAL A 45 ? 0.0342 0.0617 0.0549 -0.0075 -0.0112 0.0071  45   VAL A C   
333 O  O   . VAL A 45 ? 0.0425 0.0643 0.0930 0.0055  0.0023  0.0319  45   VAL A O   
334 C  CB  . VAL A 45 ? 0.0568 0.0577 0.0646 -0.0059 0.0000  0.0134  45   VAL A CB  
335 C  CG1 . VAL A 45 ? 0.0695 0.0500 0.0794 -0.0019 -0.0220 0.0169  45   VAL A CG1 
336 C  CG2 . VAL A 45 ? 0.0476 0.0579 0.0763 0.0078  0.0023  0.0050  45   VAL A CG2 
337 N  N   . ASP A 46 ? 0.0466 0.0486 0.0573 -0.0064 -0.0038 0.0175  46   ASP A N   
338 C  CA  . ASP A 46 ? 0.0447 0.0519 0.0550 -0.0010 -0.0024 0.0131  46   ASP A CA  
339 C  C   . ASP A 46 ? 0.0378 0.0533 0.0614 -0.0022 0.0023  0.0203  46   ASP A C   
340 O  O   . ASP A 46 ? 0.0436 0.0800 0.0724 -0.0157 -0.0083 0.0272  46   ASP A O   
341 C  CB  . ASP A 46 ? 0.0794 0.0597 0.0629 0.0035  0.0099  0.0075  46   ASP A CB  
342 C  CG  . ASP A 46 ? 0.1205 0.0587 0.0771 0.0024  -0.0338 0.0022  46   ASP A CG  
343 O  OD1 . ASP A 46 ? 0.0964 0.0723 0.0777 0.0014  -0.0291 0.0044  46   ASP A OD1 
344 O  OD2 . ASP A 46 ? 0.3703 0.1379 0.1792 -0.1028 -0.1876 0.0866  46   ASP A OD2 
345 N  N   . VAL A 47 ? 0.0328 0.0407 0.0609 -0.0066 -0.0019 0.0044  47   VAL A N   
346 C  CA  . VAL A 47 ? 0.0298 0.0422 0.0671 -0.0046 0.0008  0.0041  47   VAL A CA  
347 C  C   . VAL A 47 ? 0.0368 0.0486 0.0588 0.0005  0.0011  0.0156  47   VAL A C   
348 O  O   . VAL A 47 ? 0.0350 0.0528 0.0818 0.0003  -0.0054 0.0211  47   VAL A O   
349 C  CB  . VAL A 47 ? 0.0635 0.0445 0.0567 0.0065  -0.0040 0.0086  47   VAL A CB  
350 C  CG1 . VAL A 47 ? 0.0702 0.0540 0.0769 0.0012  -0.0132 0.0006  47   VAL A CG1 
351 C  CG2 . VAL A 47 ? 0.0766 0.0620 0.0728 0.0276  -0.0136 -0.0103 47   VAL A CG2 
352 N  N   . TYR A 48 ? 0.0405 0.0292 0.0616 -0.0037 0.0006  0.0092  48   TYR A N   
353 C  CA  . TYR A 48 ? 0.0266 0.0524 0.0528 -0.0003 -0.0016 0.0070  48   TYR A CA  
354 C  C   . TYR A 48 ? 0.0357 0.0591 0.0595 -0.0004 -0.0018 0.0044  48   TYR A C   
355 O  O   . TYR A 48 ? 0.0498 0.0542 0.0754 -0.0096 -0.0102 0.0086  48   TYR A O   
356 C  CB  . TYR A 48 ? 0.0457 0.0418 0.0684 0.0082  0.0022  0.0052  48   TYR A CB  
357 C  CG  . TYR A 48 ? 0.0421 0.0547 0.0608 0.0160  0.0079  -0.0056 48   TYR A CG  
358 C  CD1 . TYR A 48 ? 0.0464 0.0702 0.0734 0.0145  -0.0070 -0.0027 48   TYR A CD1 
359 C  CD2 . TYR A 48 ? 0.0425 0.0588 0.0730 -0.0021 0.0121  0.0049  48   TYR A CD2 
360 C  CE1 . TYR A 48 ? 0.0585 0.0695 0.0686 0.0014  -0.0053 0.0044  48   TYR A CE1 
361 C  CE2 . TYR A 48 ? 0.0652 0.0541 0.0759 -0.0049 0.0174  -0.0006 48   TYR A CE2 
362 C  CZ  . TYR A 48 ? 0.0458 0.0822 0.0649 0.0009  0.0119  -0.0064 48   TYR A CZ  
363 O  OH  . TYR A 48 ? 0.0723 0.0796 0.0838 -0.0117 0.0000  -0.0112 48   TYR A OH  
364 N  N   . THR A 49 ? 0.0392 0.0526 0.0528 -0.0059 0.0017  -0.0062 49   THR A N   
365 C  CA  . THR A 49 ? 0.0452 0.0469 0.0569 0.0014  -0.0086 -0.0017 49   THR A CA  
366 C  C   . THR A 49 ? 0.0387 0.0537 0.0669 0.0071  -0.0089 0.0026  49   THR A C   
367 O  O   . THR A 49 ? 0.0628 0.0407 0.0468 0.0017  -0.0094 -0.0021 49   THR A O   
368 C  CB  . THR A 49 ? 0.0625 0.0468 0.0623 0.0051  -0.0095 -0.0051 49   THR A CB  
369 O  OG1 . THR A 49 ? 0.0834 0.0491 0.0588 0.0004  0.0034  -0.0039 49   THR A OG1 
370 C  CG2 . THR A 49 ? 0.0566 0.0775 0.0657 0.0206  0.0062  -0.0040 49   THR A CG2 
371 N  N   . THR A 50 ? 0.0529 0.0512 0.0660 0.0030  -0.0167 0.0032  50   THR A N   
372 C  CA  . THR A 50 ? 0.0727 0.0559 0.0620 0.0039  -0.0207 0.0012  50   THR A CA  
373 C  C   . THR A 50 ? 0.0649 0.0523 0.0754 -0.0017 -0.0121 0.0123  50   THR A C   
374 O  O   . THR A 50 ? 0.1087 0.0941 0.0740 0.0233  -0.0086 0.0201  50   THR A O   
375 C  CB  . THR A 50 ? 0.0664 0.0930 0.0879 0.0043  -0.0305 0.0191  50   THR A CB  
376 O  OG1 . THR A 50 ? 0.1020 0.1028 0.1159 -0.0114 -0.0498 -0.0110 50   THR A OG1 
377 C  CG2 . THR A 50 ? 0.0744 0.1288 0.1114 0.0223  -0.0324 -0.0007 50   THR A CG2 
378 N  N   . LEU A 51 ? 0.0756 0.0551 0.0586 0.0034  -0.0154 -0.0005 51   LEU A N   
379 C  CA  . LEU A 51 ? 0.0777 0.0560 0.0476 -0.0034 -0.0207 -0.0044 51   LEU A CA  
380 C  C   . LEU A 51 ? 0.0697 0.0626 0.0506 0.0036  -0.0150 0.0027  51   LEU A C   
381 O  O   . LEU A 51 ? 0.0765 0.0688 0.0569 -0.0140 -0.0143 -0.0031 51   LEU A O   
382 C  CB  . LEU A 51 ? 0.0819 0.0571 0.0686 0.0031  -0.0117 -0.0053 51   LEU A CB  
383 C  CG  . LEU A 51 ? 0.0823 0.0530 0.0520 -0.0040 -0.0104 -0.0113 51   LEU A CG  
384 C  CD1 . LEU A 51 ? 0.0975 0.0663 0.1219 0.0050  0.0075  0.0137  51   LEU A CD1 
385 C  CD2 . LEU A 51 ? 0.0971 0.1072 0.0650 -0.0405 -0.0117 0.0132  51   LEU A CD2 
386 N  N   . PRO A 52 ? 0.0818 0.0712 0.0539 -0.0051 -0.0121 0.0037  52   PRO A N   
387 C  CA  . PRO A 52 ? 0.0901 0.0671 0.0629 -0.0121 -0.0038 0.0084  52   PRO A CA  
388 C  C   . PRO A 52 ? 0.0741 0.0571 0.0688 -0.0050 0.0000  0.0018  52   PRO A C   
389 O  O   . PRO A 52 ? 0.0708 0.0604 0.0719 -0.0036 0.0054  0.0022  52   PRO A O   
390 C  CB  . PRO A 52 ? 0.1338 0.1794 0.0568 -0.0624 0.0031  0.0126  52   PRO A CB  
391 C  CG  . PRO A 52 ? 0.1718 0.1114 0.0743 -0.0733 0.0235  -0.0164 52   PRO A CG  
392 C  CD  . PRO A 52 ? 0.1036 0.0684 0.0592 -0.0083 -0.0083 0.0028  52   PRO A CD  
393 N  N   . TYR A 53 ? 0.0700 0.0572 0.0938 -0.0049 -0.0038 0.0119  53   TYR A N   
394 C  CA  . TYR A 53 ? 0.0639 0.0626 0.0854 0.0015  -0.0004 -0.0014 53   TYR A CA  
395 C  C   . TYR A 53 ? 0.0661 0.0571 0.0797 -0.0071 0.0017  0.0034  53   TYR A C   
396 O  O   . TYR A 53 ? 0.0745 0.0631 0.0817 -0.0034 -0.0012 0.0019  53   TYR A O   
397 C  CB  . TYR A 53 ? 0.0708 0.0484 0.0914 0.0007  0.0043  0.0088  53   TYR A CB  
398 C  CG  . TYR A 53 ? 0.0624 0.0717 0.0790 -0.0093 0.0062  -0.0055 53   TYR A CG  
399 C  CD1 . TYR A 53 ? 0.0718 0.0990 0.0850 0.0121  0.0128  0.0133  53   TYR A CD1 
400 C  CD2 . TYR A 53 ? 0.0666 0.1277 0.0875 -0.0083 0.0106  -0.0007 53   TYR A CD2 
401 C  CE1 . TYR A 53 ? 0.0765 0.1129 0.0812 0.0047  0.0096  0.0234  53   TYR A CE1 
402 C  CE2 . TYR A 53 ? 0.0625 0.0946 0.0976 -0.0047 0.0110  -0.0137 53   TYR A CE2 
403 C  CZ  . TYR A 53 ? 0.0619 0.1019 0.1008 -0.0126 0.0023  -0.0025 53   TYR A CZ  
404 O  OH  . TYR A 53 ? 0.0765 0.1496 0.1066 -0.0046 -0.0012 0.0201  53   TYR A OH  
405 N  N   . ASP A 54 ? 0.0715 0.0682 0.0758 -0.0063 -0.0011 -0.0039 54   ASP A N   
406 C  CA  . ASP A 54 ? 0.0760 0.0825 0.0884 -0.0022 0.0195  0.0056  54   ASP A CA  
407 C  C   . ASP A 54 ? 0.0836 0.0722 0.0736 0.0021  -0.0047 -0.0036 54   ASP A C   
408 O  O   . ASP A 54 ? 0.0877 0.0806 0.0931 0.0085  0.0041  0.0020  54   ASP A O   
409 C  CB  . ASP A 54 ? 0.1017 0.1051 0.0913 -0.0056 0.0322  0.0067  54   ASP A CB  
410 C  CG  . ASP A 54 ? 0.1431 0.1494 0.1078 0.0307  -0.0097 -0.0107 54   ASP A CG  
411 O  OD1 . ASP A 54 ? 0.1476 0.1441 0.1435 0.0270  -0.0106 -0.0091 54   ASP A OD1 
412 O  OD2 . ASP A 54 ? 0.1736 0.1971 0.2216 0.0336  -0.0409 -0.0921 54   ASP A OD2 
413 N  N   . PHE A 55 ? 0.0840 0.0478 0.0795 0.0093  0.0031  -0.0044 55   PHE A N   
414 C  CA  . PHE A 55 ? 0.0878 0.0480 0.0698 0.0073  -0.0031 -0.0097 55   PHE A CA  
415 C  C   . PHE A 55 ? 0.0594 0.0501 0.0763 -0.0001 -0.0152 -0.0070 55   PHE A C   
416 O  O   . PHE A 55 ? 0.0788 0.0558 0.0670 0.0088  -0.0075 -0.0075 55   PHE A O   
417 C  CB  . PHE A 55 ? 0.0944 0.0611 0.0680 0.0035  -0.0113 0.0046  55   PHE A CB  
418 C  CG  . PHE A 55 ? 0.0897 0.0634 0.0500 0.0118  -0.0208 0.0003  55   PHE A CG  
419 C  CD1 . PHE A 55 ? 0.1095 0.0618 0.0546 0.0087  -0.0200 -0.0015 55   PHE A CD1 
420 C  CD2 . PHE A 55 ? 0.1060 0.0640 0.0647 0.0080  -0.0097 0.0119  55   PHE A CD2 
421 C  CE1 . PHE A 55 ? 0.1315 0.0681 0.0739 0.0027  -0.0195 -0.0109 55   PHE A CE1 
422 C  CE2 . PHE A 55 ? 0.1042 0.0875 0.1224 -0.0050 -0.0018 -0.0073 55   PHE A CE2 
423 C  CZ  . PHE A 55 ? 0.1227 0.0872 0.0787 -0.0181 -0.0259 -0.0006 55   PHE A CZ  
424 N  N   . ILE A 56 ? 0.0696 0.0631 0.0633 0.0146  -0.0013 0.0004  56   ILE A N   
425 C  CA  . ILE A 56 ? 0.0557 0.0425 0.0744 -0.0038 -0.0055 -0.0017 56   ILE A CA  
426 C  C   . ILE A 56 ? 0.0601 0.0554 0.0671 0.0033  -0.0014 -0.0025 56   ILE A C   
427 O  O   . ILE A 56 ? 0.0674 0.0474 0.0741 0.0080  0.0007  -0.0009 56   ILE A O   
428 C  CB  . ILE A 56 ? 0.0542 0.0661 0.0650 0.0005  0.0148  0.0019  56   ILE A CB  
429 C  CG1 . ILE A 56 ? 0.0545 0.0463 0.0703 0.0028  0.0020  0.0033  56   ILE A CG1 
430 C  CG2 . ILE A 56 ? 0.0550 0.0861 0.0662 0.0113  -0.0079 -0.0145 56   ILE A CG2 
431 C  CD1 . ILE A 56 ? 0.0597 0.0659 0.0848 -0.0019 -0.0036 0.0136  56   ILE A CD1 
432 N  N   . LEU A 57 ? 0.0559 0.0594 0.0731 0.0100  0.0034  0.0124  57   LEU A N   
433 C  CA  . LEU A 57 ? 0.0567 0.0652 0.0728 0.0104  0.0076  -0.0018 57   LEU A CA  
434 C  C   . LEU A 57 ? 0.0634 0.0608 0.0868 0.0079  -0.0020 -0.0033 57   LEU A C   
435 O  O   . LEU A 57 ? 0.0621 0.0575 0.0963 0.0106  -0.0008 -0.0012 57   LEU A O   
436 C  CB  . LEU A 57 ? 0.0633 0.0625 0.0655 0.0065  0.0039  0.0033  57   LEU A CB  
437 C  CG  . LEU A 57 ? 0.0571 0.0758 0.0897 0.0099  0.0054  -0.0001 57   LEU A CG  
438 C  CD1 . LEU A 57 ? 0.0629 0.1185 0.0958 0.0256  -0.0118 -0.0112 57   LEU A CD1 
439 C  CD2 . LEU A 57 ? 0.0690 0.1119 0.1677 -0.0141 0.0041  0.0225  57   LEU A CD2 
440 N  N   . GLU A 58 ? 0.0645 0.0653 0.0773 0.0089  0.0045  0.0023  58   GLU A N   
441 C  CA  . GLU A 58 ? 0.0939 0.0912 0.0882 0.0120  0.0170  -0.0173 58   GLU A CA  
442 C  C   . GLU A 58 ? 0.0744 0.0703 0.0911 0.0045  -0.0072 -0.0327 58   GLU A C   
443 O  O   . GLU A 58 ? 0.0825 0.0942 0.1075 0.0259  -0.0021 -0.0093 58   GLU A O   
444 C  CB  . GLU A 58 ? 0.2652 0.1199 0.0863 0.0384  0.0190  -0.0275 58   GLU A CB  
445 C  CG  . GLU A 58 ? 0.4714 0.3315 0.1994 -0.0293 0.0780  0.1332  58   GLU A CG  
446 C  CD  . GLU A 58 ? 0.5219 0.5043 0.2358 -0.0474 0.0250  0.1946  58   GLU A CD  
447 O  OE1 . GLU A 58 ? 0.5556 0.5739 0.2407 0.2750  0.0181  -0.1428 58   GLU A OE1 
448 O  OE2 . GLU A 58 ? 0.5564 0.6760 0.1641 -0.0918 0.0153  0.1237  58   GLU A OE2 
449 N  N   . LYS A 59 ? 0.0741 0.0574 0.1023 0.0074  -0.0173 -0.0196 59   LYS A N   
450 C  CA  . LYS A 59 ? 0.0612 0.0532 0.1179 0.0143  -0.0116 -0.0185 59   LYS A CA  
451 C  C   . LYS A 59 ? 0.0619 0.0675 0.1055 0.0105  0.0070  -0.0093 59   LYS A C   
452 O  O   . LYS A 59 ? 0.0791 0.0626 0.1153 0.0004  0.0017  -0.0048 59   LYS A O   
453 C  CB  . LYS A 59 ? 0.0631 0.0939 0.1573 0.0168  -0.0173 -0.0247 59   LYS A CB  
454 C  CG  . LYS A 59 ? 0.0771 0.0679 0.1710 0.0095  -0.0372 -0.0314 59   LYS A CG  
455 C  CD  . LYS A 59 ? 0.1053 0.0828 0.1908 0.0128  -0.0374 -0.0507 59   LYS A CD  
456 C  CE  . LYS A 59 ? 0.0981 0.1192 0.1531 0.0144  -0.0173 -0.0493 59   LYS A CE  
457 N  NZ  . LYS A 59 ? 0.1507 0.1048 0.1184 -0.0012 -0.0391 -0.0276 59   LYS A NZ  
458 N  N   . ILE A 60 ? 0.0619 0.0679 0.0884 0.0063  0.0078  -0.0011 60   ILE A N   
459 C  CA  . ILE A 60 ? 0.0596 0.0690 0.0984 0.0022  0.0068  0.0099  60   ILE A CA  
460 C  C   . ILE A 60 ? 0.0666 0.0731 0.1046 0.0099  0.0022  0.0132  60   ILE A C   
461 O  O   . ILE A 60 ? 0.0820 0.0845 0.0937 0.0142  0.0032  0.0145  60   ILE A O   
462 C  CB  . ILE A 60 ? 0.0690 0.0736 0.0772 0.0057  0.0047  0.0158  60   ILE A CB  
463 C  CG1 . ILE A 60 ? 0.0636 0.0991 0.0809 0.0047  0.0174  0.0077  60   ILE A CG1 
464 C  CG2 . ILE A 60 ? 0.0673 0.1667 0.0942 0.0077  -0.0082 0.0163  60   ILE A CG2 
465 C  CD1 . ILE A 60 ? 0.1140 0.1014 0.0852 0.0108  0.0213  0.0045  60   ILE A CD1 
466 N  N   . LYS A 61 ? 0.0699 0.0750 0.0933 0.0153  0.0083  0.0038  61   LYS A N   
467 C  CA  . LYS A 61 ? 0.0743 0.0861 0.0832 0.0222  0.0009  0.0055  61   LYS A CA  
468 C  C   . LYS A 61 ? 0.0661 0.0827 0.0947 0.0186  0.0095  0.0085  61   LYS A C   
469 O  O   . LYS A 61 ? 0.0669 0.0816 0.1473 0.0225  0.0058  0.0211  61   LYS A O   
470 C  CB  . LYS A 61 ? 0.0876 0.0864 0.0882 0.0175  0.0183  -0.0045 61   LYS A CB  
471 C  CG  . LYS A 61 ? 0.0945 0.0941 0.1269 0.0045  0.0222  -0.0164 61   LYS A CG  
472 C  CD  . LYS A 61 ? 0.1256 0.1255 0.1357 -0.0150 0.0250  0.0011  61   LYS A CD  
473 C  CE  . LYS A 61 ? 0.1102 0.2013 0.1792 -0.0126 0.0387  0.0263  61   LYS A CE  
474 N  NZ  . LYS A 61 ? 0.1251 0.2244 0.2239 -0.0190 0.0025  0.0527  61   LYS A NZ  
475 N  N   . LYS A 62 ? 0.0748 0.0933 0.1064 0.0275  0.0023  -0.0121 62   LYS A N   
476 C  CA  . LYS A 62 ? 0.1061 0.0905 0.1351 0.0198  -0.0038 -0.0112 62   LYS A CA  
477 C  C   . LYS A 62 ? 0.1144 0.0826 0.1412 0.0150  -0.0250 -0.0137 62   LYS A C   
478 O  O   . LYS A 62 ? 0.1823 0.0746 0.1677 0.0093  -0.0396 -0.0106 62   LYS A O   
479 C  CB  . LYS A 62 ? 0.1485 0.0952 0.1255 0.0278  -0.0165 -0.0317 62   LYS A CB  
480 C  CG  . LYS A 62 ? 0.2414 0.1559 0.1180 0.0523  0.0163  -0.0375 62   LYS A CG  
481 C  CD  . LYS A 62 ? 0.2545 0.3398 0.2902 0.0414  0.1224  -0.0243 62   LYS A CD  
482 C  CE  . LYS A 62 ? 0.2189 0.4268 0.5873 -0.0167 0.0106  0.0042  62   LYS A CE  
483 N  NZ  . LYS A 62 ? 0.2956 0.6089 0.6524 0.0572  -0.0304 -0.2196 62   LYS A NZ  
484 N  N   . THR A 63 ? 0.0700 0.0952 0.1372 0.0152  -0.0007 0.0048  63   THR A N   
485 C  CA  . THR A 63 ? 0.0658 0.0768 0.1553 -0.0106 -0.0056 0.0091  63   THR A CA  
486 C  C   . THR A 63 ? 0.0754 0.0828 0.1379 0.0151  -0.0016 -0.0043 63   THR A C   
487 O  O   . THR A 63 ? 0.0888 0.1027 0.1590 0.0221  0.0143  0.0168  63   THR A O   
488 C  CB  . THR A 63 ? 0.0619 0.0887 0.1534 0.0095  0.0166  0.0245  63   THR A CB  
489 O  OG1 . THR A 63 ? 0.0791 0.1158 0.1007 0.0011  0.0124  0.0179  63   THR A OG1 
490 C  CG2 . THR A 63 ? 0.0533 0.1344 0.1921 0.0028  0.0222  0.0336  63   THR A CG2 
491 N  N   . GLY A 64 ? 0.0670 0.0862 0.1363 0.0223  0.0015  0.0043  64   GLY A N   
492 C  CA  . GLY A 64 ? 0.0657 0.0710 0.1216 0.0205  0.0030  0.0067  64   GLY A CA  
493 C  C   . GLY A 64 ? 0.0563 0.0692 0.1232 0.0115  0.0172  0.0043  64   GLY A C   
494 O  O   . GLY A 64 ? 0.0612 0.1002 0.1459 0.0087  -0.0019 0.0160  64   GLY A O   
495 N  N   . LYS A 65 ? 0.0784 0.0896 0.1159 -0.0160 0.0203  -0.0037 65   LYS A N   
496 C  CA  . LYS A 65 ? 0.0843 0.0765 0.1148 0.0086  0.0035  0.0006  65   LYS A CA  
497 C  C   . LYS A 65 ? 0.0951 0.0563 0.1380 0.0144  -0.0026 0.0020  65   LYS A C   
498 O  O   . LYS A 65 ? 0.1486 0.0918 0.1620 -0.0300 -0.0503 0.0310  65   LYS A O   
499 C  CB  . LYS A 65 ? 0.0896 0.1421 0.1379 -0.0003 0.0180  -0.0292 65   LYS A CB  
500 C  CG  . LYS A 65 ? 0.1051 0.1691 0.1077 -0.0066 0.0360  -0.0052 65   LYS A CG  
501 C  CD  . LYS A 65 ? 0.1257 0.2327 0.1471 -0.0259 -0.0033 0.0932  65   LYS A CD  
502 C  CE  . LYS A 65 ? 0.1407 0.1915 0.1563 -0.0144 0.0016  0.0518  65   LYS A CE  
503 N  NZ  . LYS A 65 ? 0.2008 0.2307 0.2522 0.0133  -0.0569 0.1040  65   LYS A NZ  
504 N  N   . GLU A 66 ? 0.0867 0.0637 0.1117 0.0138  0.0152  0.0030  66   GLU A N   
505 C  CA  . GLU A 66 ? 0.0754 0.0861 0.1139 0.0147  0.0217  0.0060  66   GLU A CA  
506 C  C   . GLU A 66 ? 0.0596 0.0659 0.0771 -0.0111 0.0101  0.0001  66   GLU A C   
507 O  O   . GLU A 66 ? 0.0934 0.0791 0.0687 0.0110  0.0048  0.0096  66   GLU A O   
508 C  CB  . GLU A 66 ? 0.0743 0.0743 0.1212 0.0249  0.0209  -0.0091 66   GLU A CB  
509 C  CG  . GLU A 66 ? 0.0974 0.1040 0.1872 -0.0024 0.0422  0.0086  66   GLU A CG  
510 C  CD  . GLU A 66 ? 0.0663 0.1916 0.2723 -0.0041 0.0443  -0.0028 66   GLU A CD  
511 O  OE1 . GLU A 66 ? 0.0937 0.2177 0.4106 0.0260  -0.0470 0.0351  66   GLU A OE1 
512 O  OE2 . GLU A 66 ? 0.1180 0.1675 0.4656 -0.0323 0.0309  -0.0444 66   GLU A OE2 
513 N  N   . VAL A 67 ? 0.0829 0.0784 0.0738 0.0115  0.0297  0.0066  67   VAL A N   
514 C  CA  . VAL A 67 ? 0.0637 0.0744 0.0751 0.0039  0.0150  -0.0029 67   VAL A CA  
515 C  C   . VAL A 67 ? 0.0579 0.0812 0.0903 0.0044  0.0196  0.0271  67   VAL A C   
516 O  O   . VAL A 67 ? 0.1008 0.1463 0.0984 -0.0064 0.0436  0.0209  67   VAL A O   
517 C  CB  . VAL A 67 ? 0.0842 0.0904 0.0716 -0.0041 0.0107  0.0170  67   VAL A CB  
518 C  CG1 . VAL A 67 ? 0.1011 0.0989 0.0989 0.0154  -0.0175 0.0181  67   VAL A CG1 
519 C  CG2 . VAL A 67 ? 0.0823 0.1254 0.1110 -0.0164 -0.0003 -0.0143 67   VAL A CG2 
520 N  N   . ARG A 68 ? 0.0523 0.0719 0.1041 -0.0035 0.0198  0.0074  68   ARG A N   
521 C  CA  . ARG A 68 ? 0.0435 0.0740 0.1481 -0.0068 0.0174  0.0301  68   ARG A CA  
522 C  C   . ARG A 68 ? 0.0446 0.0806 0.1625 -0.0033 -0.0010 0.0320  68   ARG A C   
523 O  O   . ARG A 68 ? 0.0625 0.0931 0.2735 0.0087  0.0437  0.0841  68   ARG A O   
524 C  CB  . ARG A 68 ? 0.0900 0.1242 0.1838 -0.0507 -0.0525 0.0583  68   ARG A CB  
525 C  CG  . ARG A 68 ? 0.1332 0.1789 0.2088 -0.0014 -0.0471 0.0901  68   ARG A CG  
526 C  CD  . ARG A 68 ? 0.1449 0.2945 0.2816 0.0621  -0.1234 -0.0373 68   ARG A CD  
527 N  NE  . ARG A 68 ? 0.1246 0.3938 0.1915 -0.0048 -0.0286 -0.0458 68   ARG A NE  
528 C  CZ  . ARG A 68 ? 0.1461 0.4310 0.1874 -0.0872 -0.0194 -0.0174 68   ARG A CZ  
529 N  NH1 . ARG A 68 ? 0.1421 0.3311 0.1604 -0.0217 0.0016  -0.0685 68   ARG A NH1 
530 N  NH2 . ARG A 68 ? 0.1880 0.4928 0.2614 -0.1509 -0.0041 -0.0046 68   ARG A NH2 
531 N  N   . SER A 69 ? 0.0476 0.0758 0.1030 0.0012  0.0015  0.0198  69   SER A N   
532 C  CA  . SER A 69 ? 0.0556 0.0826 0.1452 0.0033  0.0060  0.0382  69   SER A CA  
533 C  C   . SER A 69 ? 0.0593 0.0639 0.0927 0.0060  0.0133  0.0130  69   SER A C   
534 O  O   . SER A 69 ? 0.0585 0.0744 0.0873 0.0051  0.0125  0.0174  69   SER A O   
535 C  CB  . SER A 69 ? 0.0738 0.0738 0.2726 -0.0066 -0.0357 0.0194  69   SER A CB  
536 O  OG  . SER A 69 ? 0.2320 0.1009 0.1674 -0.0235 -0.0957 0.0108  69   SER A OG  
537 N  N   . GLY A 70 ? 0.0462 0.0843 0.1100 0.0066  0.0194  0.0299  70   GLY A N   
538 C  CA  . GLY A 70 ? 0.0473 0.0780 0.1353 0.0092  0.0096  0.0171  70   GLY A CA  
539 C  C   . GLY A 70 ? 0.0605 0.0850 0.0942 0.0093  0.0072  0.0307  70   GLY A C   
540 O  O   . GLY A 70 ? 0.0539 0.0966 0.1262 0.0049  0.0177  0.0357  70   GLY A O   
541 N  N   . LYS A 71 ? 0.0607 0.0694 0.0910 0.0062  0.0099  0.0163  71   LYS A N   
542 C  CA  . LYS A 71 ? 0.0567 0.0760 0.1388 -0.0008 -0.0074 0.0404  71   LYS A CA  
543 C  C   . LYS A 71 ? 0.0600 0.0624 0.0817 -0.0060 0.0034  0.0204  71   LYS A C   
544 O  O   . LYS A 71 ? 0.0539 0.0648 0.1029 -0.0002 0.0035  0.0274  71   LYS A O   
545 C  CB  . LYS A 71 ? 0.0680 0.0884 0.2234 -0.0057 -0.0265 0.0006  71   LYS A CB  
546 C  CG  . LYS A 71 ? 0.1248 0.1719 0.2141 0.0192  -0.0394 -0.0587 71   LYS A CG  
547 C  CD  . LYS A 71 ? 0.3023 0.4106 0.3073 -0.0997 -0.1023 -0.1262 71   LYS A CD  
548 C  CE  . LYS A 71 ? 0.4127 0.5436 0.5135 -0.3174 -0.1277 -0.0562 71   LYS A CE  
549 N  NZ  . LYS A 71 ? 0.2205 0.9387 0.6216 -0.2667 -0.0420 0.0248  71   LYS A NZ  
550 N  N   . GLN A 72 ? 0.0556 0.0768 0.1293 0.0053  0.0049  0.0362  72   GLN A N   
551 C  CA  . GLN A 72 ? 0.0479 0.0648 0.1313 -0.0045 0.0072  0.0321  72   GLN A CA  
552 C  C   . GLN A 72 ? 0.0561 0.0749 0.1294 -0.0087 -0.0039 0.0252  72   GLN A C   
553 O  O   . GLN A 72 ? 0.0919 0.0758 0.2166 -0.0374 0.0191  0.0098  72   GLN A O   
554 C  CB  . GLN A 72 ? 0.1058 0.0685 0.1334 0.0184  -0.0074 0.0235  72   GLN A CB  
555 C  CG  . GLN A 72 ? 0.1011 0.1841 0.1795 -0.0089 -0.0210 0.1042  72   GLN A CG  
556 C  CD  . GLN A 72 ? 0.1148 0.2464 0.1703 -0.0467 -0.0308 0.0713  72   GLN A CD  
557 O  OE1 . GLN A 72 ? 0.1729 0.3754 0.1792 -0.0883 0.0062  0.0930  72   GLN A OE1 
558 N  NE2 . GLN A 72 ? 0.1347 0.2827 0.1537 -0.0093 -0.0707 -0.0111 72   GLN A NE2 
559 N  N   . LEU A 73 ? 0.0622 0.0686 0.1332 -0.0181 -0.0023 0.0025  73   LEU A N   
560 C  CA  . LEU A 73 ? 0.0857 0.0619 0.1313 -0.0144 -0.0075 0.0041  73   LEU A CA  
561 C  C   . LEU A 73 ? 0.0995 0.0804 0.1337 0.0077  -0.0252 -0.0074 73   LEU A C   
562 O  O   . LEU A 73 ? 0.1409 0.1433 0.1422 0.0119  -0.0529 -0.0087 73   LEU A O   
563 C  CB  . LEU A 73 ? 0.0789 0.0909 0.1295 -0.0258 -0.0290 0.0091  73   LEU A CB  
564 C  CG  . LEU A 73 ? 0.1017 0.1385 0.1600 0.0039  -0.0412 0.0099  73   LEU A CG  
565 C  CD1 . LEU A 73 ? 0.4368 0.5189 0.3881 0.3413  -0.1237 -0.2237 73   LEU A CD1 
566 C  CD2 . LEU A 73 ? 0.1815 0.1862 0.2437 0.0311  -0.0441 0.1165  73   LEU A CD2 
567 O  OXT . LEU A 73 ? 0.1043 0.0779 0.1898 0.0067  -0.0358 -0.0280 73   LEU A OXT 
568 HG HG  . HG  B .  ? 0.1363 0.1154 0.1511 0.0214  -0.0199 0.0119  74   HG  A HG  
569 C  C1  . BEN C .  ? 0.0588 0.0517 0.0780 -0.0138 -0.0066 0.0062  186  BEN A C1  
570 C  C2  . BEN C .  ? 0.0635 0.0630 0.0817 -0.0153 -0.0207 0.0089  186  BEN A C2  
571 C  C3  . BEN C .  ? 0.0562 0.0785 0.0903 -0.0167 -0.0178 0.0036  186  BEN A C3  
572 C  C4  . BEN C .  ? 0.0721 0.0845 0.0913 -0.0093 -0.0218 -0.0063 186  BEN A C4  
573 C  C5  . BEN C .  ? 0.0738 0.0656 0.0866 -0.0176 0.0029  0.0008  186  BEN A C5  
574 C  C6  . BEN C .  ? 0.0810 0.0622 0.0785 -0.0035 -0.0088 0.0070  186  BEN A C6  
575 C  C   . BEN C .  ? 0.0720 0.0526 0.0847 0.0008  -0.0092 0.0115  186  BEN A C   
576 N  N1  . BEN C .  ? 0.0658 0.0926 0.1069 -0.0139 -0.0221 0.0227  186  BEN A N1  
577 N  N2  . BEN C .  ? 0.0909 0.0829 0.0918 0.0186  -0.0047 0.0026  186  BEN A N2  
578 C  C1  . BEN D .  ? 0.1659 0.1811 0.1716 -0.0633 -0.0465 0.0805  187  BEN A C1  
579 C  C2  . BEN D .  ? 0.1741 0.2172 0.1756 -0.0613 -0.0603 0.0307  187  BEN A C2  
580 C  C3  . BEN D .  ? 0.1190 0.1656 0.2291 -0.0170 -0.0229 -0.0154 187  BEN A C3  
581 C  C4  . BEN D .  ? 0.1240 0.1777 0.1747 -0.0178 -0.0406 -0.0167 187  BEN A C4  
582 C  C5  . BEN D .  ? 0.1178 0.1436 0.1170 -0.0201 -0.0569 0.0317  187  BEN A C5  
583 C  C6  . BEN D .  ? 0.1838 0.2000 0.1422 -0.0532 -0.0411 0.0610  187  BEN A C6  
584 C  C   . BEN D .  ? 0.1795 0.2049 0.4578 -0.0421 0.0764  0.1106  187  BEN A C   
585 N  N1  . BEN D .  ? 0.1358 0.2497 0.5239 0.0042  0.0738  0.1483  187  BEN A N1  
586 N  N2  . BEN D .  ? 0.2023 0.1501 0.7708 -0.0148 0.1193  0.0998  187  BEN A N2  
587 O  O   . HOH E .  ? 0.1006 0.1006 0.1006 0.0000  0.0000  0.0000  1001 HOH A O   
588 O  O   . HOH E .  ? 0.0714 0.0714 0.0714 0.0000  0.0000  0.0000  1002 HOH A O   
589 O  O   . HOH E .  ? 0.1088 0.1088 0.1088 0.0000  0.0000  0.0000  1003 HOH A O   
590 O  O   . HOH E .  ? 0.1440 0.1440 0.1440 0.0000  0.0000  0.0000  1004 HOH A O   
591 O  O   . HOH E .  ? 0.1169 0.1169 0.1169 0.0000  0.0000  0.0000  1005 HOH A O   
592 O  O   . HOH E .  ? 0.1199 0.1199 0.1199 0.0000  0.0000  0.0000  1006 HOH A O   
593 O  O   . HOH E .  ? 0.1246 0.1246 0.1246 0.0000  0.0000  0.0000  1007 HOH A O   
594 O  O   . HOH E .  ? 0.1085 0.1085 0.1085 0.0000  0.0000  0.0000  1008 HOH A O   
595 O  O   . HOH E .  ? 0.1191 0.1191 0.1191 0.0000  0.0000  0.0000  1009 HOH A O   
596 O  O   . HOH E .  ? 0.1135 0.1135 0.1135 0.0000  0.0000  0.0000  1010 HOH A O   
597 O  O   . HOH E .  ? 0.1417 0.1417 0.1417 0.0000  0.0000  0.0000  1011 HOH A O   
598 O  O   . HOH E .  ? 0.1031 0.1031 0.1031 0.0000  0.0000  0.0000  1012 HOH A O   
599 O  O   . HOH E .  ? 0.1630 0.1630 0.1630 0.0000  0.0000  0.0000  1013 HOH A O   
600 O  O   . HOH E .  ? 0.1589 0.1589 0.1589 0.0000  0.0000  0.0000  1014 HOH A O   
601 O  O   . HOH E .  ? 0.1686 0.1686 0.1686 0.0000  0.0000  0.0000  1015 HOH A O   
602 O  O   . HOH E .  ? 0.1617 0.1617 0.1617 0.0000  0.0000  0.0000  1016 HOH A O   
603 O  O   . HOH E .  ? 0.1873 0.1873 0.1873 0.0000  0.0000  0.0000  1017 HOH A O   
604 O  O   . HOH E .  ? 0.2173 0.2173 0.2173 0.0000  0.0000  0.0000  1018 HOH A O   
605 O  O   . HOH E .  ? 0.1887 0.1887 0.1887 0.0000  0.0000  0.0000  1019 HOH A O   
606 O  O   . HOH E .  ? 0.1892 0.1892 0.1892 0.0000  0.0000  0.0000  1020 HOH A O   
607 O  O   . HOH E .  ? 0.1839 0.1839 0.1839 0.0000  0.0000  0.0000  1021 HOH A O   
608 O  O   . HOH E .  ? 0.2016 0.2016 0.2016 0.0000  0.0000  0.0000  1022 HOH A O   
609 O  O   . HOH E .  ? 0.1907 0.1907 0.1907 0.0000  0.0000  0.0000  1023 HOH A O   
610 O  O   . HOH E .  ? 0.1981 0.1981 0.1981 0.0000  0.0000  0.0000  1024 HOH A O   
611 O  O   . HOH E .  ? 0.1582 0.1582 0.1582 0.0000  0.0000  0.0000  1025 HOH A O   
612 O  O   . HOH E .  ? 0.1844 0.1844 0.1844 0.0000  0.0000  0.0000  1026 HOH A O   
613 O  O   . HOH E .  ? 0.2870 0.2870 0.2870 0.0000  0.0000  0.0000  1027 HOH A O   
614 O  O   . HOH E .  ? 0.2057 0.2057 0.2057 0.0000  0.0000  0.0000  1028 HOH A O   
615 O  O   . HOH E .  ? 0.2061 0.2061 0.2061 0.0000  0.0000  0.0000  1029 HOH A O   
616 O  O   . HOH E .  ? 0.2452 0.2452 0.2452 0.0000  0.0000  0.0000  1030 HOH A O   
617 O  O   . HOH E .  ? 0.1735 0.1735 0.1735 0.0000  0.0000  0.0000  1031 HOH A O   
618 O  O   . HOH E .  ? 0.2975 0.2975 0.2975 0.0000  0.0000  0.0000  1032 HOH A O   
619 O  O   . HOH E .  ? 0.2391 0.2391 0.2391 0.0000  0.0000  0.0000  1033 HOH A O   
620 O  O   . HOH E .  ? 0.2138 0.2138 0.2138 0.0000  0.0000  0.0000  1034 HOH A O   
621 O  O   . HOH E .  ? 0.1717 0.1717 0.1717 0.0000  0.0000  0.0000  1035 HOH A O   
622 O  O   . HOH E .  ? 0.2062 0.2062 0.2062 0.0000  0.0000  0.0000  1036 HOH A O   
623 O  O   . HOH E .  ? 0.2413 0.2413 0.2413 0.0000  0.0000  0.0000  1037 HOH A O   
624 O  O   . HOH E .  ? 0.2182 0.2182 0.2182 0.0000  0.0000  0.0000  1038 HOH A O   
625 O  O   . HOH E .  ? 0.2422 0.2422 0.2422 0.0000  0.0000  0.0000  1039 HOH A O   
626 O  O   . HOH E .  ? 0.3067 0.3067 0.3067 0.0000  0.0000  0.0000  1040 HOH A O   
627 O  O   . HOH E .  ? 0.2604 0.2604 0.2604 0.0000  0.0000  0.0000  1041 HOH A O   
628 O  O   . HOH E .  ? 0.2576 0.2576 0.2576 0.0000  0.0000  0.0000  1042 HOH A O   
629 O  O   . HOH E .  ? 0.2650 0.2650 0.2650 0.0000  0.0000  0.0000  1043 HOH A O   
630 O  O   . HOH E .  ? 0.2061 0.2061 0.2061 0.0000  0.0000  0.0000  1044 HOH A O   
631 O  O   . HOH E .  ? 0.3358 0.3358 0.3358 0.0000  0.0000  0.0000  1045 HOH A O   
632 O  O   . HOH E .  ? 0.2580 0.2580 0.2580 0.0000  0.0000  0.0000  1046 HOH A O   
633 O  O   . HOH E .  ? 0.4286 0.4286 0.4286 0.0000  0.0000  0.0000  1047 HOH A O   
634 O  O   . HOH E .  ? 0.1943 0.1943 0.1943 0.0000  0.0000  0.0000  1048 HOH A O   
635 O  O   . HOH E .  ? 0.2532 0.2532 0.2532 0.0000  0.0000  0.0000  1049 HOH A O   
636 O  O   . HOH E .  ? 0.3086 0.3086 0.3086 0.0000  0.0000  0.0000  1050 HOH A O   
637 O  O   . HOH E .  ? 0.4938 0.4938 0.4938 0.0000  0.0000  0.0000  1051 HOH A O   
638 O  O   . HOH E .  ? 0.4359 0.4359 0.4359 0.0000  0.0000  0.0000  1052 HOH A O   
639 O  O   . HOH E .  ? 0.2164 0.2164 0.2164 0.0000  0.0000  0.0000  1053 HOH A O   
640 O  O   . HOH E .  ? 0.3453 0.3453 0.3453 0.0000  0.0000  0.0000  1054 HOH A O   
641 O  O   . HOH E .  ? 0.3655 0.3655 0.3655 0.0000  0.0000  0.0000  1055 HOH A O   
642 O  O   . HOH E .  ? 0.4090 0.4090 0.4090 0.0000  0.0000  0.0000  1056 HOH A O   
643 O  O   . HOH E .  ? 0.3212 0.3212 0.3212 0.0000  0.0000  0.0000  1057 HOH A O   
644 O  O   . HOH E .  ? 0.4088 0.4088 0.4088 0.0000  0.0000  0.0000  1058 HOH A O   
645 O  O   . HOH E .  ? 0.3981 0.3981 0.3981 0.0000  0.0000  0.0000  1059 HOH A O   
646 O  O   . HOH E .  ? 0.4780 0.4780 0.4780 0.0000  0.0000  0.0000  1060 HOH A O   
647 O  O   . HOH E .  ? 0.2409 0.2409 0.2409 0.0000  0.0000  0.0000  1061 HOH A O   
648 O  O   . HOH E .  ? 0.3390 0.3390 0.3390 0.0000  0.0000  0.0000  1062 HOH A O   
649 O  O   . HOH E .  ? 0.3959 0.3959 0.3959 0.0000  0.0000  0.0000  1063 HOH A O   
650 O  O   . HOH E .  ? 0.2449 0.2449 0.2449 0.0000  0.0000  0.0000  1064 HOH A O   
651 O  O   . HOH E .  ? 0.3494 0.3494 0.3494 0.0000  0.0000  0.0000  1065 HOH A O   
652 O  O   . HOH E .  ? 0.2644 0.2644 0.2644 0.0000  0.0000  0.0000  1066 HOH A O   
653 O  O   . HOH E .  ? 0.3423 0.3423 0.3423 0.0000  0.0000  0.0000  1067 HOH A O   
654 O  O   . HOH E .  ? 0.4368 0.4368 0.4368 0.0000  0.0000  0.0000  1068 HOH A O   
655 O  O   . HOH E .  ? 0.2557 0.2557 0.2557 0.0000  0.0000  0.0000  1069 HOH A O   
656 O  O   . HOH E .  ? 0.3907 0.3907 0.3907 0.0000  0.0000  0.0000  1070 HOH A O   
657 O  O   . HOH E .  ? 0.3584 0.3584 0.3584 0.0000  0.0000  0.0000  1071 HOH A O   
658 O  O   . HOH E .  ? 0.2831 0.2831 0.2831 0.0000  0.0000  0.0000  1072 HOH A O   
659 O  O   . HOH E .  ? 0.3008 0.3008 0.3008 0.0000  0.0000  0.0000  1073 HOH A O   
660 O  O   . HOH E .  ? 0.4458 0.4458 0.4458 0.0000  0.0000  0.0000  1074 HOH A O   
661 O  O   . HOH E .  ? 0.3273 0.3273 0.3273 0.0000  0.0000  0.0000  1075 HOH A O   
662 O  O   . HOH E .  ? 0.3764 0.3764 0.3764 0.0000  0.0000  0.0000  1076 HOH A O   
663 O  O   . HOH E .  ? 0.5048 0.5048 0.5048 0.0000  0.0000  0.0000  1077 HOH A O   
664 O  O   . HOH E .  ? 0.6220 0.6220 0.6220 0.0000  0.0000  0.0000  1078 HOH A O   
665 O  O   . HOH E .  ? 0.3741 0.3741 0.3741 0.0000  0.0000  0.0000  1079 HOH A O   
666 O  O   . HOH E .  ? 0.5442 0.5442 0.5442 0.0000  0.0000  0.0000  1080 HOH A O   
667 O  O   . HOH E .  ? 0.3916 0.3916 0.3916 0.0000  0.0000  0.0000  1081 HOH A O   
668 O  O   . HOH E .  ? 0.4437 0.4437 0.4437 0.0000  0.0000  0.0000  1082 HOH A O   
669 O  O   . HOH E .  ? 0.4382 0.4382 0.4382 0.0000  0.0000  0.0000  1083 HOH A O   
670 O  O   . HOH E .  ? 0.3758 0.3758 0.3758 0.0000  0.0000  0.0000  1084 HOH A O   
671 O  O   . HOH E .  ? 0.4825 0.4825 0.4825 0.0000  0.0000  0.0000  1085 HOH A O   
672 O  O   . HOH E .  ? 0.4007 0.4007 0.4007 0.0000  0.0000  0.0000  1086 HOH A O   
673 O  O   . HOH E .  ? 0.5661 0.5661 0.5661 0.0000  0.0000  0.0000  1087 HOH A O   
674 O  O   . HOH E .  ? 0.3903 0.3903 0.3903 0.0000  0.0000  0.0000  1088 HOH A O   
675 O  O   . HOH E .  ? 0.3602 0.3602 0.3602 0.0000  0.0000  0.0000  1089 HOH A O   
676 O  O   . HOH E .  ? 0.4413 0.4413 0.4413 0.0000  0.0000  0.0000  1090 HOH A O   
677 O  O   . HOH E .  ? 0.4966 0.4966 0.4966 0.0000  0.0000  0.0000  1091 HOH A O   
678 O  O   . HOH E .  ? 0.4416 0.4416 0.4416 0.0000  0.0000  0.0000  1092 HOH A O   
679 O  O   . HOH E .  ? 0.8144 0.8144 0.8144 0.0000  0.0000  0.0000  1093 HOH A O   
680 O  O   . HOH E .  ? 0.2618 0.2618 0.2618 0.0000  0.0000  0.0000  1094 HOH A O   
681 O  O   . HOH E .  ? 0.3727 0.3727 0.3727 0.0000  0.0000  0.0000  1095 HOH A O   
682 O  O   . HOH E .  ? 0.6067 0.6067 0.6067 0.0000  0.0000  0.0000  1096 HOH A O   
683 O  O   . HOH E .  ? 0.3366 0.3366 0.3366 0.0000  0.0000  0.0000  1097 HOH A O   
684 O  O   . HOH E .  ? 0.4034 0.4034 0.4034 0.0000  0.0000  0.0000  1098 HOH A O   
685 O  O   . HOH E .  ? 0.5870 0.5870 0.5870 0.0000  0.0000  0.0000  1099 HOH A O   
686 O  O   . HOH E .  ? 0.6310 0.6310 0.6310 0.0000  0.0000  0.0000  1100 HOH A O   
687 O  O   . HOH E .  ? 0.5077 0.5077 0.5077 0.0000  0.0000  0.0000  1101 HOH A O   
688 O  O   . HOH E .  ? 0.4773 0.4773 0.4773 0.0000  0.0000  0.0000  1102 HOH A O   
689 O  O   . HOH E .  ? 0.4250 0.4250 0.4250 0.0000  0.0000  0.0000  1103 HOH A O   
690 O  O   . HOH E .  ? 0.3621 0.3621 0.3621 0.0000  0.0000  0.0000  1104 HOH A O   
691 O  O   . HOH E .  ? 0.6462 0.6462 0.6462 0.0000  0.0000  0.0000  1105 HOH A O   
692 O  O   . HOH E .  ? 0.4112 0.4112 0.4112 0.0000  0.0000  0.0000  1106 HOH A O   
693 O  O   . HOH E .  ? 0.4534 0.4534 0.4534 0.0000  0.0000  0.0000  1107 HOH A O   
694 O  O   . HOH E .  ? 0.4914 0.4914 0.4914 0.0000  0.0000  0.0000  1108 HOH A O   
695 O  O   . HOH E .  ? 0.4506 0.4506 0.4506 0.0000  0.0000  0.0000  1109 HOH A O   
696 O  O   . HOH E .  ? 0.3920 0.3920 0.3920 0.0000  0.0000  0.0000  1110 HOH A O   
697 O  O   . HOH E .  ? 0.6789 0.6789 0.6789 0.0000  0.0000  0.0000  1111 HOH A O   
698 O  O   . HOH E .  ? 0.5089 0.5089 0.5089 0.0000  0.0000  0.0000  1112 HOH A O   
699 O  O   . HOH E .  ? 0.3097 0.3097 0.3097 0.0000  0.0000  0.0000  1113 HOH A O   
700 O  O   . HOH E .  ? 0.4388 0.4388 0.4388 0.0000  0.0000  0.0000  1114 HOH A O   
701 O  O   . HOH E .  ? 0.6293 0.6293 0.6293 0.0000  0.0000  0.0000  1115 HOH A O   
702 O  O   . HOH E .  ? 0.4381 0.4381 0.4381 0.0000  0.0000  0.0000  1116 HOH A O   
703 O  O   . HOH E .  ? 0.5765 0.5765 0.5765 0.0000  0.0000  0.0000  1117 HOH A O   
# 
